data_7CX5
# 
_entry.id   7CX5 
# 
_audit_conform.dict_name       mmcif_pdbx.dic 
_audit_conform.dict_version    5.387 
_audit_conform.dict_location   http://mmcif.pdb.org/dictionaries/ascii/mmcif_pdbx.dic 
# 
loop_
_database_2.database_id 
_database_2.database_code 
_database_2.pdbx_database_accession 
_database_2.pdbx_DOI 
PDB   7CX5         pdb_00007cx5 10.2210/pdb7cx5/pdb 
WWPDB D_1300018386 ?            ?                   
# 
loop_
_pdbx_audit_revision_history.ordinal 
_pdbx_audit_revision_history.data_content_type 
_pdbx_audit_revision_history.major_revision 
_pdbx_audit_revision_history.minor_revision 
_pdbx_audit_revision_history.revision_date 
1 'Structure model' 1 0 2021-04-21 
2 'Structure model' 1 1 2024-03-27 
# 
_pdbx_audit_revision_details.ordinal             1 
_pdbx_audit_revision_details.revision_ordinal    1 
_pdbx_audit_revision_details.data_content_type   'Structure model' 
_pdbx_audit_revision_details.provider            repository 
_pdbx_audit_revision_details.type                'Initial release' 
_pdbx_audit_revision_details.description         ? 
_pdbx_audit_revision_details.details             ? 
# 
loop_
_pdbx_audit_revision_group.ordinal 
_pdbx_audit_revision_group.revision_ordinal 
_pdbx_audit_revision_group.data_content_type 
_pdbx_audit_revision_group.group 
1 2 'Structure model' 'Data collection'     
2 2 'Structure model' 'Database references' 
# 
loop_
_pdbx_audit_revision_category.ordinal 
_pdbx_audit_revision_category.revision_ordinal 
_pdbx_audit_revision_category.data_content_type 
_pdbx_audit_revision_category.category 
1 2 'Structure model' chem_comp_atom 
2 2 'Structure model' chem_comp_bond 
3 2 'Structure model' database_2     
# 
loop_
_pdbx_audit_revision_item.ordinal 
_pdbx_audit_revision_item.revision_ordinal 
_pdbx_audit_revision_item.data_content_type 
_pdbx_audit_revision_item.item 
1 2 'Structure model' '_database_2.pdbx_DOI'                
2 2 'Structure model' '_database_2.pdbx_database_accession' 
# 
_pdbx_database_status.status_code                     REL 
_pdbx_database_status.status_code_sf                  REL 
_pdbx_database_status.status_code_mr                  ? 
_pdbx_database_status.entry_id                        7CX5 
_pdbx_database_status.recvd_initial_deposition_date   2020-09-01 
_pdbx_database_status.SG_entry                        N 
_pdbx_database_status.deposit_site                    PDBJ 
_pdbx_database_status.process_site                    PDBJ 
_pdbx_database_status.status_code_cs                  ? 
_pdbx_database_status.status_code_nmr_data            ? 
_pdbx_database_status.methods_development_category    ? 
_pdbx_database_status.pdb_format_compatible           Y 
# 
loop_
_audit_author.name 
_audit_author.pdbx_ordinal 
_audit_author.identifier_ORCID 
'Dahal, P.' 1 ? 
'Kim, D.Y.' 2 ? 
'Kwon, E.'  3 ? 
# 
_citation.abstract                  ? 
_citation.abstract_id_CAS           ? 
_citation.book_id_ISBN              ? 
_citation.book_publisher            ? 
_citation.book_publisher_city       ? 
_citation.book_title                ? 
_citation.coordinate_linkage        ? 
_citation.country                   US 
_citation.database_id_Medline       ? 
_citation.details                   ? 
_citation.id                        primary 
_citation.journal_abbrev            Biochem.Biophys.Res.Commun. 
_citation.journal_id_ASTM           BBRCA9 
_citation.journal_id_CSD            0146 
_citation.journal_id_ISSN           1090-2104 
_citation.journal_full              ? 
_citation.journal_issue             ? 
_citation.journal_volume            555 
_citation.language                  ? 
_citation.page_first                26 
_citation.page_last                 31 
_citation.title                     'Crystal structure of the DNA-binding domain of Bacillus subtilis CssR.' 
_citation.year                      2021 
_citation.database_id_CSD           ? 
_citation.pdbx_database_id_DOI      10.1016/j.bbrc.2021.03.101 
_citation.pdbx_database_id_PubMed   33812055 
_citation.unpublished_flag          ? 
# 
loop_
_citation_author.citation_id 
_citation_author.name 
_citation_author.ordinal 
_citation_author.identifier_ORCID 
primary 'Dahal, P.' 1 ? 
primary 'Kim, D.Y.' 2 ? 
primary 'Kwon, E.'  3 ? 
# 
loop_
_entity.id 
_entity.type 
_entity.src_method 
_entity.pdbx_description 
_entity.formula_weight 
_entity.pdbx_number_of_molecules 
_entity.pdbx_ec 
_entity.pdbx_mutation 
_entity.pdbx_fragment 
_entity.details 
1 polymer man 'Transcriptional regulatory protein CssR' 11155.683 1   ? ? ? ? 
2 water   nat water                                     18.015    137 ? ? ? ? 
# 
_entity_poly.entity_id                      1 
_entity_poly.type                           'polypeptide(L)' 
_entity_poly.nstd_linkage                   no 
_entity_poly.nstd_monomer                   no 
_entity_poly.pdbx_seq_one_letter_code       
;GSAVSSYRVAEDAREVYDENGNIINLTSKEFDLLLLFIHHKGHPYSREDILLKVWGHDYFGTDRVVDDLVRRLRRKMPEL
KVETIYGFGYRMMSS
;
_entity_poly.pdbx_seq_one_letter_code_can   
;GSAVSSYRVAEDAREVYDENGNIINLTSKEFDLLLLFIHHKGHPYSREDILLKVWGHDYFGTDRVVDDLVRRLRRKMPEL
KVETIYGFGYRMMSS
;
_entity_poly.pdbx_strand_id                 A 
_entity_poly.pdbx_target_identifier         ? 
# 
_pdbx_entity_nonpoly.entity_id   2 
_pdbx_entity_nonpoly.name        water 
_pdbx_entity_nonpoly.comp_id     HOH 
# 
loop_
_entity_poly_seq.entity_id 
_entity_poly_seq.num 
_entity_poly_seq.mon_id 
_entity_poly_seq.hetero 
1 1  GLY n 
1 2  SER n 
1 3  ALA n 
1 4  VAL n 
1 5  SER n 
1 6  SER n 
1 7  TYR n 
1 8  ARG n 
1 9  VAL n 
1 10 ALA n 
1 11 GLU n 
1 12 ASP n 
1 13 ALA n 
1 14 ARG n 
1 15 GLU n 
1 16 VAL n 
1 17 TYR n 
1 18 ASP n 
1 19 GLU n 
1 20 ASN n 
1 21 GLY n 
1 22 ASN n 
1 23 ILE n 
1 24 ILE n 
1 25 ASN n 
1 26 LEU n 
1 27 THR n 
1 28 SER n 
1 29 LYS n 
1 30 GLU n 
1 31 PHE n 
1 32 ASP n 
1 33 LEU n 
1 34 LEU n 
1 35 LEU n 
1 36 LEU n 
1 37 PHE n 
1 38 ILE n 
1 39 HIS n 
1 40 HIS n 
1 41 LYS n 
1 42 GLY n 
1 43 HIS n 
1 44 PRO n 
1 45 TYR n 
1 46 SER n 
1 47 ARG n 
1 48 GLU n 
1 49 ASP n 
1 50 ILE n 
1 51 LEU n 
1 52 LEU n 
1 53 LYS n 
1 54 VAL n 
1 55 TRP n 
1 56 GLY n 
1 57 HIS n 
1 58 ASP n 
1 59 TYR n 
1 60 PHE n 
1 61 GLY n 
1 62 THR n 
1 63 ASP n 
1 64 ARG n 
1 65 VAL n 
1 66 VAL n 
1 67 ASP n 
1 68 ASP n 
1 69 LEU n 
1 70 VAL n 
1 71 ARG n 
1 72 ARG n 
1 73 LEU n 
1 74 ARG n 
1 75 ARG n 
1 76 LYS n 
1 77 MET n 
1 78 PRO n 
1 79 GLU n 
1 80 LEU n 
1 81 LYS n 
1 82 VAL n 
1 83 GLU n 
1 84 THR n 
1 85 ILE n 
1 86 TYR n 
1 87 GLY n 
1 88 PHE n 
1 89 GLY n 
1 90 TYR n 
1 91 ARG n 
1 92 MET n 
1 93 MET n 
1 94 SER n 
1 95 SER n 
# 
_entity_src_gen.entity_id                          1 
_entity_src_gen.pdbx_src_id                        1 
_entity_src_gen.pdbx_alt_source_flag               sample 
_entity_src_gen.pdbx_seq_type                      'Biological sequence' 
_entity_src_gen.pdbx_beg_seq_num                   1 
_entity_src_gen.pdbx_end_seq_num                   95 
_entity_src_gen.gene_src_common_name               ? 
_entity_src_gen.gene_src_genus                     ? 
_entity_src_gen.pdbx_gene_src_gene                 'cssR, BSU33010' 
_entity_src_gen.gene_src_species                   ? 
_entity_src_gen.gene_src_strain                    168 
_entity_src_gen.gene_src_tissue                    ? 
_entity_src_gen.gene_src_tissue_fraction           ? 
_entity_src_gen.gene_src_details                   ? 
_entity_src_gen.pdbx_gene_src_fragment             ? 
_entity_src_gen.pdbx_gene_src_scientific_name      'Bacillus subtilis (strain 168)' 
_entity_src_gen.pdbx_gene_src_ncbi_taxonomy_id     224308 
_entity_src_gen.pdbx_gene_src_variant              ? 
_entity_src_gen.pdbx_gene_src_cell_line            ? 
_entity_src_gen.pdbx_gene_src_atcc                 ? 
_entity_src_gen.pdbx_gene_src_organ                ? 
_entity_src_gen.pdbx_gene_src_organelle            ? 
_entity_src_gen.pdbx_gene_src_cell                 ? 
_entity_src_gen.pdbx_gene_src_cellular_location    ? 
_entity_src_gen.host_org_common_name               ? 
_entity_src_gen.pdbx_host_org_scientific_name      'Escherichia coli BL21(DE3)' 
_entity_src_gen.pdbx_host_org_ncbi_taxonomy_id     469008 
_entity_src_gen.host_org_genus                     ? 
_entity_src_gen.pdbx_host_org_gene                 ? 
_entity_src_gen.pdbx_host_org_organ                ? 
_entity_src_gen.host_org_species                   ? 
_entity_src_gen.pdbx_host_org_tissue               ? 
_entity_src_gen.pdbx_host_org_tissue_fraction      ? 
_entity_src_gen.pdbx_host_org_strain               'BL21(DE3)' 
_entity_src_gen.pdbx_host_org_variant              ? 
_entity_src_gen.pdbx_host_org_cell_line            ? 
_entity_src_gen.pdbx_host_org_atcc                 ? 
_entity_src_gen.pdbx_host_org_culture_collection   ? 
_entity_src_gen.pdbx_host_org_cell                 ? 
_entity_src_gen.pdbx_host_org_organelle            ? 
_entity_src_gen.pdbx_host_org_cellular_location    ? 
_entity_src_gen.pdbx_host_org_vector_type          ? 
_entity_src_gen.pdbx_host_org_vector               ? 
_entity_src_gen.host_org_details                   ? 
_entity_src_gen.expression_system_id               ? 
_entity_src_gen.plasmid_name                       pETDeut-1 
_entity_src_gen.plasmid_details                    ? 
_entity_src_gen.pdbx_description                   ? 
# 
loop_
_chem_comp.id 
_chem_comp.type 
_chem_comp.mon_nstd_flag 
_chem_comp.name 
_chem_comp.pdbx_synonyms 
_chem_comp.formula 
_chem_comp.formula_weight 
ALA 'L-peptide linking' y ALANINE         ? 'C3 H7 N O2'     89.093  
ARG 'L-peptide linking' y ARGININE        ? 'C6 H15 N4 O2 1' 175.209 
ASN 'L-peptide linking' y ASPARAGINE      ? 'C4 H8 N2 O3'    132.118 
ASP 'L-peptide linking' y 'ASPARTIC ACID' ? 'C4 H7 N O4'     133.103 
GLU 'L-peptide linking' y 'GLUTAMIC ACID' ? 'C5 H9 N O4'     147.129 
GLY 'peptide linking'   y GLYCINE         ? 'C2 H5 N O2'     75.067  
HIS 'L-peptide linking' y HISTIDINE       ? 'C6 H10 N3 O2 1' 156.162 
HOH non-polymer         . WATER           ? 'H2 O'           18.015  
ILE 'L-peptide linking' y ISOLEUCINE      ? 'C6 H13 N O2'    131.173 
LEU 'L-peptide linking' y LEUCINE         ? 'C6 H13 N O2'    131.173 
LYS 'L-peptide linking' y LYSINE          ? 'C6 H15 N2 O2 1' 147.195 
MET 'L-peptide linking' y METHIONINE      ? 'C5 H11 N O2 S'  149.211 
PHE 'L-peptide linking' y PHENYLALANINE   ? 'C9 H11 N O2'    165.189 
PRO 'L-peptide linking' y PROLINE         ? 'C5 H9 N O2'     115.130 
SER 'L-peptide linking' y SERINE          ? 'C3 H7 N O3'     105.093 
THR 'L-peptide linking' y THREONINE       ? 'C4 H9 N O3'     119.119 
TRP 'L-peptide linking' y TRYPTOPHAN      ? 'C11 H12 N2 O2'  204.225 
TYR 'L-peptide linking' y TYROSINE        ? 'C9 H11 N O3'    181.189 
VAL 'L-peptide linking' y VALINE          ? 'C5 H11 N O2'    117.146 
# 
loop_
_pdbx_poly_seq_scheme.asym_id 
_pdbx_poly_seq_scheme.entity_id 
_pdbx_poly_seq_scheme.seq_id 
_pdbx_poly_seq_scheme.mon_id 
_pdbx_poly_seq_scheme.ndb_seq_num 
_pdbx_poly_seq_scheme.pdb_seq_num 
_pdbx_poly_seq_scheme.auth_seq_num 
_pdbx_poly_seq_scheme.pdb_mon_id 
_pdbx_poly_seq_scheme.auth_mon_id 
_pdbx_poly_seq_scheme.pdb_strand_id 
_pdbx_poly_seq_scheme.pdb_ins_code 
_pdbx_poly_seq_scheme.hetero 
A 1 1  GLY 1  131 ?   ?   ?   A . n 
A 1 2  SER 2  132 ?   ?   ?   A . n 
A 1 3  ALA 3  133 ?   ?   ?   A . n 
A 1 4  VAL 4  134 ?   ?   ?   A . n 
A 1 5  SER 5  135 ?   ?   ?   A . n 
A 1 6  SER 6  136 136 SER SER A . n 
A 1 7  TYR 7  137 137 TYR TYR A . n 
A 1 8  ARG 8  138 138 ARG ARG A . n 
A 1 9  VAL 9  139 139 VAL VAL A . n 
A 1 10 ALA 10 140 140 ALA ALA A . n 
A 1 11 GLU 11 141 141 GLU GLU A . n 
A 1 12 ASP 12 142 142 ASP ASP A . n 
A 1 13 ALA 13 143 143 ALA ALA A . n 
A 1 14 ARG 14 144 144 ARG ARG A . n 
A 1 15 GLU 15 145 145 GLU GLU A . n 
A 1 16 VAL 16 146 146 VAL VAL A . n 
A 1 17 TYR 17 147 147 TYR TYR A . n 
A 1 18 ASP 18 148 148 ASP ASP A . n 
A 1 19 GLU 19 149 149 GLU GLU A . n 
A 1 20 ASN 20 150 150 ASN ASN A . n 
A 1 21 GLY 21 151 151 GLY GLY A . n 
A 1 22 ASN 22 152 152 ASN ASN A . n 
A 1 23 ILE 23 153 153 ILE ILE A . n 
A 1 24 ILE 24 154 154 ILE ILE A . n 
A 1 25 ASN 25 155 155 ASN ASN A . n 
A 1 26 LEU 26 156 156 LEU LEU A . n 
A 1 27 THR 27 157 157 THR THR A . n 
A 1 28 SER 28 158 158 SER SER A . n 
A 1 29 LYS 29 159 159 LYS LYS A . n 
A 1 30 GLU 30 160 160 GLU GLU A . n 
A 1 31 PHE 31 161 161 PHE PHE A . n 
A 1 32 ASP 32 162 162 ASP ASP A . n 
A 1 33 LEU 33 163 163 LEU LEU A . n 
A 1 34 LEU 34 164 164 LEU LEU A . n 
A 1 35 LEU 35 165 165 LEU LEU A . n 
A 1 36 LEU 36 166 166 LEU LEU A . n 
A 1 37 PHE 37 167 167 PHE PHE A . n 
A 1 38 ILE 38 168 168 ILE ILE A . n 
A 1 39 HIS 39 169 169 HIS HIS A . n 
A 1 40 HIS 40 170 170 HIS HIS A . n 
A 1 41 LYS 41 171 171 LYS LYS A . n 
A 1 42 GLY 42 172 172 GLY GLY A . n 
A 1 43 HIS 43 173 173 HIS HIS A . n 
A 1 44 PRO 44 174 174 PRO PRO A . n 
A 1 45 TYR 45 175 175 TYR TYR A . n 
A 1 46 SER 46 176 176 SER SER A . n 
A 1 47 ARG 47 177 177 ARG ARG A . n 
A 1 48 GLU 48 178 178 GLU GLU A . n 
A 1 49 ASP 49 179 179 ASP ASP A . n 
A 1 50 ILE 50 180 180 ILE ILE A . n 
A 1 51 LEU 51 181 181 LEU LEU A . n 
A 1 52 LEU 52 182 182 LEU LEU A . n 
A 1 53 LYS 53 183 183 LYS LYS A . n 
A 1 54 VAL 54 184 184 VAL VAL A . n 
A 1 55 TRP 55 185 185 TRP TRP A . n 
A 1 56 GLY 56 186 186 GLY GLY A . n 
A 1 57 HIS 57 187 187 HIS HIS A . n 
A 1 58 ASP 58 188 188 ASP ASP A . n 
A 1 59 TYR 59 189 189 TYR TYR A . n 
A 1 60 PHE 60 190 190 PHE PHE A . n 
A 1 61 GLY 61 191 191 GLY GLY A . n 
A 1 62 THR 62 192 192 THR THR A . n 
A 1 63 ASP 63 193 193 ASP ASP A . n 
A 1 64 ARG 64 194 194 ARG ARG A . n 
A 1 65 VAL 65 195 195 VAL VAL A . n 
A 1 66 VAL 66 196 196 VAL VAL A . n 
A 1 67 ASP 67 197 197 ASP ASP A . n 
A 1 68 ASP 68 198 198 ASP ASP A . n 
A 1 69 LEU 69 199 199 LEU LEU A . n 
A 1 70 VAL 70 200 200 VAL VAL A . n 
A 1 71 ARG 71 201 201 ARG ARG A . n 
A 1 72 ARG 72 202 202 ARG ARG A . n 
A 1 73 LEU 73 203 203 LEU LEU A . n 
A 1 74 ARG 74 204 204 ARG ARG A . n 
A 1 75 ARG 75 205 205 ARG ARG A . n 
A 1 76 LYS 76 206 206 LYS LYS A . n 
A 1 77 MET 77 207 207 MET MET A . n 
A 1 78 PRO 78 208 208 PRO PRO A . n 
A 1 79 GLU 79 209 209 GLU GLU A . n 
A 1 80 LEU 80 210 210 LEU LEU A . n 
A 1 81 LYS 81 211 211 LYS LYS A . n 
A 1 82 VAL 82 212 212 VAL VAL A . n 
A 1 83 GLU 83 213 213 GLU GLU A . n 
A 1 84 THR 84 214 214 THR THR A . n 
A 1 85 ILE 85 215 215 ILE ILE A . n 
A 1 86 TYR 86 216 216 TYR TYR A . n 
A 1 87 GLY 87 217 217 GLY GLY A . n 
A 1 88 PHE 88 218 218 PHE PHE A . n 
A 1 89 GLY 89 219 219 GLY GLY A . n 
A 1 90 TYR 90 220 220 TYR TYR A . n 
A 1 91 ARG 91 221 221 ARG ARG A . n 
A 1 92 MET 92 222 222 MET MET A . n 
A 1 93 MET 93 223 223 MET MET A . n 
A 1 94 SER 94 224 ?   ?   ?   A . n 
A 1 95 SER 95 225 ?   ?   ?   A . n 
# 
loop_
_pdbx_nonpoly_scheme.asym_id 
_pdbx_nonpoly_scheme.entity_id 
_pdbx_nonpoly_scheme.mon_id 
_pdbx_nonpoly_scheme.ndb_seq_num 
_pdbx_nonpoly_scheme.pdb_seq_num 
_pdbx_nonpoly_scheme.auth_seq_num 
_pdbx_nonpoly_scheme.pdb_mon_id 
_pdbx_nonpoly_scheme.auth_mon_id 
_pdbx_nonpoly_scheme.pdb_strand_id 
_pdbx_nonpoly_scheme.pdb_ins_code 
B 2 HOH 1   301 103 HOH HOH A . 
B 2 HOH 2   302 99  HOH HOH A . 
B 2 HOH 3   303 104 HOH HOH A . 
B 2 HOH 4   304 51  HOH HOH A . 
B 2 HOH 5   305 105 HOH HOH A . 
B 2 HOH 6   306 21  HOH HOH A . 
B 2 HOH 7   307 75  HOH HOH A . 
B 2 HOH 8   308 98  HOH HOH A . 
B 2 HOH 9   309 63  HOH HOH A . 
B 2 HOH 10  310 53  HOH HOH A . 
B 2 HOH 11  311 47  HOH HOH A . 
B 2 HOH 12  312 52  HOH HOH A . 
B 2 HOH 13  313 41  HOH HOH A . 
B 2 HOH 14  314 55  HOH HOH A . 
B 2 HOH 15  315 30  HOH HOH A . 
B 2 HOH 16  316 100 HOH HOH A . 
B 2 HOH 17  317 43  HOH HOH A . 
B 2 HOH 18  318 22  HOH HOH A . 
B 2 HOH 19  319 27  HOH HOH A . 
B 2 HOH 20  320 36  HOH HOH A . 
B 2 HOH 21  321 71  HOH HOH A . 
B 2 HOH 22  322 20  HOH HOH A . 
B 2 HOH 23  323 69  HOH HOH A . 
B 2 HOH 24  324 15  HOH HOH A . 
B 2 HOH 25  325 135 HOH HOH A . 
B 2 HOH 26  326 58  HOH HOH A . 
B 2 HOH 27  327 81  HOH HOH A . 
B 2 HOH 28  328 26  HOH HOH A . 
B 2 HOH 29  329 67  HOH HOH A . 
B 2 HOH 30  330 134 HOH HOH A . 
B 2 HOH 31  331 16  HOH HOH A . 
B 2 HOH 32  332 86  HOH HOH A . 
B 2 HOH 33  333 19  HOH HOH A . 
B 2 HOH 34  334 137 HOH HOH A . 
B 2 HOH 35  335 48  HOH HOH A . 
B 2 HOH 36  336 29  HOH HOH A . 
B 2 HOH 37  337 23  HOH HOH A . 
B 2 HOH 38  338 119 HOH HOH A . 
B 2 HOH 39  339 112 HOH HOH A . 
B 2 HOH 40  340 12  HOH HOH A . 
B 2 HOH 41  341 50  HOH HOH A . 
B 2 HOH 42  342 31  HOH HOH A . 
B 2 HOH 43  343 1   HOH HOH A . 
B 2 HOH 44  344 79  HOH HOH A . 
B 2 HOH 45  345 80  HOH HOH A . 
B 2 HOH 46  346 39  HOH HOH A . 
B 2 HOH 47  347 66  HOH HOH A . 
B 2 HOH 48  348 133 HOH HOH A . 
B 2 HOH 49  349 44  HOH HOH A . 
B 2 HOH 50  350 46  HOH HOH A . 
B 2 HOH 51  351 6   HOH HOH A . 
B 2 HOH 52  352 37  HOH HOH A . 
B 2 HOH 53  353 45  HOH HOH A . 
B 2 HOH 54  354 117 HOH HOH A . 
B 2 HOH 55  355 17  HOH HOH A . 
B 2 HOH 56  356 56  HOH HOH A . 
B 2 HOH 57  357 89  HOH HOH A . 
B 2 HOH 58  358 25  HOH HOH A . 
B 2 HOH 59  359 92  HOH HOH A . 
B 2 HOH 60  360 68  HOH HOH A . 
B 2 HOH 61  361 109 HOH HOH A . 
B 2 HOH 62  362 18  HOH HOH A . 
B 2 HOH 63  363 8   HOH HOH A . 
B 2 HOH 64  364 42  HOH HOH A . 
B 2 HOH 65  365 60  HOH HOH A . 
B 2 HOH 66  366 4   HOH HOH A . 
B 2 HOH 67  367 7   HOH HOH A . 
B 2 HOH 68  368 14  HOH HOH A . 
B 2 HOH 69  369 129 HOH HOH A . 
B 2 HOH 70  370 34  HOH HOH A . 
B 2 HOH 71  371 13  HOH HOH A . 
B 2 HOH 72  372 126 HOH HOH A . 
B 2 HOH 73  373 73  HOH HOH A . 
B 2 HOH 74  374 11  HOH HOH A . 
B 2 HOH 75  375 122 HOH HOH A . 
B 2 HOH 76  376 40  HOH HOH A . 
B 2 HOH 77  377 106 HOH HOH A . 
B 2 HOH 78  378 35  HOH HOH A . 
B 2 HOH 79  379 10  HOH HOH A . 
B 2 HOH 80  380 54  HOH HOH A . 
B 2 HOH 81  381 121 HOH HOH A . 
B 2 HOH 82  382 94  HOH HOH A . 
B 2 HOH 83  383 24  HOH HOH A . 
B 2 HOH 84  384 72  HOH HOH A . 
B 2 HOH 85  385 127 HOH HOH A . 
B 2 HOH 86  386 9   HOH HOH A . 
B 2 HOH 87  387 77  HOH HOH A . 
B 2 HOH 88  388 113 HOH HOH A . 
B 2 HOH 89  389 3   HOH HOH A . 
B 2 HOH 90  390 116 HOH HOH A . 
B 2 HOH 91  391 64  HOH HOH A . 
B 2 HOH 92  392 32  HOH HOH A . 
B 2 HOH 93  393 2   HOH HOH A . 
B 2 HOH 94  394 65  HOH HOH A . 
B 2 HOH 95  395 82  HOH HOH A . 
B 2 HOH 96  396 5   HOH HOH A . 
B 2 HOH 97  397 97  HOH HOH A . 
B 2 HOH 98  398 33  HOH HOH A . 
B 2 HOH 99  399 62  HOH HOH A . 
B 2 HOH 100 400 85  HOH HOH A . 
B 2 HOH 101 401 102 HOH HOH A . 
B 2 HOH 102 402 49  HOH HOH A . 
B 2 HOH 103 403 90  HOH HOH A . 
B 2 HOH 104 404 123 HOH HOH A . 
B 2 HOH 105 405 115 HOH HOH A . 
B 2 HOH 106 406 61  HOH HOH A . 
B 2 HOH 107 407 59  HOH HOH A . 
B 2 HOH 108 408 78  HOH HOH A . 
B 2 HOH 109 409 76  HOH HOH A . 
B 2 HOH 110 410 93  HOH HOH A . 
B 2 HOH 111 411 96  HOH HOH A . 
B 2 HOH 112 412 128 HOH HOH A . 
B 2 HOH 113 413 91  HOH HOH A . 
B 2 HOH 114 414 118 HOH HOH A . 
B 2 HOH 115 415 87  HOH HOH A . 
B 2 HOH 116 416 107 HOH HOH A . 
B 2 HOH 117 417 84  HOH HOH A . 
B 2 HOH 118 418 110 HOH HOH A . 
B 2 HOH 119 419 132 HOH HOH A . 
B 2 HOH 120 420 83  HOH HOH A . 
B 2 HOH 121 421 125 HOH HOH A . 
B 2 HOH 122 422 70  HOH HOH A . 
B 2 HOH 123 423 101 HOH HOH A . 
B 2 HOH 124 424 108 HOH HOH A . 
B 2 HOH 125 425 57  HOH HOH A . 
B 2 HOH 126 426 74  HOH HOH A . 
B 2 HOH 127 427 28  HOH HOH A . 
B 2 HOH 128 428 130 HOH HOH A . 
B 2 HOH 129 429 124 HOH HOH A . 
B 2 HOH 130 430 111 HOH HOH A . 
B 2 HOH 131 431 120 HOH HOH A . 
B 2 HOH 132 432 114 HOH HOH A . 
B 2 HOH 133 433 136 HOH HOH A . 
B 2 HOH 134 434 38  HOH HOH A . 
B 2 HOH 135 435 88  HOH HOH A . 
B 2 HOH 136 436 95  HOH HOH A . 
B 2 HOH 137 437 131 HOH HOH A . 
# 
loop_
_software.citation_id 
_software.classification 
_software.compiler_name 
_software.compiler_version 
_software.contact_author 
_software.contact_author_email 
_software.date 
_software.description 
_software.dependencies 
_software.hardware 
_software.language 
_software.location 
_software.mods 
_software.name 
_software.os 
_software.os_version 
_software.type 
_software.version 
_software.pdbx_ordinal 
? refinement        ? ? ? ? ? ? ? ? ? ? ? PHENIX      ? ? ? 1.18_3855 1 
? 'data extraction' ? ? ? ? ? ? ? ? ? ? ? PDB_EXTRACT ? ? ? 3.25      2 
? 'data reduction'  ? ? ? ? ? ? ? ? ? ? ? HKL-2000    ? ? ? .         3 
? 'data scaling'    ? ? ? ? ? ? ? ? ? ? ? HKL-2000    ? ? ? .         4 
? phasing           ? ? ? ? ? ? ? ? ? ? ? PHENIX      ? ? ? .         5 
# 
_cell.angle_alpha                  90.000 
_cell.angle_alpha_esd              ? 
_cell.angle_beta                   90.000 
_cell.angle_beta_esd               ? 
_cell.angle_gamma                  90.000 
_cell.angle_gamma_esd              ? 
_cell.entry_id                     7CX5 
_cell.details                      ? 
_cell.formula_units_Z              ? 
_cell.length_a                     29.410 
_cell.length_a_esd                 ? 
_cell.length_b                     52.740 
_cell.length_b_esd                 ? 
_cell.length_c                     58.990 
_cell.length_c_esd                 ? 
_cell.volume                       ? 
_cell.volume_esd                   ? 
_cell.Z_PDB                        4 
_cell.reciprocal_angle_alpha       ? 
_cell.reciprocal_angle_beta        ? 
_cell.reciprocal_angle_gamma       ? 
_cell.reciprocal_angle_alpha_esd   ? 
_cell.reciprocal_angle_beta_esd    ? 
_cell.reciprocal_angle_gamma_esd   ? 
_cell.reciprocal_length_a          ? 
_cell.reciprocal_length_b          ? 
_cell.reciprocal_length_c          ? 
_cell.reciprocal_length_a_esd      ? 
_cell.reciprocal_length_b_esd      ? 
_cell.reciprocal_length_c_esd      ? 
_cell.pdbx_unique_axis             ? 
# 
_symmetry.entry_id                         7CX5 
_symmetry.cell_setting                     ? 
_symmetry.Int_Tables_number                19 
_symmetry.space_group_name_Hall            ? 
_symmetry.space_group_name_H-M             'P 21 21 21' 
_symmetry.pdbx_full_space_group_name_H-M   ? 
# 
_exptl.absorpt_coefficient_mu     ? 
_exptl.absorpt_correction_T_max   ? 
_exptl.absorpt_correction_T_min   ? 
_exptl.absorpt_correction_type    ? 
_exptl.absorpt_process_details    ? 
_exptl.entry_id                   7CX5 
_exptl.crystals_number            1 
_exptl.details                    ? 
_exptl.method                     'X-RAY DIFFRACTION' 
_exptl.method_details             ? 
# 
_exptl_crystal.colour                      ? 
_exptl_crystal.density_diffrn              ? 
_exptl_crystal.density_Matthews            2.05 
_exptl_crystal.density_method              ? 
_exptl_crystal.density_percent_sol         40.01 
_exptl_crystal.description                 ? 
_exptl_crystal.F_000                       ? 
_exptl_crystal.id                          1 
_exptl_crystal.preparation                 ? 
_exptl_crystal.size_max                    ? 
_exptl_crystal.size_mid                    ? 
_exptl_crystal.size_min                    ? 
_exptl_crystal.size_rad                    ? 
_exptl_crystal.colour_lustre               ? 
_exptl_crystal.colour_modifier             ? 
_exptl_crystal.colour_primary              ? 
_exptl_crystal.density_meas                ? 
_exptl_crystal.density_meas_esd            ? 
_exptl_crystal.density_meas_gt             ? 
_exptl_crystal.density_meas_lt             ? 
_exptl_crystal.density_meas_temp           ? 
_exptl_crystal.density_meas_temp_esd       ? 
_exptl_crystal.density_meas_temp_gt        ? 
_exptl_crystal.density_meas_temp_lt        ? 
_exptl_crystal.pdbx_crystal_image_url      ? 
_exptl_crystal.pdbx_crystal_image_format   ? 
_exptl_crystal.pdbx_mosaicity              ? 
_exptl_crystal.pdbx_mosaicity_esd          ? 
# 
_exptl_crystal_grow.apparatus       ? 
_exptl_crystal_grow.atmosphere      ? 
_exptl_crystal_grow.crystal_id      1 
_exptl_crystal_grow.details         ? 
_exptl_crystal_grow.method          MICROBATCH 
_exptl_crystal_grow.method_ref      ? 
_exptl_crystal_grow.pH              8.5 
_exptl_crystal_grow.pressure        ? 
_exptl_crystal_grow.pressure_esd    ? 
_exptl_crystal_grow.seeding         ? 
_exptl_crystal_grow.seeding_ref     ? 
_exptl_crystal_grow.temp            293 
_exptl_crystal_grow.temp_details    ? 
_exptl_crystal_grow.temp_esd        ? 
_exptl_crystal_grow.time            ? 
_exptl_crystal_grow.pdbx_details    '2 M Lithium sulfate, 2% (v/v) PEG400, and 0.1 M Tris/HCl pH 8.5' 
_exptl_crystal_grow.pdbx_pH_range   ? 
# 
_diffrn.ambient_environment              ? 
_diffrn.ambient_temp                     100 
_diffrn.ambient_temp_details             'Liquid nitrogen' 
_diffrn.ambient_temp_esd                 ? 
_diffrn.crystal_id                       1 
_diffrn.crystal_support                  ? 
_diffrn.crystal_treatment                ? 
_diffrn.details                          ? 
_diffrn.id                               1 
_diffrn.ambient_pressure                 ? 
_diffrn.ambient_pressure_esd             ? 
_diffrn.ambient_pressure_gt              ? 
_diffrn.ambient_pressure_lt              ? 
_diffrn.ambient_temp_gt                  ? 
_diffrn.ambient_temp_lt                  ? 
_diffrn.pdbx_serial_crystal_experiment   N 
# 
_diffrn_detector.details                      ? 
_diffrn_detector.detector                     PIXEL 
_diffrn_detector.diffrn_id                    1 
_diffrn_detector.type                         'DECTRIS PILATUS3 6M' 
_diffrn_detector.area_resol_mean              ? 
_diffrn_detector.dtime                        ? 
_diffrn_detector.pdbx_frames_total            ? 
_diffrn_detector.pdbx_collection_time_total   ? 
_diffrn_detector.pdbx_collection_date         2020-06-25 
_diffrn_detector.pdbx_frequency               ? 
# 
_diffrn_radiation.collimation                      ? 
_diffrn_radiation.diffrn_id                        1 
_diffrn_radiation.filter_edge                      ? 
_diffrn_radiation.inhomogeneity                    ? 
_diffrn_radiation.monochromator                    ? 
_diffrn_radiation.polarisn_norm                    ? 
_diffrn_radiation.polarisn_ratio                   ? 
_diffrn_radiation.probe                            ? 
_diffrn_radiation.type                             ? 
_diffrn_radiation.xray_symbol                      ? 
_diffrn_radiation.wavelength_id                    1 
_diffrn_radiation.pdbx_monochromatic_or_laue_m_l   M 
_diffrn_radiation.pdbx_wavelength_list             ? 
_diffrn_radiation.pdbx_wavelength                  ? 
_diffrn_radiation.pdbx_diffrn_protocol             'SINGLE WAVELENGTH' 
_diffrn_radiation.pdbx_analyzer                    ? 
_diffrn_radiation.pdbx_scattering_type             x-ray 
# 
_diffrn_radiation_wavelength.id           1 
_diffrn_radiation_wavelength.wavelength   0.9794 
_diffrn_radiation_wavelength.wt           1.0 
# 
_diffrn_source.current                     ? 
_diffrn_source.details                     ? 
_diffrn_source.diffrn_id                   1 
_diffrn_source.power                       ? 
_diffrn_source.size                        ? 
_diffrn_source.source                      SYNCHROTRON 
_diffrn_source.target                      ? 
_diffrn_source.type                        'PAL/PLS BEAMLINE 11C' 
_diffrn_source.voltage                     ? 
_diffrn_source.take-off_angle              ? 
_diffrn_source.pdbx_wavelength_list        0.9794 
_diffrn_source.pdbx_wavelength             ? 
_diffrn_source.pdbx_synchrotron_beamline   11C 
_diffrn_source.pdbx_synchrotron_site       PAL/PLS 
# 
_reflns.B_iso_Wilson_estimate            ? 
_reflns.entry_id                         7CX5 
_reflns.data_reduction_details           ? 
_reflns.data_reduction_method            ? 
_reflns.d_resolution_high                1.07 
_reflns.d_resolution_low                 39.32 
_reflns.details                          ? 
_reflns.limit_h_max                      ? 
_reflns.limit_h_min                      ? 
_reflns.limit_k_max                      ? 
_reflns.limit_k_min                      ? 
_reflns.limit_l_max                      ? 
_reflns.limit_l_min                      ? 
_reflns.number_all                       ? 
_reflns.number_obs                       41035 
_reflns.observed_criterion               ? 
_reflns.observed_criterion_F_max         ? 
_reflns.observed_criterion_F_min         ? 
_reflns.observed_criterion_I_max         ? 
_reflns.observed_criterion_I_min         ? 
_reflns.observed_criterion_sigma_F       ? 
_reflns.observed_criterion_sigma_I       ? 
_reflns.percent_possible_obs             98.5 
_reflns.R_free_details                   ? 
_reflns.Rmerge_F_all                     ? 
_reflns.Rmerge_F_obs                     ? 
_reflns.Friedel_coverage                 ? 
_reflns.number_gt                        ? 
_reflns.threshold_expression             ? 
_reflns.pdbx_redundancy                  5.75 
_reflns.pdbx_Rmerge_I_obs                0.075 
_reflns.pdbx_Rmerge_I_all                ? 
_reflns.pdbx_Rsym_value                  ? 
_reflns.pdbx_netI_over_av_sigmaI         ? 
_reflns.pdbx_netI_over_sigmaI            12.6 
_reflns.pdbx_res_netI_over_av_sigmaI_2   ? 
_reflns.pdbx_res_netI_over_sigmaI_2      ? 
_reflns.pdbx_chi_squared                 ? 
_reflns.pdbx_scaling_rejects             ? 
_reflns.pdbx_d_res_high_opt              ? 
_reflns.pdbx_d_res_low_opt               ? 
_reflns.pdbx_d_res_opt_method            ? 
_reflns.phase_calculation_details        ? 
_reflns.pdbx_Rrim_I_all                  ? 
_reflns.pdbx_Rpim_I_all                  ? 
_reflns.pdbx_d_opt                       ? 
_reflns.pdbx_number_measured_all         ? 
_reflns.pdbx_diffrn_id                   1 
_reflns.pdbx_ordinal                     1 
_reflns.pdbx_CC_half                     ? 
_reflns.pdbx_CC_star                     ? 
_reflns.pdbx_R_split                     ? 
# 
_reflns_shell.d_res_high                  1.07 
_reflns_shell.d_res_low                   1.08 
_reflns_shell.meanI_over_sigI_all         ? 
_reflns_shell.meanI_over_sigI_obs         ? 
_reflns_shell.number_measured_all         ? 
_reflns_shell.number_measured_obs         ? 
_reflns_shell.number_possible             ? 
_reflns_shell.number_unique_all           ? 
_reflns_shell.number_unique_obs           2021 
_reflns_shell.percent_possible_all        ? 
_reflns_shell.percent_possible_obs        ? 
_reflns_shell.Rmerge_F_all                ? 
_reflns_shell.Rmerge_F_obs                ? 
_reflns_shell.Rmerge_I_all                ? 
_reflns_shell.Rmerge_I_obs                0.655 
_reflns_shell.meanI_over_sigI_gt          ? 
_reflns_shell.meanI_over_uI_all           ? 
_reflns_shell.meanI_over_uI_gt            ? 
_reflns_shell.number_measured_gt          ? 
_reflns_shell.number_unique_gt            ? 
_reflns_shell.percent_possible_gt         ? 
_reflns_shell.Rmerge_F_gt                 ? 
_reflns_shell.Rmerge_I_gt                 ? 
_reflns_shell.pdbx_redundancy             ? 
_reflns_shell.pdbx_Rsym_value             ? 
_reflns_shell.pdbx_chi_squared            ? 
_reflns_shell.pdbx_netI_over_sigmaI_all   ? 
_reflns_shell.pdbx_netI_over_sigmaI_obs   ? 
_reflns_shell.pdbx_Rrim_I_all             ? 
_reflns_shell.pdbx_Rpim_I_all             ? 
_reflns_shell.pdbx_rejects                ? 
_reflns_shell.pdbx_ordinal                1 
_reflns_shell.pdbx_diffrn_id              1 
_reflns_shell.pdbx_CC_half                ? 
_reflns_shell.pdbx_CC_star                ? 
_reflns_shell.pdbx_R_split                ? 
# 
_refine.aniso_B[1][1]                            ? 
_refine.aniso_B[1][2]                            ? 
_refine.aniso_B[1][3]                            ? 
_refine.aniso_B[2][2]                            ? 
_refine.aniso_B[2][3]                            ? 
_refine.aniso_B[3][3]                            ? 
_refine.B_iso_max                                39.280 
_refine.B_iso_mean                               12.3468 
_refine.B_iso_min                                4.970 
_refine.correlation_coeff_Fo_to_Fc               ? 
_refine.correlation_coeff_Fo_to_Fc_free          ? 
_refine.details                                  ? 
_refine.diff_density_max                         ? 
_refine.diff_density_max_esd                     ? 
_refine.diff_density_min                         ? 
_refine.diff_density_min_esd                     ? 
_refine.diff_density_rms                         ? 
_refine.diff_density_rms_esd                     ? 
_refine.entry_id                                 7CX5 
_refine.pdbx_refine_id                           'X-RAY DIFFRACTION' 
_refine.ls_abs_structure_details                 ? 
_refine.ls_abs_structure_Flack                   ? 
_refine.ls_abs_structure_Flack_esd               ? 
_refine.ls_abs_structure_Rogers                  ? 
_refine.ls_abs_structure_Rogers_esd              ? 
_refine.ls_d_res_high                            1.0700 
_refine.ls_d_res_low                             39.3200 
_refine.ls_extinction_coef                       ? 
_refine.ls_extinction_coef_esd                   ? 
_refine.ls_extinction_expression                 ? 
_refine.ls_extinction_method                     ? 
_refine.ls_goodness_of_fit_all                   ? 
_refine.ls_goodness_of_fit_all_esd               ? 
_refine.ls_goodness_of_fit_obs                   ? 
_refine.ls_goodness_of_fit_obs_esd               ? 
_refine.ls_hydrogen_treatment                    ? 
_refine.ls_matrix_type                           ? 
_refine.ls_number_constraints                    ? 
_refine.ls_number_parameters                     ? 
_refine.ls_number_reflns_all                     ? 
_refine.ls_number_reflns_obs                     40973 
_refine.ls_number_reflns_R_free                  2040 
_refine.ls_number_reflns_R_work                  38933 
_refine.ls_number_restraints                     ? 
_refine.ls_percent_reflns_obs                    98.1800 
_refine.ls_percent_reflns_R_free                 4.9800 
_refine.ls_R_factor_all                          ? 
_refine.ls_R_factor_obs                          0.1949 
_refine.ls_R_factor_R_free                       0.2041 
_refine.ls_R_factor_R_free_error                 ? 
_refine.ls_R_factor_R_free_error_details         ? 
_refine.ls_R_factor_R_work                       0.1944 
_refine.ls_R_Fsqd_factor_obs                     ? 
_refine.ls_R_I_factor_obs                        ? 
_refine.ls_redundancy_reflns_all                 ? 
_refine.ls_redundancy_reflns_obs                 ? 
_refine.ls_restrained_S_all                      ? 
_refine.ls_restrained_S_obs                      ? 
_refine.ls_shift_over_esd_max                    ? 
_refine.ls_shift_over_esd_mean                   ? 
_refine.ls_structure_factor_coef                 ? 
_refine.ls_weighting_details                     ? 
_refine.ls_weighting_scheme                      ? 
_refine.ls_wR_factor_all                         ? 
_refine.ls_wR_factor_obs                         ? 
_refine.ls_wR_factor_R_free                      ? 
_refine.ls_wR_factor_R_work                      ? 
_refine.occupancy_max                            ? 
_refine.occupancy_min                            ? 
_refine.solvent_model_details                    'FLAT BULK SOLVENT MODEL' 
_refine.solvent_model_param_bsol                 ? 
_refine.solvent_model_param_ksol                 ? 
_refine.pdbx_R_complete                          ? 
_refine.ls_R_factor_gt                           ? 
_refine.ls_goodness_of_fit_gt                    ? 
_refine.ls_goodness_of_fit_ref                   ? 
_refine.ls_shift_over_su_max                     ? 
_refine.ls_shift_over_su_max_lt                  ? 
_refine.ls_shift_over_su_mean                    ? 
_refine.ls_shift_over_su_mean_lt                 ? 
_refine.pdbx_ls_sigma_I                          ? 
_refine.pdbx_ls_sigma_F                          1.340 
_refine.pdbx_ls_sigma_Fsqd                       ? 
_refine.pdbx_data_cutoff_high_absF               ? 
_refine.pdbx_data_cutoff_high_rms_absF           ? 
_refine.pdbx_data_cutoff_low_absF                ? 
_refine.pdbx_isotropic_thermal_model             ? 
_refine.pdbx_ls_cross_valid_method               THROUGHOUT 
_refine.pdbx_method_to_determine_struct          SAD 
_refine.pdbx_starting_model                      ? 
_refine.pdbx_stereochemistry_target_values       ML 
_refine.pdbx_R_Free_selection_details            ? 
_refine.pdbx_stereochem_target_val_spec_case     ? 
_refine.pdbx_overall_ESU_R                       ? 
_refine.pdbx_overall_ESU_R_Free                  ? 
_refine.pdbx_solvent_vdw_probe_radii             1.1100 
_refine.pdbx_solvent_ion_probe_radii             ? 
_refine.pdbx_solvent_shrinkage_radii             0.9000 
_refine.pdbx_real_space_R                        ? 
_refine.pdbx_density_correlation                 ? 
_refine.pdbx_pd_number_of_powder_patterns        ? 
_refine.pdbx_pd_number_of_points                 ? 
_refine.pdbx_pd_meas_number_of_points            ? 
_refine.pdbx_pd_proc_ls_prof_R_factor            ? 
_refine.pdbx_pd_proc_ls_prof_wR_factor           ? 
_refine.pdbx_pd_Marquardt_correlation_coeff      ? 
_refine.pdbx_pd_Fsqrd_R_factor                   ? 
_refine.pdbx_pd_ls_matrix_band_width             ? 
_refine.pdbx_overall_phase_error                 19.8900 
_refine.pdbx_overall_SU_R_free_Cruickshank_DPI   ? 
_refine.pdbx_overall_SU_R_free_Blow_DPI          ? 
_refine.pdbx_overall_SU_R_Blow_DPI               ? 
_refine.pdbx_TLS_residual_ADP_flag               ? 
_refine.pdbx_diffrn_id                           1 
_refine.overall_SU_B                             ? 
_refine.overall_SU_ML                            0.1200 
_refine.overall_SU_R_Cruickshank_DPI             ? 
_refine.overall_SU_R_free                        ? 
_refine.overall_FOM_free_R_set                   ? 
_refine.overall_FOM_work_R_set                   ? 
_refine.pdbx_average_fsc_overall                 ? 
_refine.pdbx_average_fsc_work                    ? 
_refine.pdbx_average_fsc_free                    ? 
# 
_refine_hist.pdbx_refine_id                   'X-RAY DIFFRACTION' 
_refine_hist.cycle_id                         final 
_refine_hist.details                          ? 
_refine_hist.d_res_high                       1.0700 
_refine_hist.d_res_low                        39.3200 
_refine_hist.number_atoms_solvent             137 
_refine_hist.number_atoms_total               882 
_refine_hist.number_reflns_all                ? 
_refine_hist.number_reflns_obs                ? 
_refine_hist.number_reflns_R_free             ? 
_refine_hist.number_reflns_R_work             ? 
_refine_hist.R_factor_all                     ? 
_refine_hist.R_factor_obs                     ? 
_refine_hist.R_factor_R_free                  ? 
_refine_hist.R_factor_R_work                  ? 
_refine_hist.pdbx_number_residues_total       88 
_refine_hist.pdbx_B_iso_mean_ligand           ? 
_refine_hist.pdbx_B_iso_mean_solvent          20.90 
_refine_hist.pdbx_number_atoms_protein        745 
_refine_hist.pdbx_number_atoms_nucleic_acid   0 
_refine_hist.pdbx_number_atoms_ligand         0 
_refine_hist.pdbx_number_atoms_lipid          ? 
_refine_hist.pdbx_number_atoms_carb           ? 
_refine_hist.pdbx_pseudo_atom_details         ? 
# 
loop_
_refine_ls_shell.pdbx_refine_id 
_refine_ls_shell.d_res_high 
_refine_ls_shell.d_res_low 
_refine_ls_shell.number_reflns_all 
_refine_ls_shell.number_reflns_obs 
_refine_ls_shell.number_reflns_R_free 
_refine_ls_shell.number_reflns_R_work 
_refine_ls_shell.percent_reflns_obs 
_refine_ls_shell.percent_reflns_R_free 
_refine_ls_shell.R_factor_all 
_refine_ls_shell.R_factor_obs 
_refine_ls_shell.R_factor_R_free 
_refine_ls_shell.R_factor_R_free_error 
_refine_ls_shell.R_factor_R_work 
_refine_ls_shell.redundancy_reflns_all 
_refine_ls_shell.redundancy_reflns_obs 
_refine_ls_shell.wR_factor_all 
_refine_ls_shell.wR_factor_obs 
_refine_ls_shell.wR_factor_R_free 
_refine_ls_shell.wR_factor_R_work 
_refine_ls_shell.pdbx_R_complete 
_refine_ls_shell.pdbx_total_number_of_bins_used 
_refine_ls_shell.pdbx_phase_error 
_refine_ls_shell.pdbx_fsc_work 
_refine_ls_shell.pdbx_fsc_free 
'X-RAY DIFFRACTION' 1.0700 1.0900  2680 . 121 2559 98.0000 . . . 0.3510 0.0000 0.3531 . . . . . . . 15 . . . 
'X-RAY DIFFRACTION' 1.0900 1.1200  2703 . 146 2557 98.0000 . . . 0.3792 0.0000 0.2941 . . . . . . . 15 . . . 
'X-RAY DIFFRACTION' 1.1200 1.1500  2652 . 142 2510 98.0000 . . . 0.2590 0.0000 0.2490 . . . . . . . 15 . . . 
'X-RAY DIFFRACTION' 1.1500 1.1800  2747 . 141 2606 99.0000 . . . 0.2175 0.0000 0.2180 . . . . . . . 15 . . . 
'X-RAY DIFFRACTION' 1.1800 1.2200  2712 . 144 2568 99.0000 . . . 0.1964 0.0000 0.2041 . . . . . . . 15 . . . 
'X-RAY DIFFRACTION' 1.2200 1.2600  2701 . 141 2560 99.0000 . . . 0.2031 0.0000 0.1860 . . . . . . . 15 . . . 
'X-RAY DIFFRACTION' 1.2600 1.3100  2713 . 127 2586 98.0000 . . . 0.2002 0.0000 0.1788 . . . . . . . 15 . . . 
'X-RAY DIFFRACTION' 1.3100 1.3700  2720 . 138 2582 99.0000 . . . 0.1979 0.0000 0.1804 . . . . . . . 15 . . . 
'X-RAY DIFFRACTION' 1.3700 1.4500  2709 . 135 2574 98.0000 . . . 0.1969 0.0000 0.1764 . . . . . . . 15 . . . 
'X-RAY DIFFRACTION' 1.4500 1.5400  2729 . 132 2597 98.0000 . . . 0.1959 0.0000 0.1706 . . . . . . . 15 . . . 
'X-RAY DIFFRACTION' 1.5400 1.6600  2719 . 120 2599 98.0000 . . . 0.1759 0.0000 0.1700 . . . . . . . 15 . . . 
'X-RAY DIFFRACTION' 1.6600 1.8200  2755 . 140 2615 99.0000 . . . 0.1950 0.0000 0.1760 . . . . . . . 15 . . . 
'X-RAY DIFFRACTION' 1.8200 2.0900  2768 . 129 2639 98.0000 . . . 0.1902 0.0000 0.1839 . . . . . . . 15 . . . 
'X-RAY DIFFRACTION' 2.0900 2.6300  2782 . 142 2640 98.0000 . . . 0.1911 0.0000 0.1878 . . . . . . . 15 . . . 
'X-RAY DIFFRACTION' 2.6300 39.3200 2883 . 142 2741 97.0000 . . . 0.2003 0.0000 0.1996 . . . . . . . 15 . . . 
# 
_struct.entry_id                     7CX5 
_struct.title                        'Crystal structure of the DNA-binding domain of Bacillus subtilis CssR' 
_struct.pdbx_model_details           ? 
_struct.pdbx_formula_weight          ? 
_struct.pdbx_formula_weight_method   ? 
_struct.pdbx_model_type_details      ? 
_struct.pdbx_CASP_flag               N 
# 
_struct_keywords.entry_id        7CX5 
_struct_keywords.text            
'two-component system, response regulator, DNA binding domain, envelope stress, DNA BINDING PROTEIN' 
_struct_keywords.pdbx_keywords   'DNA BINDING PROTEIN' 
# 
loop_
_struct_asym.id 
_struct_asym.pdbx_blank_PDB_chainid_flag 
_struct_asym.pdbx_modified 
_struct_asym.entity_id 
_struct_asym.details 
A N N 1 ? 
B N N 2 ? 
# 
_struct_ref.id                         1 
_struct_ref.db_name                    UNP 
_struct_ref.db_code                    CSSR_BACSU 
_struct_ref.pdbx_db_accession          O32192 
_struct_ref.pdbx_db_isoform            ? 
_struct_ref.entity_id                  1 
_struct_ref.pdbx_seq_one_letter_code   
;AVSSYRVAEDAREVYDENGNIINLTSKEFDLLLLFIHHKGHPYSREDILLKVWGHDYFGTDRVVDDLVRRLRRKMPELKV
ETIYGFGYRMMSS
;
_struct_ref.pdbx_align_begin           133 
# 
_struct_ref_seq.align_id                      1 
_struct_ref_seq.ref_id                        1 
_struct_ref_seq.pdbx_PDB_id_code              7CX5 
_struct_ref_seq.pdbx_strand_id                A 
_struct_ref_seq.seq_align_beg                 3 
_struct_ref_seq.pdbx_seq_align_beg_ins_code   ? 
_struct_ref_seq.seq_align_end                 95 
_struct_ref_seq.pdbx_seq_align_end_ins_code   ? 
_struct_ref_seq.pdbx_db_accession             O32192 
_struct_ref_seq.db_align_beg                  133 
_struct_ref_seq.pdbx_db_align_beg_ins_code    ? 
_struct_ref_seq.db_align_end                  225 
_struct_ref_seq.pdbx_db_align_end_ins_code    ? 
_struct_ref_seq.pdbx_auth_seq_align_beg       133 
_struct_ref_seq.pdbx_auth_seq_align_end       225 
# 
loop_
_struct_ref_seq_dif.align_id 
_struct_ref_seq_dif.pdbx_pdb_id_code 
_struct_ref_seq_dif.mon_id 
_struct_ref_seq_dif.pdbx_pdb_strand_id 
_struct_ref_seq_dif.seq_num 
_struct_ref_seq_dif.pdbx_pdb_ins_code 
_struct_ref_seq_dif.pdbx_seq_db_name 
_struct_ref_seq_dif.pdbx_seq_db_accession_code 
_struct_ref_seq_dif.db_mon_id 
_struct_ref_seq_dif.pdbx_seq_db_seq_num 
_struct_ref_seq_dif.details 
_struct_ref_seq_dif.pdbx_auth_seq_num 
_struct_ref_seq_dif.pdbx_ordinal 
1 7CX5 GLY A 1 ? UNP O32192 ? ? 'expression tag' 131 1 
1 7CX5 SER A 2 ? UNP O32192 ? ? 'expression tag' 132 2 
# 
_pdbx_struct_assembly.id                   1 
_pdbx_struct_assembly.details              author_defined_assembly 
_pdbx_struct_assembly.method_details       ? 
_pdbx_struct_assembly.oligomeric_details   monomeric 
_pdbx_struct_assembly.oligomeric_count     1 
# 
loop_
_pdbx_struct_assembly_prop.biol_id 
_pdbx_struct_assembly_prop.type 
_pdbx_struct_assembly_prop.value 
_pdbx_struct_assembly_prop.details 
1 'ABSA (A^2)' 0    ? 
1 MORE         0    ? 
1 'SSA (A^2)'  5590 ? 
# 
_pdbx_struct_assembly_gen.assembly_id       1 
_pdbx_struct_assembly_gen.oper_expression   1 
_pdbx_struct_assembly_gen.asym_id_list      A,B 
# 
_pdbx_struct_assembly_auth_evidence.id                     1 
_pdbx_struct_assembly_auth_evidence.assembly_id            1 
_pdbx_struct_assembly_auth_evidence.experimental_support   'gel filtration' 
_pdbx_struct_assembly_auth_evidence.details                ? 
# 
_pdbx_struct_oper_list.id                   1 
_pdbx_struct_oper_list.type                 'identity operation' 
_pdbx_struct_oper_list.name                 1_555 
_pdbx_struct_oper_list.symmetry_operation   x,y,z 
_pdbx_struct_oper_list.matrix[1][1]         1.0000000000 
_pdbx_struct_oper_list.matrix[1][2]         0.0000000000 
_pdbx_struct_oper_list.matrix[1][3]         0.0000000000 
_pdbx_struct_oper_list.vector[1]            0.0000000000 
_pdbx_struct_oper_list.matrix[2][1]         0.0000000000 
_pdbx_struct_oper_list.matrix[2][2]         1.0000000000 
_pdbx_struct_oper_list.matrix[2][3]         0.0000000000 
_pdbx_struct_oper_list.vector[2]            0.0000000000 
_pdbx_struct_oper_list.matrix[3][1]         0.0000000000 
_pdbx_struct_oper_list.matrix[3][2]         0.0000000000 
_pdbx_struct_oper_list.matrix[3][3]         1.0000000000 
_pdbx_struct_oper_list.vector[3]            0.0000000000 
# 
loop_
_struct_conf.conf_type_id 
_struct_conf.id 
_struct_conf.pdbx_PDB_helix_id 
_struct_conf.beg_label_comp_id 
_struct_conf.beg_label_asym_id 
_struct_conf.beg_label_seq_id 
_struct_conf.pdbx_beg_PDB_ins_code 
_struct_conf.end_label_comp_id 
_struct_conf.end_label_asym_id 
_struct_conf.end_label_seq_id 
_struct_conf.pdbx_end_PDB_ins_code 
_struct_conf.beg_auth_comp_id 
_struct_conf.beg_auth_asym_id 
_struct_conf.beg_auth_seq_id 
_struct_conf.end_auth_comp_id 
_struct_conf.end_auth_asym_id 
_struct_conf.end_auth_seq_id 
_struct_conf.pdbx_PDB_helix_class 
_struct_conf.details 
_struct_conf.pdbx_PDB_helix_length 
HELX_P HELX_P1 AA1 THR A 27 ? HIS A 39 ? THR A 157 HIS A 169 1 ? 13 
HELX_P HELX_P2 AA2 ARG A 47 ? TRP A 55 ? ARG A 177 TRP A 185 1 ? 9  
HELX_P HELX_P3 AA3 ASP A 63 ? MET A 77 ? ASP A 193 MET A 207 1 ? 15 
# 
_struct_conf_type.id          HELX_P 
_struct_conf_type.criteria    ? 
_struct_conf_type.reference   ? 
# 
loop_
_struct_sheet.id 
_struct_sheet.type 
_struct_sheet.number_strands 
_struct_sheet.details 
AA1 ? 3 ? 
AA2 ? 3 ? 
# 
loop_
_struct_sheet_order.sheet_id 
_struct_sheet_order.range_id_1 
_struct_sheet_order.range_id_2 
_struct_sheet_order.offset 
_struct_sheet_order.sense 
AA1 1 2 ? anti-parallel 
AA1 2 3 ? anti-parallel 
AA2 1 2 ? anti-parallel 
AA2 2 3 ? anti-parallel 
# 
loop_
_struct_sheet_range.sheet_id 
_struct_sheet_range.id 
_struct_sheet_range.beg_label_comp_id 
_struct_sheet_range.beg_label_asym_id 
_struct_sheet_range.beg_label_seq_id 
_struct_sheet_range.pdbx_beg_PDB_ins_code 
_struct_sheet_range.end_label_comp_id 
_struct_sheet_range.end_label_asym_id 
_struct_sheet_range.end_label_seq_id 
_struct_sheet_range.pdbx_end_PDB_ins_code 
_struct_sheet_range.beg_auth_comp_id 
_struct_sheet_range.beg_auth_asym_id 
_struct_sheet_range.beg_auth_seq_id 
_struct_sheet_range.end_auth_comp_id 
_struct_sheet_range.end_auth_asym_id 
_struct_sheet_range.end_auth_seq_id 
AA1 1 TYR A 7  ? ALA A 10 ? TYR A 137 ALA A 140 
AA1 2 GLU A 15 ? ASP A 18 ? GLU A 145 ASP A 148 
AA1 3 ILE A 23 ? ILE A 24 ? ILE A 153 ILE A 154 
AA2 1 TYR A 45 ? SER A 46 ? TYR A 175 SER A 176 
AA2 2 GLY A 89 ? MET A 92 ? GLY A 219 MET A 222 
AA2 3 VAL A 82 ? ILE A 85 ? VAL A 212 ILE A 215 
# 
loop_
_pdbx_struct_sheet_hbond.sheet_id 
_pdbx_struct_sheet_hbond.range_id_1 
_pdbx_struct_sheet_hbond.range_id_2 
_pdbx_struct_sheet_hbond.range_1_label_atom_id 
_pdbx_struct_sheet_hbond.range_1_label_comp_id 
_pdbx_struct_sheet_hbond.range_1_label_asym_id 
_pdbx_struct_sheet_hbond.range_1_label_seq_id 
_pdbx_struct_sheet_hbond.range_1_PDB_ins_code 
_pdbx_struct_sheet_hbond.range_1_auth_atom_id 
_pdbx_struct_sheet_hbond.range_1_auth_comp_id 
_pdbx_struct_sheet_hbond.range_1_auth_asym_id 
_pdbx_struct_sheet_hbond.range_1_auth_seq_id 
_pdbx_struct_sheet_hbond.range_2_label_atom_id 
_pdbx_struct_sheet_hbond.range_2_label_comp_id 
_pdbx_struct_sheet_hbond.range_2_label_asym_id 
_pdbx_struct_sheet_hbond.range_2_label_seq_id 
_pdbx_struct_sheet_hbond.range_2_PDB_ins_code 
_pdbx_struct_sheet_hbond.range_2_auth_atom_id 
_pdbx_struct_sheet_hbond.range_2_auth_comp_id 
_pdbx_struct_sheet_hbond.range_2_auth_asym_id 
_pdbx_struct_sheet_hbond.range_2_auth_seq_id 
AA1 1 2 N ARG A 8  ? N ARG A 138 O TYR A 17 ? O TYR A 147 
AA1 2 3 N VAL A 16 ? N VAL A 146 O ILE A 24 ? O ILE A 154 
AA2 1 2 N TYR A 45 ? N TYR A 175 O TYR A 90 ? O TYR A 220 
AA2 2 3 O GLY A 89 ? O GLY A 219 N ILE A 85 ? N ILE A 215 
# 
loop_
_pdbx_validate_close_contact.id 
_pdbx_validate_close_contact.PDB_model_num 
_pdbx_validate_close_contact.auth_atom_id_1 
_pdbx_validate_close_contact.auth_asym_id_1 
_pdbx_validate_close_contact.auth_comp_id_1 
_pdbx_validate_close_contact.auth_seq_id_1 
_pdbx_validate_close_contact.PDB_ins_code_1 
_pdbx_validate_close_contact.label_alt_id_1 
_pdbx_validate_close_contact.auth_atom_id_2 
_pdbx_validate_close_contact.auth_asym_id_2 
_pdbx_validate_close_contact.auth_comp_id_2 
_pdbx_validate_close_contact.auth_seq_id_2 
_pdbx_validate_close_contact.PDB_ins_code_2 
_pdbx_validate_close_contact.label_alt_id_2 
_pdbx_validate_close_contact.dist 
1  1 O   A HOH 334 ? ? O A HOH 369 ? ? 1.89 
2  1 O   A HOH 391 ? ? O A HOH 405 ? ? 1.90 
3  1 OD2 A ASP 162 ? ? O A HOH 301 ? ? 1.93 
4  1 O   A HOH 308 ? ? O A HOH 414 ? ? 1.96 
5  1 O   A HOH 316 ? ? O A HOH 323 ? ? 1.98 
6  1 O   A HOH 301 ? ? O A HOH 395 ? ? 1.98 
7  1 O   A HOH 419 ? ? O A HOH 421 ? ? 2.00 
8  1 O   A HOH 344 ? ? O A HOH 384 ? ? 2.02 
9  1 O   A HOH 377 ? ? O A HOH 380 ? ? 2.03 
10 1 O   A HOH 332 ? ? O A HOH 338 ? ? 2.04 
11 1 O   A HOH 307 ? ? O A HOH 385 ? ? 2.09 
12 1 O   A HOH 409 ? ? O A HOH 423 ? ? 2.12 
13 1 O   A HOH 308 ? ? O A HOH 422 ? ? 2.13 
14 1 NZ  A LYS 171 ? ? O A HOH 302 ? ? 2.14 
15 1 O   A HOH 399 ? ? O A HOH 425 ? ? 2.16 
16 1 O   A HOH 307 ? ? O A HOH 332 ? ? 2.18 
17 1 O   A HOH 407 ? ? O A HOH 436 ? ? 2.18 
18 1 O   A HOH 305 ? ? O A HOH 423 ? ? 2.18 
# 
loop_
_pdbx_validate_symm_contact.id 
_pdbx_validate_symm_contact.PDB_model_num 
_pdbx_validate_symm_contact.auth_atom_id_1 
_pdbx_validate_symm_contact.auth_asym_id_1 
_pdbx_validate_symm_contact.auth_comp_id_1 
_pdbx_validate_symm_contact.auth_seq_id_1 
_pdbx_validate_symm_contact.PDB_ins_code_1 
_pdbx_validate_symm_contact.label_alt_id_1 
_pdbx_validate_symm_contact.site_symmetry_1 
_pdbx_validate_symm_contact.auth_atom_id_2 
_pdbx_validate_symm_contact.auth_asym_id_2 
_pdbx_validate_symm_contact.auth_comp_id_2 
_pdbx_validate_symm_contact.auth_seq_id_2 
_pdbx_validate_symm_contact.PDB_ins_code_2 
_pdbx_validate_symm_contact.label_alt_id_2 
_pdbx_validate_symm_contact.site_symmetry_2 
_pdbx_validate_symm_contact.dist 
1 1 O A HOH 333 ? ? 1_555 O A HOH 382 ? ? 4_455 2.02 
2 1 O A HOH 359 ? ? 1_555 O A HOH 405 ? ? 2_654 2.04 
3 1 O A HOH 319 ? ? 1_555 O A HOH 377 ? ? 3_655 2.13 
# 
loop_
_pdbx_validate_torsion.id 
_pdbx_validate_torsion.PDB_model_num 
_pdbx_validate_torsion.auth_comp_id 
_pdbx_validate_torsion.auth_asym_id 
_pdbx_validate_torsion.auth_seq_id 
_pdbx_validate_torsion.PDB_ins_code 
_pdbx_validate_torsion.label_alt_id 
_pdbx_validate_torsion.phi 
_pdbx_validate_torsion.psi 
1 1 HIS A 170 ? ? -141.21 56.58  
2 1 PHE A 218 ? ? -135.97 -58.06 
# 
_pdbx_refine_tls.id               1 
_pdbx_refine_tls.pdbx_refine_id   'X-RAY DIFFRACTION' 
_pdbx_refine_tls.details          ? 
_pdbx_refine_tls.method           refined 
_pdbx_refine_tls.origin_x         -0.0473 
_pdbx_refine_tls.origin_y         0.1283 
_pdbx_refine_tls.origin_z         -0.0990 
_pdbx_refine_tls.T[1][1]          0.0549 
_pdbx_refine_tls.T[1][1]_esd      ? 
_pdbx_refine_tls.T[1][2]          -0.0002 
_pdbx_refine_tls.T[1][2]_esd      ? 
_pdbx_refine_tls.T[1][3]          -0.0002 
_pdbx_refine_tls.T[1][3]_esd      ? 
_pdbx_refine_tls.T[2][2]          0.0545 
_pdbx_refine_tls.T[2][2]_esd      ? 
_pdbx_refine_tls.T[2][3]          0.0034 
_pdbx_refine_tls.T[2][3]_esd      ? 
_pdbx_refine_tls.T[3][3]          0.0673 
_pdbx_refine_tls.T[3][3]_esd      ? 
_pdbx_refine_tls.L[1][1]          0.2026 
_pdbx_refine_tls.L[1][1]_esd      ? 
_pdbx_refine_tls.L[1][2]          -0.0624 
_pdbx_refine_tls.L[1][2]_esd      ? 
_pdbx_refine_tls.L[1][3]          0.0401 
_pdbx_refine_tls.L[1][3]_esd      ? 
_pdbx_refine_tls.L[2][2]          0.5386 
_pdbx_refine_tls.L[2][2]_esd      ? 
_pdbx_refine_tls.L[2][3]          0.0967 
_pdbx_refine_tls.L[2][3]_esd      ? 
_pdbx_refine_tls.L[3][3]          0.2250 
_pdbx_refine_tls.L[3][3]_esd      ? 
_pdbx_refine_tls.S[1][1]          -0.0015 
_pdbx_refine_tls.S[1][1]_esd      ? 
_pdbx_refine_tls.S[1][2]          -0.0125 
_pdbx_refine_tls.S[1][2]_esd      ? 
_pdbx_refine_tls.S[1][3]          -0.0407 
_pdbx_refine_tls.S[1][3]_esd      ? 
_pdbx_refine_tls.S[2][1]          0.0399 
_pdbx_refine_tls.S[2][1]_esd      ? 
_pdbx_refine_tls.S[2][2]          -0.0191 
_pdbx_refine_tls.S[2][2]_esd      ? 
_pdbx_refine_tls.S[2][3]          0.0226 
_pdbx_refine_tls.S[2][3]_esd      ? 
_pdbx_refine_tls.S[3][1]          0.0061 
_pdbx_refine_tls.S[3][1]_esd      ? 
_pdbx_refine_tls.S[3][2]          0.0205 
_pdbx_refine_tls.S[3][2]_esd      ? 
_pdbx_refine_tls.S[3][3]          -0.0006 
_pdbx_refine_tls.S[3][3]_esd      ? 
# 
loop_
_pdbx_refine_tls_group.id 
_pdbx_refine_tls_group.pdbx_refine_id 
_pdbx_refine_tls_group.refine_tls_id 
_pdbx_refine_tls_group.beg_label_asym_id 
_pdbx_refine_tls_group.beg_label_seq_id 
_pdbx_refine_tls_group.beg_auth_asym_id 
_pdbx_refine_tls_group.beg_auth_seq_id 
_pdbx_refine_tls_group.beg_PDB_ins_code 
_pdbx_refine_tls_group.end_label_asym_id 
_pdbx_refine_tls_group.end_label_seq_id 
_pdbx_refine_tls_group.end_auth_asym_id 
_pdbx_refine_tls_group.end_auth_seq_id 
_pdbx_refine_tls_group.end_PDB_ins_code 
_pdbx_refine_tls_group.selection 
_pdbx_refine_tls_group.selection_details 
1 'X-RAY DIFFRACTION' 1 ? ? A 136 ? ? ? A 223 ? ? all 
2 'X-RAY DIFFRACTION' 1 ? ? S 1   ? ? ? S 137 ? ? all 
# 
loop_
_pdbx_unobs_or_zero_occ_residues.id 
_pdbx_unobs_or_zero_occ_residues.PDB_model_num 
_pdbx_unobs_or_zero_occ_residues.polymer_flag 
_pdbx_unobs_or_zero_occ_residues.occupancy_flag 
_pdbx_unobs_or_zero_occ_residues.auth_asym_id 
_pdbx_unobs_or_zero_occ_residues.auth_comp_id 
_pdbx_unobs_or_zero_occ_residues.auth_seq_id 
_pdbx_unobs_or_zero_occ_residues.PDB_ins_code 
_pdbx_unobs_or_zero_occ_residues.label_asym_id 
_pdbx_unobs_or_zero_occ_residues.label_comp_id 
_pdbx_unobs_or_zero_occ_residues.label_seq_id 
1 1 Y 1 A GLY 131 ? A GLY 1  
2 1 Y 1 A SER 132 ? A SER 2  
3 1 Y 1 A ALA 133 ? A ALA 3  
4 1 Y 1 A VAL 134 ? A VAL 4  
5 1 Y 1 A SER 135 ? A SER 5  
6 1 Y 1 A SER 224 ? A SER 94 
7 1 Y 1 A SER 225 ? A SER 95 
# 
loop_
_chem_comp_atom.comp_id 
_chem_comp_atom.atom_id 
_chem_comp_atom.type_symbol 
_chem_comp_atom.pdbx_aromatic_flag 
_chem_comp_atom.pdbx_stereo_config 
_chem_comp_atom.pdbx_ordinal 
ALA N    N N N 1   
ALA CA   C N S 2   
ALA C    C N N 3   
ALA O    O N N 4   
ALA CB   C N N 5   
ALA OXT  O N N 6   
ALA H    H N N 7   
ALA H2   H N N 8   
ALA HA   H N N 9   
ALA HB1  H N N 10  
ALA HB2  H N N 11  
ALA HB3  H N N 12  
ALA HXT  H N N 13  
ARG N    N N N 14  
ARG CA   C N S 15  
ARG C    C N N 16  
ARG O    O N N 17  
ARG CB   C N N 18  
ARG CG   C N N 19  
ARG CD   C N N 20  
ARG NE   N N N 21  
ARG CZ   C N N 22  
ARG NH1  N N N 23  
ARG NH2  N N N 24  
ARG OXT  O N N 25  
ARG H    H N N 26  
ARG H2   H N N 27  
ARG HA   H N N 28  
ARG HB2  H N N 29  
ARG HB3  H N N 30  
ARG HG2  H N N 31  
ARG HG3  H N N 32  
ARG HD2  H N N 33  
ARG HD3  H N N 34  
ARG HE   H N N 35  
ARG HH11 H N N 36  
ARG HH12 H N N 37  
ARG HH21 H N N 38  
ARG HH22 H N N 39  
ARG HXT  H N N 40  
ASN N    N N N 41  
ASN CA   C N S 42  
ASN C    C N N 43  
ASN O    O N N 44  
ASN CB   C N N 45  
ASN CG   C N N 46  
ASN OD1  O N N 47  
ASN ND2  N N N 48  
ASN OXT  O N N 49  
ASN H    H N N 50  
ASN H2   H N N 51  
ASN HA   H N N 52  
ASN HB2  H N N 53  
ASN HB3  H N N 54  
ASN HD21 H N N 55  
ASN HD22 H N N 56  
ASN HXT  H N N 57  
ASP N    N N N 58  
ASP CA   C N S 59  
ASP C    C N N 60  
ASP O    O N N 61  
ASP CB   C N N 62  
ASP CG   C N N 63  
ASP OD1  O N N 64  
ASP OD2  O N N 65  
ASP OXT  O N N 66  
ASP H    H N N 67  
ASP H2   H N N 68  
ASP HA   H N N 69  
ASP HB2  H N N 70  
ASP HB3  H N N 71  
ASP HD2  H N N 72  
ASP HXT  H N N 73  
GLU N    N N N 74  
GLU CA   C N S 75  
GLU C    C N N 76  
GLU O    O N N 77  
GLU CB   C N N 78  
GLU CG   C N N 79  
GLU CD   C N N 80  
GLU OE1  O N N 81  
GLU OE2  O N N 82  
GLU OXT  O N N 83  
GLU H    H N N 84  
GLU H2   H N N 85  
GLU HA   H N N 86  
GLU HB2  H N N 87  
GLU HB3  H N N 88  
GLU HG2  H N N 89  
GLU HG3  H N N 90  
GLU HE2  H N N 91  
GLU HXT  H N N 92  
GLY N    N N N 93  
GLY CA   C N N 94  
GLY C    C N N 95  
GLY O    O N N 96  
GLY OXT  O N N 97  
GLY H    H N N 98  
GLY H2   H N N 99  
GLY HA2  H N N 100 
GLY HA3  H N N 101 
GLY HXT  H N N 102 
HIS N    N N N 103 
HIS CA   C N S 104 
HIS C    C N N 105 
HIS O    O N N 106 
HIS CB   C N N 107 
HIS CG   C Y N 108 
HIS ND1  N Y N 109 
HIS CD2  C Y N 110 
HIS CE1  C Y N 111 
HIS NE2  N Y N 112 
HIS OXT  O N N 113 
HIS H    H N N 114 
HIS H2   H N N 115 
HIS HA   H N N 116 
HIS HB2  H N N 117 
HIS HB3  H N N 118 
HIS HD1  H N N 119 
HIS HD2  H N N 120 
HIS HE1  H N N 121 
HIS HE2  H N N 122 
HIS HXT  H N N 123 
HOH O    O N N 124 
HOH H1   H N N 125 
HOH H2   H N N 126 
ILE N    N N N 127 
ILE CA   C N S 128 
ILE C    C N N 129 
ILE O    O N N 130 
ILE CB   C N S 131 
ILE CG1  C N N 132 
ILE CG2  C N N 133 
ILE CD1  C N N 134 
ILE OXT  O N N 135 
ILE H    H N N 136 
ILE H2   H N N 137 
ILE HA   H N N 138 
ILE HB   H N N 139 
ILE HG12 H N N 140 
ILE HG13 H N N 141 
ILE HG21 H N N 142 
ILE HG22 H N N 143 
ILE HG23 H N N 144 
ILE HD11 H N N 145 
ILE HD12 H N N 146 
ILE HD13 H N N 147 
ILE HXT  H N N 148 
LEU N    N N N 149 
LEU CA   C N S 150 
LEU C    C N N 151 
LEU O    O N N 152 
LEU CB   C N N 153 
LEU CG   C N N 154 
LEU CD1  C N N 155 
LEU CD2  C N N 156 
LEU OXT  O N N 157 
LEU H    H N N 158 
LEU H2   H N N 159 
LEU HA   H N N 160 
LEU HB2  H N N 161 
LEU HB3  H N N 162 
LEU HG   H N N 163 
LEU HD11 H N N 164 
LEU HD12 H N N 165 
LEU HD13 H N N 166 
LEU HD21 H N N 167 
LEU HD22 H N N 168 
LEU HD23 H N N 169 
LEU HXT  H N N 170 
LYS N    N N N 171 
LYS CA   C N S 172 
LYS C    C N N 173 
LYS O    O N N 174 
LYS CB   C N N 175 
LYS CG   C N N 176 
LYS CD   C N N 177 
LYS CE   C N N 178 
LYS NZ   N N N 179 
LYS OXT  O N N 180 
LYS H    H N N 181 
LYS H2   H N N 182 
LYS HA   H N N 183 
LYS HB2  H N N 184 
LYS HB3  H N N 185 
LYS HG2  H N N 186 
LYS HG3  H N N 187 
LYS HD2  H N N 188 
LYS HD3  H N N 189 
LYS HE2  H N N 190 
LYS HE3  H N N 191 
LYS HZ1  H N N 192 
LYS HZ2  H N N 193 
LYS HZ3  H N N 194 
LYS HXT  H N N 195 
MET N    N N N 196 
MET CA   C N S 197 
MET C    C N N 198 
MET O    O N N 199 
MET CB   C N N 200 
MET CG   C N N 201 
MET SD   S N N 202 
MET CE   C N N 203 
MET OXT  O N N 204 
MET H    H N N 205 
MET H2   H N N 206 
MET HA   H N N 207 
MET HB2  H N N 208 
MET HB3  H N N 209 
MET HG2  H N N 210 
MET HG3  H N N 211 
MET HE1  H N N 212 
MET HE2  H N N 213 
MET HE3  H N N 214 
MET HXT  H N N 215 
PHE N    N N N 216 
PHE CA   C N S 217 
PHE C    C N N 218 
PHE O    O N N 219 
PHE CB   C N N 220 
PHE CG   C Y N 221 
PHE CD1  C Y N 222 
PHE CD2  C Y N 223 
PHE CE1  C Y N 224 
PHE CE2  C Y N 225 
PHE CZ   C Y N 226 
PHE OXT  O N N 227 
PHE H    H N N 228 
PHE H2   H N N 229 
PHE HA   H N N 230 
PHE HB2  H N N 231 
PHE HB3  H N N 232 
PHE HD1  H N N 233 
PHE HD2  H N N 234 
PHE HE1  H N N 235 
PHE HE2  H N N 236 
PHE HZ   H N N 237 
PHE HXT  H N N 238 
PRO N    N N N 239 
PRO CA   C N S 240 
PRO C    C N N 241 
PRO O    O N N 242 
PRO CB   C N N 243 
PRO CG   C N N 244 
PRO CD   C N N 245 
PRO OXT  O N N 246 
PRO H    H N N 247 
PRO HA   H N N 248 
PRO HB2  H N N 249 
PRO HB3  H N N 250 
PRO HG2  H N N 251 
PRO HG3  H N N 252 
PRO HD2  H N N 253 
PRO HD3  H N N 254 
PRO HXT  H N N 255 
SER N    N N N 256 
SER CA   C N S 257 
SER C    C N N 258 
SER O    O N N 259 
SER CB   C N N 260 
SER OG   O N N 261 
SER OXT  O N N 262 
SER H    H N N 263 
SER H2   H N N 264 
SER HA   H N N 265 
SER HB2  H N N 266 
SER HB3  H N N 267 
SER HG   H N N 268 
SER HXT  H N N 269 
THR N    N N N 270 
THR CA   C N S 271 
THR C    C N N 272 
THR O    O N N 273 
THR CB   C N R 274 
THR OG1  O N N 275 
THR CG2  C N N 276 
THR OXT  O N N 277 
THR H    H N N 278 
THR H2   H N N 279 
THR HA   H N N 280 
THR HB   H N N 281 
THR HG1  H N N 282 
THR HG21 H N N 283 
THR HG22 H N N 284 
THR HG23 H N N 285 
THR HXT  H N N 286 
TRP N    N N N 287 
TRP CA   C N S 288 
TRP C    C N N 289 
TRP O    O N N 290 
TRP CB   C N N 291 
TRP CG   C Y N 292 
TRP CD1  C Y N 293 
TRP CD2  C Y N 294 
TRP NE1  N Y N 295 
TRP CE2  C Y N 296 
TRP CE3  C Y N 297 
TRP CZ2  C Y N 298 
TRP CZ3  C Y N 299 
TRP CH2  C Y N 300 
TRP OXT  O N N 301 
TRP H    H N N 302 
TRP H2   H N N 303 
TRP HA   H N N 304 
TRP HB2  H N N 305 
TRP HB3  H N N 306 
TRP HD1  H N N 307 
TRP HE1  H N N 308 
TRP HE3  H N N 309 
TRP HZ2  H N N 310 
TRP HZ3  H N N 311 
TRP HH2  H N N 312 
TRP HXT  H N N 313 
TYR N    N N N 314 
TYR CA   C N S 315 
TYR C    C N N 316 
TYR O    O N N 317 
TYR CB   C N N 318 
TYR CG   C Y N 319 
TYR CD1  C Y N 320 
TYR CD2  C Y N 321 
TYR CE1  C Y N 322 
TYR CE2  C Y N 323 
TYR CZ   C Y N 324 
TYR OH   O N N 325 
TYR OXT  O N N 326 
TYR H    H N N 327 
TYR H2   H N N 328 
TYR HA   H N N 329 
TYR HB2  H N N 330 
TYR HB3  H N N 331 
TYR HD1  H N N 332 
TYR HD2  H N N 333 
TYR HE1  H N N 334 
TYR HE2  H N N 335 
TYR HH   H N N 336 
TYR HXT  H N N 337 
VAL N    N N N 338 
VAL CA   C N S 339 
VAL C    C N N 340 
VAL O    O N N 341 
VAL CB   C N N 342 
VAL CG1  C N N 343 
VAL CG2  C N N 344 
VAL OXT  O N N 345 
VAL H    H N N 346 
VAL H2   H N N 347 
VAL HA   H N N 348 
VAL HB   H N N 349 
VAL HG11 H N N 350 
VAL HG12 H N N 351 
VAL HG13 H N N 352 
VAL HG21 H N N 353 
VAL HG22 H N N 354 
VAL HG23 H N N 355 
VAL HXT  H N N 356 
# 
loop_
_chem_comp_bond.comp_id 
_chem_comp_bond.atom_id_1 
_chem_comp_bond.atom_id_2 
_chem_comp_bond.value_order 
_chem_comp_bond.pdbx_aromatic_flag 
_chem_comp_bond.pdbx_stereo_config 
_chem_comp_bond.pdbx_ordinal 
ALA N   CA   sing N N 1   
ALA N   H    sing N N 2   
ALA N   H2   sing N N 3   
ALA CA  C    sing N N 4   
ALA CA  CB   sing N N 5   
ALA CA  HA   sing N N 6   
ALA C   O    doub N N 7   
ALA C   OXT  sing N N 8   
ALA CB  HB1  sing N N 9   
ALA CB  HB2  sing N N 10  
ALA CB  HB3  sing N N 11  
ALA OXT HXT  sing N N 12  
ARG N   CA   sing N N 13  
ARG N   H    sing N N 14  
ARG N   H2   sing N N 15  
ARG CA  C    sing N N 16  
ARG CA  CB   sing N N 17  
ARG CA  HA   sing N N 18  
ARG C   O    doub N N 19  
ARG C   OXT  sing N N 20  
ARG CB  CG   sing N N 21  
ARG CB  HB2  sing N N 22  
ARG CB  HB3  sing N N 23  
ARG CG  CD   sing N N 24  
ARG CG  HG2  sing N N 25  
ARG CG  HG3  sing N N 26  
ARG CD  NE   sing N N 27  
ARG CD  HD2  sing N N 28  
ARG CD  HD3  sing N N 29  
ARG NE  CZ   sing N N 30  
ARG NE  HE   sing N N 31  
ARG CZ  NH1  sing N N 32  
ARG CZ  NH2  doub N N 33  
ARG NH1 HH11 sing N N 34  
ARG NH1 HH12 sing N N 35  
ARG NH2 HH21 sing N N 36  
ARG NH2 HH22 sing N N 37  
ARG OXT HXT  sing N N 38  
ASN N   CA   sing N N 39  
ASN N   H    sing N N 40  
ASN N   H2   sing N N 41  
ASN CA  C    sing N N 42  
ASN CA  CB   sing N N 43  
ASN CA  HA   sing N N 44  
ASN C   O    doub N N 45  
ASN C   OXT  sing N N 46  
ASN CB  CG   sing N N 47  
ASN CB  HB2  sing N N 48  
ASN CB  HB3  sing N N 49  
ASN CG  OD1  doub N N 50  
ASN CG  ND2  sing N N 51  
ASN ND2 HD21 sing N N 52  
ASN ND2 HD22 sing N N 53  
ASN OXT HXT  sing N N 54  
ASP N   CA   sing N N 55  
ASP N   H    sing N N 56  
ASP N   H2   sing N N 57  
ASP CA  C    sing N N 58  
ASP CA  CB   sing N N 59  
ASP CA  HA   sing N N 60  
ASP C   O    doub N N 61  
ASP C   OXT  sing N N 62  
ASP CB  CG   sing N N 63  
ASP CB  HB2  sing N N 64  
ASP CB  HB3  sing N N 65  
ASP CG  OD1  doub N N 66  
ASP CG  OD2  sing N N 67  
ASP OD2 HD2  sing N N 68  
ASP OXT HXT  sing N N 69  
GLU N   CA   sing N N 70  
GLU N   H    sing N N 71  
GLU N   H2   sing N N 72  
GLU CA  C    sing N N 73  
GLU CA  CB   sing N N 74  
GLU CA  HA   sing N N 75  
GLU C   O    doub N N 76  
GLU C   OXT  sing N N 77  
GLU CB  CG   sing N N 78  
GLU CB  HB2  sing N N 79  
GLU CB  HB3  sing N N 80  
GLU CG  CD   sing N N 81  
GLU CG  HG2  sing N N 82  
GLU CG  HG3  sing N N 83  
GLU CD  OE1  doub N N 84  
GLU CD  OE2  sing N N 85  
GLU OE2 HE2  sing N N 86  
GLU OXT HXT  sing N N 87  
GLY N   CA   sing N N 88  
GLY N   H    sing N N 89  
GLY N   H2   sing N N 90  
GLY CA  C    sing N N 91  
GLY CA  HA2  sing N N 92  
GLY CA  HA3  sing N N 93  
GLY C   O    doub N N 94  
GLY C   OXT  sing N N 95  
GLY OXT HXT  sing N N 96  
HIS N   CA   sing N N 97  
HIS N   H    sing N N 98  
HIS N   H2   sing N N 99  
HIS CA  C    sing N N 100 
HIS CA  CB   sing N N 101 
HIS CA  HA   sing N N 102 
HIS C   O    doub N N 103 
HIS C   OXT  sing N N 104 
HIS CB  CG   sing N N 105 
HIS CB  HB2  sing N N 106 
HIS CB  HB3  sing N N 107 
HIS CG  ND1  sing Y N 108 
HIS CG  CD2  doub Y N 109 
HIS ND1 CE1  doub Y N 110 
HIS ND1 HD1  sing N N 111 
HIS CD2 NE2  sing Y N 112 
HIS CD2 HD2  sing N N 113 
HIS CE1 NE2  sing Y N 114 
HIS CE1 HE1  sing N N 115 
HIS NE2 HE2  sing N N 116 
HIS OXT HXT  sing N N 117 
HOH O   H1   sing N N 118 
HOH O   H2   sing N N 119 
ILE N   CA   sing N N 120 
ILE N   H    sing N N 121 
ILE N   H2   sing N N 122 
ILE CA  C    sing N N 123 
ILE CA  CB   sing N N 124 
ILE CA  HA   sing N N 125 
ILE C   O    doub N N 126 
ILE C   OXT  sing N N 127 
ILE CB  CG1  sing N N 128 
ILE CB  CG2  sing N N 129 
ILE CB  HB   sing N N 130 
ILE CG1 CD1  sing N N 131 
ILE CG1 HG12 sing N N 132 
ILE CG1 HG13 sing N N 133 
ILE CG2 HG21 sing N N 134 
ILE CG2 HG22 sing N N 135 
ILE CG2 HG23 sing N N 136 
ILE CD1 HD11 sing N N 137 
ILE CD1 HD12 sing N N 138 
ILE CD1 HD13 sing N N 139 
ILE OXT HXT  sing N N 140 
LEU N   CA   sing N N 141 
LEU N   H    sing N N 142 
LEU N   H2   sing N N 143 
LEU CA  C    sing N N 144 
LEU CA  CB   sing N N 145 
LEU CA  HA   sing N N 146 
LEU C   O    doub N N 147 
LEU C   OXT  sing N N 148 
LEU CB  CG   sing N N 149 
LEU CB  HB2  sing N N 150 
LEU CB  HB3  sing N N 151 
LEU CG  CD1  sing N N 152 
LEU CG  CD2  sing N N 153 
LEU CG  HG   sing N N 154 
LEU CD1 HD11 sing N N 155 
LEU CD1 HD12 sing N N 156 
LEU CD1 HD13 sing N N 157 
LEU CD2 HD21 sing N N 158 
LEU CD2 HD22 sing N N 159 
LEU CD2 HD23 sing N N 160 
LEU OXT HXT  sing N N 161 
LYS N   CA   sing N N 162 
LYS N   H    sing N N 163 
LYS N   H2   sing N N 164 
LYS CA  C    sing N N 165 
LYS CA  CB   sing N N 166 
LYS CA  HA   sing N N 167 
LYS C   O    doub N N 168 
LYS C   OXT  sing N N 169 
LYS CB  CG   sing N N 170 
LYS CB  HB2  sing N N 171 
LYS CB  HB3  sing N N 172 
LYS CG  CD   sing N N 173 
LYS CG  HG2  sing N N 174 
LYS CG  HG3  sing N N 175 
LYS CD  CE   sing N N 176 
LYS CD  HD2  sing N N 177 
LYS CD  HD3  sing N N 178 
LYS CE  NZ   sing N N 179 
LYS CE  HE2  sing N N 180 
LYS CE  HE3  sing N N 181 
LYS NZ  HZ1  sing N N 182 
LYS NZ  HZ2  sing N N 183 
LYS NZ  HZ3  sing N N 184 
LYS OXT HXT  sing N N 185 
MET N   CA   sing N N 186 
MET N   H    sing N N 187 
MET N   H2   sing N N 188 
MET CA  C    sing N N 189 
MET CA  CB   sing N N 190 
MET CA  HA   sing N N 191 
MET C   O    doub N N 192 
MET C   OXT  sing N N 193 
MET CB  CG   sing N N 194 
MET CB  HB2  sing N N 195 
MET CB  HB3  sing N N 196 
MET CG  SD   sing N N 197 
MET CG  HG2  sing N N 198 
MET CG  HG3  sing N N 199 
MET SD  CE   sing N N 200 
MET CE  HE1  sing N N 201 
MET CE  HE2  sing N N 202 
MET CE  HE3  sing N N 203 
MET OXT HXT  sing N N 204 
PHE N   CA   sing N N 205 
PHE N   H    sing N N 206 
PHE N   H2   sing N N 207 
PHE CA  C    sing N N 208 
PHE CA  CB   sing N N 209 
PHE CA  HA   sing N N 210 
PHE C   O    doub N N 211 
PHE C   OXT  sing N N 212 
PHE CB  CG   sing N N 213 
PHE CB  HB2  sing N N 214 
PHE CB  HB3  sing N N 215 
PHE CG  CD1  doub Y N 216 
PHE CG  CD2  sing Y N 217 
PHE CD1 CE1  sing Y N 218 
PHE CD1 HD1  sing N N 219 
PHE CD2 CE2  doub Y N 220 
PHE CD2 HD2  sing N N 221 
PHE CE1 CZ   doub Y N 222 
PHE CE1 HE1  sing N N 223 
PHE CE2 CZ   sing Y N 224 
PHE CE2 HE2  sing N N 225 
PHE CZ  HZ   sing N N 226 
PHE OXT HXT  sing N N 227 
PRO N   CA   sing N N 228 
PRO N   CD   sing N N 229 
PRO N   H    sing N N 230 
PRO CA  C    sing N N 231 
PRO CA  CB   sing N N 232 
PRO CA  HA   sing N N 233 
PRO C   O    doub N N 234 
PRO C   OXT  sing N N 235 
PRO CB  CG   sing N N 236 
PRO CB  HB2  sing N N 237 
PRO CB  HB3  sing N N 238 
PRO CG  CD   sing N N 239 
PRO CG  HG2  sing N N 240 
PRO CG  HG3  sing N N 241 
PRO CD  HD2  sing N N 242 
PRO CD  HD3  sing N N 243 
PRO OXT HXT  sing N N 244 
SER N   CA   sing N N 245 
SER N   H    sing N N 246 
SER N   H2   sing N N 247 
SER CA  C    sing N N 248 
SER CA  CB   sing N N 249 
SER CA  HA   sing N N 250 
SER C   O    doub N N 251 
SER C   OXT  sing N N 252 
SER CB  OG   sing N N 253 
SER CB  HB2  sing N N 254 
SER CB  HB3  sing N N 255 
SER OG  HG   sing N N 256 
SER OXT HXT  sing N N 257 
THR N   CA   sing N N 258 
THR N   H    sing N N 259 
THR N   H2   sing N N 260 
THR CA  C    sing N N 261 
THR CA  CB   sing N N 262 
THR CA  HA   sing N N 263 
THR C   O    doub N N 264 
THR C   OXT  sing N N 265 
THR CB  OG1  sing N N 266 
THR CB  CG2  sing N N 267 
THR CB  HB   sing N N 268 
THR OG1 HG1  sing N N 269 
THR CG2 HG21 sing N N 270 
THR CG2 HG22 sing N N 271 
THR CG2 HG23 sing N N 272 
THR OXT HXT  sing N N 273 
TRP N   CA   sing N N 274 
TRP N   H    sing N N 275 
TRP N   H2   sing N N 276 
TRP CA  C    sing N N 277 
TRP CA  CB   sing N N 278 
TRP CA  HA   sing N N 279 
TRP C   O    doub N N 280 
TRP C   OXT  sing N N 281 
TRP CB  CG   sing N N 282 
TRP CB  HB2  sing N N 283 
TRP CB  HB3  sing N N 284 
TRP CG  CD1  doub Y N 285 
TRP CG  CD2  sing Y N 286 
TRP CD1 NE1  sing Y N 287 
TRP CD1 HD1  sing N N 288 
TRP CD2 CE2  doub Y N 289 
TRP CD2 CE3  sing Y N 290 
TRP NE1 CE2  sing Y N 291 
TRP NE1 HE1  sing N N 292 
TRP CE2 CZ2  sing Y N 293 
TRP CE3 CZ3  doub Y N 294 
TRP CE3 HE3  sing N N 295 
TRP CZ2 CH2  doub Y N 296 
TRP CZ2 HZ2  sing N N 297 
TRP CZ3 CH2  sing Y N 298 
TRP CZ3 HZ3  sing N N 299 
TRP CH2 HH2  sing N N 300 
TRP OXT HXT  sing N N 301 
TYR N   CA   sing N N 302 
TYR N   H    sing N N 303 
TYR N   H2   sing N N 304 
TYR CA  C    sing N N 305 
TYR CA  CB   sing N N 306 
TYR CA  HA   sing N N 307 
TYR C   O    doub N N 308 
TYR C   OXT  sing N N 309 
TYR CB  CG   sing N N 310 
TYR CB  HB2  sing N N 311 
TYR CB  HB3  sing N N 312 
TYR CG  CD1  doub Y N 313 
TYR CG  CD2  sing Y N 314 
TYR CD1 CE1  sing Y N 315 
TYR CD1 HD1  sing N N 316 
TYR CD2 CE2  doub Y N 317 
TYR CD2 HD2  sing N N 318 
TYR CE1 CZ   doub Y N 319 
TYR CE1 HE1  sing N N 320 
TYR CE2 CZ   sing Y N 321 
TYR CE2 HE2  sing N N 322 
TYR CZ  OH   sing N N 323 
TYR OH  HH   sing N N 324 
TYR OXT HXT  sing N N 325 
VAL N   CA   sing N N 326 
VAL N   H    sing N N 327 
VAL N   H2   sing N N 328 
VAL CA  C    sing N N 329 
VAL CA  CB   sing N N 330 
VAL CA  HA   sing N N 331 
VAL C   O    doub N N 332 
VAL C   OXT  sing N N 333 
VAL CB  CG1  sing N N 334 
VAL CB  CG2  sing N N 335 
VAL CB  HB   sing N N 336 
VAL CG1 HG11 sing N N 337 
VAL CG1 HG12 sing N N 338 
VAL CG1 HG13 sing N N 339 
VAL CG2 HG21 sing N N 340 
VAL CG2 HG22 sing N N 341 
VAL CG2 HG23 sing N N 342 
VAL OXT HXT  sing N N 343 
# 
_atom_sites.entry_id                    7CX5 
_atom_sites.Cartn_transf_matrix[1][1]   ? 
_atom_sites.Cartn_transf_matrix[1][2]   ? 
_atom_sites.Cartn_transf_matrix[1][3]   ? 
_atom_sites.Cartn_transf_matrix[2][1]   ? 
_atom_sites.Cartn_transf_matrix[2][2]   ? 
_atom_sites.Cartn_transf_matrix[2][3]   ? 
_atom_sites.Cartn_transf_matrix[3][1]   ? 
_atom_sites.Cartn_transf_matrix[3][2]   ? 
_atom_sites.Cartn_transf_matrix[3][3]   ? 
_atom_sites.Cartn_transf_vector[1]      ? 
_atom_sites.Cartn_transf_vector[2]      ? 
_atom_sites.Cartn_transf_vector[3]      ? 
_atom_sites.fract_transf_matrix[1][1]   -0.02228979 
_atom_sites.fract_transf_matrix[1][2]   -0.01276567 
_atom_sites.fract_transf_matrix[1][3]   -0.02227867 
_atom_sites.fract_transf_matrix[2][1]   0.00644608 
_atom_sites.fract_transf_matrix[2][2]   0.01190815 
_atom_sites.fract_transf_matrix[2][3]   -0.01327266 
_atom_sites.fract_transf_matrix[3][1]   0.01143081 
_atom_sites.fract_transf_matrix[3][2]   -0.01155499 
_atom_sites.fract_transf_matrix[3][3]   -0.00481551 
_atom_sites.fract_transf_vector[1]      0.369000 
_atom_sites.fract_transf_vector[2]      0.077271 
_atom_sites.fract_transf_vector[3]      0.147942 
_atom_sites.solution_primary            ? 
_atom_sites.solution_secondary          ? 
_atom_sites.solution_hydrogens          ? 
_atom_sites.special_details             ? 
# 
loop_
_atom_type.symbol 
C 
N 
O 
S 
# 
loop_
_atom_site.group_PDB 
_atom_site.id 
_atom_site.type_symbol 
_atom_site.label_atom_id 
_atom_site.label_alt_id 
_atom_site.label_comp_id 
_atom_site.label_asym_id 
_atom_site.label_entity_id 
_atom_site.label_seq_id 
_atom_site.pdbx_PDB_ins_code 
_atom_site.Cartn_x 
_atom_site.Cartn_y 
_atom_site.Cartn_z 
_atom_site.occupancy 
_atom_site.B_iso_or_equiv 
_atom_site.pdbx_formal_charge 
_atom_site.auth_seq_id 
_atom_site.auth_comp_id 
_atom_site.auth_asym_id 
_atom_site.auth_atom_id 
_atom_site.pdbx_PDB_model_num 
ATOM   1   N N   . SER A 1 6  ? -11.672 -9.002  1.774   1.00 20.07 ? 136 SER A N   1 
ATOM   2   C CA  . SER A 1 6  ? -11.826 -9.462  0.405   1.00 15.31 ? 136 SER A CA  1 
ATOM   3   C C   . SER A 1 6  ? -10.541 -10.119 -0.091  1.00 12.97 ? 136 SER A C   1 
ATOM   4   O O   . SER A 1 6  ? -10.456 -10.531 -1.246  1.00 15.32 ? 136 SER A O   1 
ATOM   5   C CB  . SER A 1 6  ? -12.173 -8.282  -0.514  1.00 17.55 ? 136 SER A CB  1 
ATOM   6   O OG  . SER A 1 6  ? -12.039 -8.661  -1.871  1.00 23.99 ? 136 SER A OG  1 
ATOM   7   N N   . TYR A 1 7  ? -9.534  -10.208 0.773   1.00 11.17 ? 137 TYR A N   1 
ATOM   8   C CA  . TYR A 1 7  ? -8.251  -10.784 0.392   1.00 9.99  ? 137 TYR A CA  1 
ATOM   9   C C   . TYR A 1 7  ? -7.672  -11.586 1.547   1.00 10.75 ? 137 TYR A C   1 
ATOM   10  O O   . TYR A 1 7  ? -7.879  -11.256 2.717   1.00 13.44 ? 137 TYR A O   1 
ATOM   11  C CB  . TYR A 1 7  ? -7.238  -9.695  0.001   1.00 10.07 ? 137 TYR A CB  1 
ATOM   12  C CG  . TYR A 1 7  ? -7.679  -8.845  -1.163  1.00 8.76  ? 137 TYR A CG  1 
ATOM   13  C CD1 . TYR A 1 7  ? -7.530  -9.289  -2.468  1.00 9.25  ? 137 TYR A CD1 1 
ATOM   14  C CD2 . TYR A 1 7  ? -8.248  -7.600  -0.956  1.00 9.52  ? 137 TYR A CD2 1 
ATOM   15  C CE1 . TYR A 1 7  ? -7.942  -8.521  -3.532  1.00 10.59 ? 137 TYR A CE1 1 
ATOM   16  C CE2 . TYR A 1 7  ? -8.657  -6.820  -2.016  1.00 9.33  ? 137 TYR A CE2 1 
ATOM   17  C CZ  . TYR A 1 7  ? -8.507  -7.288  -3.297  1.00 9.00  ? 137 TYR A CZ  1 
ATOM   18  O OH  . TYR A 1 7  ? -8.928  -6.512  -4.352  1.00 9.80  ? 137 TYR A OH  1 
ATOM   19  N N   . ARG A 1 8  ? -6.940  -12.647 1.196   1.00 8.87  ? 138 ARG A N   1 
ATOM   20  C CA  . ARG A 1 8  ? -6.105  -13.407 2.121   1.00 10.01 ? 138 ARG A CA  1 
ATOM   21  C C   . ARG A 1 8  ? -4.670  -12.967 1.861   1.00 8.95  ? 138 ARG A C   1 
ATOM   22  O O   . ARG A 1 8  ? -4.182  -13.075 0.730   1.00 10.36 ? 138 ARG A O   1 
ATOM   23  C CB  . ARG A 1 8  ? -6.266  -14.913 1.869   1.00 9.31  ? 138 ARG A CB  1 
ATOM   24  C CG  . ARG A 1 8  ? -5.345  -15.843 2.675   1.00 12.53 ? 138 ARG A CG  1 
ATOM   25  C CD  . ARG A 1 8  ? -5.704  -17.321 2.434   1.00 13.55 ? 138 ARG A CD  1 
ATOM   26  N NE  . ARG A 1 8  ? -6.933  -17.676 3.108   1.00 13.59 ? 138 ARG A NE  1 
ATOM   27  C CZ  . ARG A 1 8  ? -7.014  -18.078 4.373   1.00 12.59 ? 138 ARG A CZ  1 
ATOM   28  N NH1 . ARG A 1 8  ? -5.932  -18.216 5.126   1.00 15.72 ? 138 ARG A NH1 1 
ATOM   29  N NH2 . ARG A 1 8  ? -8.201  -18.340 4.902   1.00 14.56 ? 138 ARG A NH2 1 
ATOM   30  N N   . VAL A 1 9  ? -4.014  -12.434 2.883   1.00 8.80  ? 139 VAL A N   1 
ATOM   31  C CA  . VAL A 1 9  ? -2.684  -11.850 2.744   1.00 8.40  ? 139 VAL A CA  1 
ATOM   32  C C   . VAL A 1 9  ? -1.702  -12.758 3.468   1.00 8.96  ? 139 VAL A C   1 
ATOM   33  O O   . VAL A 1 9  ? -1.733  -12.859 4.701   1.00 10.97 ? 139 VAL A O   1 
ATOM   34  C CB  . VAL A 1 9  ? -2.638  -10.418 3.292   1.00 10.18 ? 139 VAL A CB  1 
ATOM   35  C CG1 . VAL A 1 9  ? -1.229  -9.847  3.185   1.00 11.75 ? 139 VAL A CG1 1 
ATOM   36  C CG2 . VAL A 1 9  ? -3.640  -9.534  2.557   1.00 10.75 ? 139 VAL A CG2 1 
ATOM   37  N N   . ALA A 1 10 ? -0.832  -13.417 2.706   1.00 8.24  ? 140 ALA A N   1 
ATOM   38  C CA  . ALA A 1 10 ? 0.165   -14.326 3.267   1.00 9.01  ? 140 ALA A CA  1 
ATOM   39  C C   . ALA A 1 10 ? 1.449   -13.539 3.460   1.00 7.58  ? 140 ALA A C   1 
ATOM   40  O O   . ALA A 1 10 ? 2.208   -13.323 2.514   1.00 8.10  ? 140 ALA A O   1 
ATOM   41  C CB  . ALA A 1 10 ? 0.375   -15.525 2.352   1.00 9.91  ? 140 ALA A CB  1 
ATOM   42  N N   . GLU A 1 11 ? 1.705   -13.116 4.697   1.00 8.75  ? 141 GLU A N   1 
ATOM   43  C CA  . GLU A 1 11 ? 2.868   -12.287 4.984   1.00 8.51  ? 141 GLU A CA  1 
ATOM   44  C C   . GLU A 1 11 ? 4.166   -13.079 4.979   1.00 10.15 ? 141 GLU A C   1 
ATOM   45  O O   . GLU A 1 11 ? 5.246   -12.481 4.892   1.00 13.61 ? 141 GLU A O   1 
ATOM   46  C CB  . GLU A 1 11 ? 2.683   -11.589 6.329   1.00 10.46 ? 141 GLU A CB  1 
ATOM   47  C CG  . GLU A 1 11 ? 1.466   -10.684 6.338   1.00 12.86 ? 141 GLU A CG  1 
ATOM   48  C CD  . GLU A 1 11 ? 1.336   -9.856  7.598   1.00 14.50 ? 141 GLU A CD  1 
ATOM   49  O OE1 . GLU A 1 11 ? 2.368   -9.554  8.230   1.00 16.08 ? 141 GLU A OE1 1 
ATOM   50  O OE2 . GLU A 1 11 ? 0.190   -9.492  7.940   1.00 17.12 ? 141 GLU A OE2 1 
ATOM   51  N N   . ASP A 1 12 ? 4.085   -14.406 5.082   1.00 8.36  ? 142 ASP A N   1 
ATOM   52  C CA  . ASP A 1 12 ? 5.270   -15.253 4.992   1.00 8.91  ? 142 ASP A CA  1 
ATOM   53  C C   . ASP A 1 12 ? 5.703   -15.449 3.544   1.00 7.92  ? 142 ASP A C   1 
ATOM   54  O O   . ASP A 1 12 ? 6.862   -15.205 3.188   1.00 9.25  ? 142 ASP A O   1 
ATOM   55  C CB  . ASP A 1 12 ? 5.046   -16.598 5.709   1.00 8.29  ? 142 ASP A CB  1 
ATOM   56  C CG  . ASP A 1 12 ? 3.693   -17.256 5.408   1.00 7.99  ? 142 ASP A CG  1 
ATOM   57  O OD1 . ASP A 1 12 ? 2.937   -16.825 4.509   1.00 9.62  ? 142 ASP A OD1 1 
ATOM   58  O OD2 . ASP A 1 12 ? 3.398   -18.259 6.097   1.00 9.04  ? 142 ASP A OD2 1 
ATOM   59  N N   . ALA A 1 13 ? 4.771   -15.858 2.688   1.00 8.45  ? 143 ALA A N   1 
ATOM   60  C CA  . ALA A 1 13 ? 5.042   -16.033 1.270   1.00 9.42  ? 143 ALA A CA  1 
ATOM   61  C C   . ALA A 1 13 ? 5.076   -14.714 0.510   1.00 8.75  ? 143 ALA A C   1 
ATOM   62  O O   . ALA A 1 13 ? 5.530   -14.693 -0.642  1.00 10.69 ? 143 ALA A O   1 
ATOM   63  C CB  . ALA A 1 13 ? 3.987   -16.951 0.648   1.00 11.17 ? 143 ALA A CB  1 
ATOM   64  N N   . ARG A 1 14 ? 4.609   -13.623 1.126   1.00 7.81  ? 144 ARG A N   1 
ATOM   65  C CA  . ARG A 1 14 ? 4.482   -12.327 0.466   1.00 8.03  ? 144 ARG A CA  1 
ATOM   66  C C   . ARG A 1 14 ? 3.583   -12.439 -0.766  1.00 8.48  ? 144 ARG A C   1 
ATOM   67  O O   . ARG A 1 14 ? 3.895   -11.928 -1.844  1.00 10.96 ? 144 ARG A O   1 
ATOM   68  C CB  . ARG A 1 14 ? 5.841   -11.702 0.141   1.00 11.53 ? 144 ARG A CB  1 
ATOM   69  C CG  . ARG A 1 14 ? 6.819   -11.725 1.300   1.00 13.13 ? 144 ARG A CG  1 
ATOM   70  C CD  . ARG A 1 14 ? 6.628   -10.522 2.198   1.00 15.15 ? 144 ARG A CD  1 
ATOM   71  N NE  . ARG A 1 14 ? 7.035   -9.285  1.533   1.00 14.77 ? 144 ARG A NE  1 
ATOM   72  C CZ  . ARG A 1 14 ? 7.222   -8.124  2.158   1.00 13.70 ? 144 ARG A CZ  1 
ATOM   73  N NH1 . ARG A 1 14 ? 7.036   -8.041  3.467   1.00 15.13 ? 144 ARG A NH1 1 
ATOM   74  N NH2 . ARG A 1 14 ? 7.588   -7.046  1.471   1.00 13.82 ? 144 ARG A NH2 1 
ATOM   75  N N   . GLU A 1 15 ? 2.452   -13.124 -0.587  1.00 8.53  ? 145 GLU A N   1 
ATOM   76  C CA  . GLU A 1 15 ? 1.476   -13.373 -1.638  1.00 9.57  ? 145 GLU A CA  1 
ATOM   77  C C   . GLU A 1 15 ? 0.113   -12.890 -1.165  1.00 7.50  ? 145 GLU A C   1 
ATOM   78  O O   . GLU A 1 15 ? -0.147  -12.792 0.035   1.00 8.02  ? 145 GLU A O   1 
ATOM   79  C CB  . GLU A 1 15 ? 1.407   -14.872 -2.014  1.00 11.00 ? 145 GLU A CB  1 
ATOM   80  C CG  . GLU A 1 15 ? 2.665   -15.381 -2.711  1.00 12.42 ? 145 GLU A CG  1 
ATOM   81  C CD  . GLU A 1 15 ? 2.606   -16.851 -3.130  1.00 13.14 ? 145 GLU A CD  1 
ATOM   82  O OE1 . GLU A 1 15 ? 1.521   -17.470 -3.080  1.00 12.49 ? 145 GLU A OE1 1 
ATOM   83  O OE2 . GLU A 1 15 ? 3.665   -17.387 -3.519  1.00 16.93 ? 145 GLU A OE2 1 
ATOM   84  N N   . VAL A 1 16 ? -0.759  -12.601 -2.130  1.00 6.85  ? 146 VAL A N   1 
ATOM   85  C CA  . VAL A 1 16 ? -2.125  -12.176 -1.864  1.00 6.30  ? 146 VAL A CA  1 
ATOM   86  C C   . VAL A 1 16 ? -3.048  -13.032 -2.712  1.00 7.09  ? 146 VAL A C   1 
ATOM   87  O O   . VAL A 1 16 ? -2.751  -13.297 -3.881  1.00 7.70  ? 146 VAL A O   1 
ATOM   88  C CB  . VAL A 1 16 ? -2.312  -10.688 -2.226  1.00 8.84  ? 146 VAL A CB  1 
ATOM   89  C CG1 . VAL A 1 16 ? -3.782  -10.288 -2.157  1.00 11.51 ? 146 VAL A CG1 1 
ATOM   90  C CG2 . VAL A 1 16 ? -1.453  -9.812  -1.337  1.00 9.82  ? 146 VAL A CG2 1 
ATOM   91  N N   . TYR A 1 17 ? -4.165  -13.461 -2.131  1.00 7.61  ? 147 TYR A N   1 
ATOM   92  C CA  . TYR A 1 17 ? -5.189  -14.212 -2.849  1.00 7.50  ? 147 TYR A CA  1 
ATOM   93  C C   . TYR A 1 17 ? -6.512  -13.474 -2.718  1.00 8.17  ? 147 TYR A C   1 
ATOM   94  O O   . TYR A 1 17 ? -6.888  -13.065 -1.613  1.00 10.29 ? 147 TYR A O   1 
ATOM   95  C CB  . TYR A 1 17 ? -5.315  -15.641 -2.293  1.00 9.03  ? 147 TYR A CB  1 
ATOM   96  C CG  . TYR A 1 17 ? -3.968  -16.250 -2.020  1.00 8.73  ? 147 TYR A CG  1 
ATOM   97  C CD1 . TYR A 1 17 ? -3.092  -16.529 -3.064  1.00 8.60  ? 147 TYR A CD1 1 
ATOM   98  C CD2 . TYR A 1 17 ? -3.541  -16.486 -0.723  1.00 9.81  ? 147 TYR A CD2 1 
ATOM   99  C CE1 . TYR A 1 17 ? -1.840  -17.050 -2.827  1.00 9.05  ? 147 TYR A CE1 1 
ATOM   100 C CE2 . TYR A 1 17 ? -2.289  -17.012 -0.472  1.00 10.67 ? 147 TYR A CE2 1 
ATOM   101 C CZ  . TYR A 1 17 ? -1.441  -17.288 -1.524  1.00 8.86  ? 147 TYR A CZ  1 
ATOM   102 O OH  . TYR A 1 17 ? -0.193  -17.798 -1.269  1.00 9.84  ? 147 TYR A OH  1 
ATOM   103 N N   . ASP A 1 18 ? -7.209  -13.281 -3.837  1.00 8.54  ? 148 ASP A N   1 
ATOM   104 C CA  . ASP A 1 18 ? -8.528  -12.664 -3.752  1.00 10.75 ? 148 ASP A CA  1 
ATOM   105 C C   . ASP A 1 18 ? -9.554  -13.694 -3.273  1.00 11.63 ? 148 ASP A C   1 
ATOM   106 O O   . ASP A 1 18 ? -9.232  -14.859 -3.037  1.00 12.58 ? 148 ASP A O   1 
ATOM   107 C CB  . ASP A 1 18 ? -8.885  -11.911 -5.040  1.00 12.18 ? 148 ASP A CB  1 
ATOM   108 C CG  . ASP A 1 18 ? -9.248  -12.828 -6.204  1.00 13.54 ? 148 ASP A CG  1 
ATOM   109 O OD1 . ASP A 1 18 ? -9.435  -14.047 -6.015  1.00 11.89 ? 148 ASP A OD1 1 
ATOM   110 O OD2 . ASP A 1 18 ? -9.356  -12.308 -7.336  1.00 15.96 ? 148 ASP A OD2 1 
ATOM   111 N N   . GLU A 1 19 ? -10.810 -13.267 -3.127  1.00 13.92 ? 149 GLU A N   1 
ATOM   112 C CA  . GLU A 1 19 ? -11.816 -14.146 -2.541  1.00 17.62 ? 149 GLU A CA  1 
ATOM   113 C C   . GLU A 1 19 ? -12.101 -15.366 -3.406  1.00 17.61 ? 149 GLU A C   1 
ATOM   114 O O   . GLU A 1 19 ? -12.572 -16.384 -2.888  1.00 20.20 ? 149 GLU A O   1 
ATOM   115 C CB  . GLU A 1 19 ? -13.100 -13.374 -2.233  1.00 20.79 ? 149 GLU A CB  1 
ATOM   116 C CG  . GLU A 1 19 ? -13.857 -12.880 -3.451  1.00 27.56 ? 149 GLU A CG  1 
ATOM   117 C CD  . GLU A 1 19 ? -15.235 -12.352 -3.095  1.00 37.41 ? 149 GLU A CD  1 
ATOM   118 O OE1 . GLU A 1 19 ? -15.477 -12.084 -1.898  1.00 38.82 ? 149 GLU A OE1 1 
ATOM   119 O OE2 . GLU A 1 19 ? -16.074 -12.204 -4.009  1.00 39.09 ? 149 GLU A OE2 1 
ATOM   120 N N   . ASN A 1 20 ? -11.820 -15.293 -4.703  1.00 14.19 ? 150 ASN A N   1 
ATOM   121 C CA  . ASN A 1 20 ? -11.953 -16.431 -5.602  1.00 16.31 ? 150 ASN A CA  1 
ATOM   122 C C   . ASN A 1 20 ? -10.677 -17.252 -5.696  1.00 12.97 ? 150 ASN A C   1 
ATOM   123 O O   . ASN A 1 20 ? -10.655 -18.259 -6.413  1.00 14.10 ? 150 ASN A O   1 
ATOM   124 C CB  . ASN A 1 20 ? -12.355 -15.958 -7.001  1.00 18.57 ? 150 ASN A CB  1 
ATOM   125 C CG  . ASN A 1 20 ? -13.702 -15.265 -7.018  1.00 23.84 ? 150 ASN A CG  1 
ATOM   126 O OD1 . ASN A 1 20 ? -13.832 -14.150 -7.522  1.00 28.10 ? 150 ASN A OD1 1 
ATOM   127 N ND2 . ASN A 1 20 ? -14.710 -15.920 -6.457  1.00 25.30 ? 150 ASN A ND2 1 
ATOM   128 N N   . GLY A 1 21 ? -9.620  -16.850 -4.998  1.00 11.95 ? 151 GLY A N   1 
ATOM   129 C CA  . GLY A 1 21 ? -8.377  -17.589 -5.043  1.00 11.51 ? 151 GLY A CA  1 
ATOM   130 C C   . GLY A 1 21 ? -7.471  -17.260 -6.204  1.00 11.90 ? 151 GLY A C   1 
ATOM   131 O O   . GLY A 1 21 ? -6.570  -18.047 -6.512  1.00 12.58 ? 151 GLY A O   1 
ATOM   132 N N   . ASN A 1 22 ? -7.669  -16.124 -6.863  1.00 11.26 ? 152 ASN A N   1 
ATOM   133 C CA  . ASN A 1 22 ? -6.689  -15.676 -7.837  1.00 12.58 ? 152 ASN A CA  1 
ATOM   134 C C   . ASN A 1 22 ? -5.474  -15.128 -7.102  1.00 10.20 ? 152 ASN A C   1 
ATOM   135 O O   . ASN A 1 22 ? -5.609  -14.398 -6.116  1.00 10.84 ? 152 ASN A O   1 
ATOM   136 C CB  . ASN A 1 22 ? -7.284  -14.572 -8.707  1.00 15.57 ? 152 ASN A CB  1 
ATOM   137 C CG  . ASN A 1 22 ? -8.520  -15.022 -9.454  1.00 19.98 ? 152 ASN A CG  1 
ATOM   138 O OD1 . ASN A 1 22 ? -8.514  -16.058 -10.118 1.00 22.64 ? 152 ASN A OD1 1 
ATOM   139 N ND2 . ASN A 1 22 ? -9.592  -14.250 -9.343  1.00 21.24 ? 152 ASN A ND2 1 
ATOM   140 N N   . ILE A 1 23 ? -4.287  -15.475 -7.584  1.00 9.43  ? 153 ILE A N   1 
ATOM   141 C CA  . ILE A 1 23 ? -3.050  -14.965 -7.000  1.00 9.31  ? 153 ILE A CA  1 
ATOM   142 C C   . ILE A 1 23 ? -2.811  -13.552 -7.502  1.00 8.95  ? 153 ILE A C   1 
ATOM   143 O O   . ILE A 1 23 ? -2.891  -13.286 -8.708  1.00 13.88 ? 153 ILE A O   1 
ATOM   144 C CB  . ILE A 1 23 ? -1.862  -15.871 -7.359  1.00 10.56 ? 153 ILE A CB  1 
ATOM   145 C CG1 . ILE A 1 23 ? -2.094  -17.294 -6.851  1.00 11.17 ? 153 ILE A CG1 1 
ATOM   146 C CG2 . ILE A 1 23 ? -0.562  -15.302 -6.793  1.00 12.94 ? 153 ILE A CG2 1 
ATOM   147 C CD1 . ILE A 1 23 ? -1.091  -18.298 -7.379  1.00 14.19 ? 153 ILE A CD1 1 
ATOM   148 N N   . ILE A 1 24 ? -2.507  -12.646 -6.580  1.00 8.12  ? 154 ILE A N   1 
ATOM   149 C CA  . ILE A 1 24 ? -2.144  -11.274 -6.903  1.00 9.52  ? 154 ILE A CA  1 
ATOM   150 C C   . ILE A 1 24 ? -0.691  -11.086 -6.498  1.00 10.21 ? 154 ILE A C   1 
ATOM   151 O O   . ILE A 1 24 ? -0.329  -11.292 -5.333  1.00 11.34 ? 154 ILE A O   1 
ATOM   152 C CB  . ILE A 1 24 ? -3.073  -10.279 -6.198  1.00 9.22  ? 154 ILE A CB  1 
ATOM   153 C CG1 . ILE A 1 24 ? -4.495  -10.471 -6.729  1.00 12.75 ? 154 ILE A CG1 1 
ATOM   154 C CG2 . ILE A 1 24 ? -2.590  -8.849  -6.407  1.00 13.03 ? 154 ILE A CG2 1 
ATOM   155 C CD1 . ILE A 1 24 ? -5.560  -9.827  -5.901  1.00 14.00 ? 154 ILE A CD1 1 
ATOM   156 N N   . ASN A 1 25 ? 0.145   -10.728 -7.469  1.00 10.99 ? 155 ASN A N   1 
ATOM   157 C CA  . ASN A 1 25 ? 1.584   -10.624 -7.274  1.00 11.87 ? 155 ASN A CA  1 
ATOM   158 C C   . ASN A 1 25 ? 1.937   -9.157  -7.067  1.00 10.78 ? 155 ASN A C   1 
ATOM   159 O O   . ASN A 1 25 ? 1.837   -8.348  -7.997  1.00 14.34 ? 155 ASN A O   1 
ATOM   160 C CB  . ASN A 1 25 ? 2.314   -11.202 -8.484  1.00 15.56 ? 155 ASN A CB  1 
ATOM   161 C CG  . ASN A 1 25 ? 2.091   -12.694 -8.629  1.00 19.33 ? 155 ASN A CG  1 
ATOM   162 O OD1 . ASN A 1 25 ? 2.396   -13.468 -7.723  1.00 24.00 ? 155 ASN A OD1 1 
ATOM   163 N ND2 . ASN A 1 25 ? 1.541   -13.104 -9.765  1.00 24.33 ? 155 ASN A ND2 1 
ATOM   164 N N   . LEU A 1 26 ? 2.342   -8.817  -5.854  1.00 10.08 ? 156 LEU A N   1 
ATOM   165 C CA  . LEU A 1 26 ? 2.780   -7.474  -5.511  1.00 9.35  ? 156 LEU A CA  1 
ATOM   166 C C   . LEU A 1 26 ? 4.299   -7.417  -5.518  1.00 9.87  ? 156 LEU A C   1 
ATOM   167 O O   . LEU A 1 26 ? 4.972   -8.383  -5.154  1.00 9.96  ? 156 LEU A O   1 
ATOM   168 C CB  . LEU A 1 26 ? 2.292   -7.110  -4.111  1.00 8.38  ? 156 LEU A CB  1 
ATOM   169 C CG  . LEU A 1 26 ? 0.779   -7.091  -3.893  1.00 8.99  ? 156 LEU A CG  1 
ATOM   170 C CD1 . LEU A 1 26 ? 0.459   -6.550  -2.510  1.00 8.72  ? 156 LEU A CD1 1 
ATOM   171 C CD2 . LEU A 1 26 ? 0.059   -6.290  -4.972  1.00 9.36  ? 156 LEU A CD2 1 
ATOM   172 N N   . THR A 1 27 ? 4.841   -6.268  -5.924  1.00 9.40  ? 157 THR A N   1 
ATOM   173 C CA  . THR A 1 27 ? 6.255   -6.035  -5.696  1.00 9.97  ? 157 THR A CA  1 
ATOM   174 C C   . THR A 1 27 ? 6.507   -5.907  -4.199  1.00 10.24 ? 157 THR A C   1 
ATOM   175 O O   . THR A 1 27 ? 5.581   -5.765  -3.394  1.00 9.08  ? 157 THR A O   1 
ATOM   176 C CB  . THR A 1 27 ? 6.719   -4.748  -6.378  1.00 10.79 ? 157 THR A CB  1 
ATOM   177 O OG1 . THR A 1 27 ? 6.162   -3.623  -5.690  1.00 10.15 ? 157 THR A OG1 1 
ATOM   178 C CG2 . THR A 1 27 ? 6.303   -4.716  -7.838  1.00 11.92 ? 157 THR A CG2 1 
ATOM   179 N N   . SER A 1 28 ? 7.784   -5.944  -3.821  1.00 10.01 ? 158 SER A N   1 
ATOM   180 C CA  . SER A 1 28 ? 8.113   -5.850  -2.404  1.00 11.37 ? 158 SER A CA  1 
ATOM   181 C C   . SER A 1 28 ? 7.634   -4.534  -1.802  1.00 8.97  ? 158 SER A C   1 
ATOM   182 O O   . SER A 1 28 ? 7.101   -4.518  -0.689  1.00 9.22  ? 158 SER A O   1 
ATOM   183 C CB  . SER A 1 28 ? 9.610   -6.041  -2.180  1.00 12.98 ? 158 SER A CB  1 
ATOM   184 O OG  . SER A 1 28 ? 9.872   -6.226  -0.803  1.00 15.62 ? 158 SER A OG  1 
ATOM   185 N N   . LYS A 1 29 ? 7.810   -3.420  -2.519  1.00 8.83  ? 159 LYS A N   1 
ATOM   186 C CA  . LYS A 1 29 ? 7.332   -2.144  -1.989  1.00 8.29  ? 159 LYS A CA  1 
ATOM   187 C C   . LYS A 1 29 ? 5.813   -2.097  -1.937  1.00 7.46  ? 159 LYS A C   1 
ATOM   188 O O   . LYS A 1 29 ? 5.241   -1.541  -0.995  1.00 7.40  ? 159 LYS A O   1 
ATOM   189 C CB  . LYS A 1 29 ? 7.874   -0.972  -2.805  1.00 7.81  ? 159 LYS A CB  1 
ATOM   190 C CG  . LYS A 1 29 ? 9.329   -0.661  -2.527  1.00 9.58  ? 159 LYS A CG  1 
ATOM   191 C CD  . LYS A 1 29 ? 9.740   0.641   -3.190  1.00 11.92 ? 159 LYS A CD  1 
ATOM   192 C CE  . LYS A 1 29 ? 11.170  1.005   -2.853  1.00 16.01 ? 159 LYS A CE  1 
ATOM   193 N NZ  . LYS A 1 29 ? 12.115  0.199   -3.666  1.00 20.87 ? 159 LYS A NZ  1 
ATOM   194 N N   . GLU A 1 30 ? 5.142   -2.667  -2.938  1.00 7.24  ? 160 GLU A N   1 
ATOM   195 C CA  . GLU A 1 30 ? 3.685   -2.728  -2.897  1.00 6.65  ? 160 GLU A CA  1 
ATOM   196 C C   . GLU A 1 30 ? 3.201   -3.545  -1.703  1.00 6.55  ? 160 GLU A C   1 
ATOM   197 O O   . GLU A 1 30 ? 2.222   -3.178  -1.039  1.00 6.72  ? 160 GLU A O   1 
ATOM   198 C CB  . GLU A 1 30 ? 3.147   -3.308  -4.204  1.00 7.94  ? 160 GLU A CB  1 
ATOM   199 C CG  . GLU A 1 30 ? 3.269   -2.373  -5.381  1.00 8.02  ? 160 GLU A CG  1 
ATOM   200 C CD  . GLU A 1 30 ? 3.165   -3.070  -6.724  1.00 9.07  ? 160 GLU A CD  1 
ATOM   201 O OE1 . GLU A 1 30 ? 2.887   -4.289  -6.772  1.00 8.76  ? 160 GLU A OE1 1 
ATOM   202 O OE2 . GLU A 1 30 ? 3.377   -2.384  -7.746  1.00 9.78  ? 160 GLU A OE2 1 
ATOM   203 N N   . PHE A 1 31 ? 3.881   -4.657  -1.407  1.00 7.29  ? 161 PHE A N   1 
ATOM   204 C CA  . PHE A 1 31 ? 3.501   -5.474  -0.260  1.00 7.51  ? 161 PHE A CA  1 
ATOM   205 C C   . PHE A 1 31 ? 3.761   -4.738  1.048   1.00 7.14  ? 161 PHE A C   1 
ATOM   206 O O   . PHE A 1 31 ? 2.935   -4.788  1.966   1.00 7.56  ? 161 PHE A O   1 
ATOM   207 C CB  . PHE A 1 31 ? 4.225   -6.822  -0.304  1.00 8.39  ? 161 PHE A CB  1 
ATOM   208 C CG  . PHE A 1 31 ? 3.549   -7.884  0.509   1.00 8.18  ? 161 PHE A CG  1 
ATOM   209 C CD1 . PHE A 1 31 ? 3.803   -7.993  1.865   1.00 10.75 ? 161 PHE A CD1 1 
ATOM   210 C CD2 . PHE A 1 31 ? 2.641   -8.758  -0.072  1.00 9.17  ? 161 PHE A CD2 1 
ATOM   211 C CE1 . PHE A 1 31 ? 3.170   -8.958  2.627   1.00 10.44 ? 161 PHE A CE1 1 
ATOM   212 C CE2 . PHE A 1 31 ? 2.003   -9.728  0.689   1.00 9.83  ? 161 PHE A CE2 1 
ATOM   213 C CZ  . PHE A 1 31 ? 2.272   -9.821  2.039   1.00 10.69 ? 161 PHE A CZ  1 
ATOM   214 N N   . ASP A 1 32 ? 4.896   -4.039  1.149   1.00 7.84  ? 162 ASP A N   1 
ATOM   215 C CA  . ASP A 1 32 ? 5.156   -3.224  2.335   1.00 7.91  ? 162 ASP A CA  1 
ATOM   216 C C   . ASP A 1 32 ? 4.059   -2.193  2.541   1.00 7.46  ? 162 ASP A C   1 
ATOM   217 O O   . ASP A 1 32 ? 3.619   -1.954  3.673   1.00 8.10  ? 162 ASP A O   1 
ATOM   218 C CB  . ASP A 1 32 ? 6.494   -2.495  2.195   1.00 10.66 ? 162 ASP A CB  1 
ATOM   219 C CG  . ASP A 1 32 ? 7.674   -3.432  2.120   1.00 17.72 ? 162 ASP A CG  1 
ATOM   220 O OD1 . ASP A 1 32 ? 7.630   -4.503  2.758   1.00 16.27 ? 162 ASP A OD1 1 
ATOM   221 O OD2 . ASP A 1 32 ? 8.657   -3.083  1.427   1.00 20.62 ? 162 ASP A OD2 1 
ATOM   222 N N   . LEU A 1 33 ? 3.635   -1.542  1.456   1.00 7.43  ? 163 LEU A N   1 
ATOM   223 C CA  . LEU A 1 33 ? 2.565   -0.559  1.549   1.00 7.10  ? 163 LEU A CA  1 
ATOM   224 C C   . LEU A 1 33 ? 1.273   -1.213  2.016   1.00 6.71  ? 163 LEU A C   1 
ATOM   225 O O   . LEU A 1 33 ? 0.569   -0.680  2.884   1.00 7.21  ? 163 LEU A O   1 
ATOM   226 C CB  . LEU A 1 33 ? 2.373   0.098   0.184   1.00 7.15  ? 163 LEU A CB  1 
ATOM   227 C CG  . LEU A 1 33 ? 1.209   1.074   0.088   1.00 6.49  ? 163 LEU A CG  1 
ATOM   228 C CD1 . LEU A 1 33 ? 1.417   2.276   1.005   1.00 7.78  ? 163 LEU A CD1 1 
ATOM   229 C CD2 . LEU A 1 33 ? 1.001   1.513   -1.360  1.00 8.05  ? 163 LEU A CD2 1 
ATOM   230 N N   . LEU A 1 34 ? 0.949   -2.378  1.453   1.00 6.43  ? 164 LEU A N   1 
ATOM   231 C CA  . LEU A 1 34 ? -0.248  -3.096  1.877   1.00 6.83  ? 164 LEU A CA  1 
ATOM   232 C C   . LEU A 1 34 ? -0.239  -3.336  3.378   1.00 7.07  ? 164 LEU A C   1 
ATOM   233 O O   . LEU A 1 34 ? -1.255  -3.139  4.054   1.00 8.10  ? 164 LEU A O   1 
ATOM   234 C CB  . LEU A 1 34 ? -0.338  -4.413  1.117   1.00 7.08  ? 164 LEU A CB  1 
ATOM   235 C CG  . LEU A 1 34 ? -1.500  -5.321  1.501   1.00 7.13  ? 164 LEU A CG  1 
ATOM   236 C CD1 . LEU A 1 34 ? -2.820  -4.666  1.136   1.00 9.52  ? 164 LEU A CD1 1 
ATOM   237 C CD2 . LEU A 1 34 ? -1.365  -6.666  0.811   1.00 9.02  ? 164 LEU A CD2 1 
ATOM   238 N N   . LEU A 1 35 ? 0.908   -3.736  3.922   1.00 7.35  ? 165 LEU A N   1 
ATOM   239 C CA  . LEU A 1 35 ? 0.995   -4.012  5.351   1.00 8.13  ? 165 LEU A CA  1 
ATOM   240 C C   . LEU A 1 35 ? 0.787   -2.750  6.184   1.00 8.89  ? 165 LEU A C   1 
ATOM   241 O O   . LEU A 1 35 ? 0.193   -2.808  7.267   1.00 9.81  ? 165 LEU A O   1 
ATOM   242 C CB  . LEU A 1 35 ? 2.338   -4.662  5.670   1.00 10.50 ? 165 LEU A CB  1 
ATOM   243 C CG  . LEU A 1 35 ? 2.521   -6.049  5.053   1.00 10.82 ? 165 LEU A CG  1 
ATOM   244 C CD1 . LEU A 1 35 ? 3.847   -6.645  5.507   1.00 14.67 ? 165 LEU A CD1 1 
ATOM   245 C CD2 . LEU A 1 35 ? 1.363   -6.968  5.427   1.00 15.79 ? 165 LEU A CD2 1 
ATOM   246 N N   . LEU A 1 36 ? 1.286   -1.602  5.712   1.00 8.48  ? 166 LEU A N   1 
ATOM   247 C CA  . LEU A 1 36 ? 1.046   -0.345  6.420   1.00 9.41  ? 166 LEU A CA  1 
ATOM   248 C C   . LEU A 1 36 ? -0.441  -0.065  6.535   1.00 9.30  ? 166 LEU A C   1 
ATOM   249 O O   . LEU A 1 36 ? -0.913  0.436   7.564   1.00 10.14 ? 166 LEU A O   1 
ATOM   250 C CB  . LEU A 1 36 ? 1.699   0.813   5.673   1.00 9.41  ? 166 LEU A CB  1 
ATOM   251 C CG  . LEU A 1 36 ? 3.214   0.951   5.717   1.00 11.34 ? 166 LEU A CG  1 
ATOM   252 C CD1 . LEU A 1 36 ? 3.647   2.175   4.925   1.00 12.05 ? 166 LEU A CD1 1 
ATOM   253 C CD2 . LEU A 1 36 ? 3.704   1.034   7.153   1.00 14.05 ? 166 LEU A CD2 1 
ATOM   254 N N   . PHE A 1 37 ? -1.192  -0.372  5.481   1.00 8.15  ? 167 PHE A N   1 
ATOM   255 C CA  . PHE A 1 37 ? -2.619  -0.093  5.464   1.00 9.63  ? 167 PHE A CA  1 
ATOM   256 C C   . PHE A 1 37 ? -3.406  -1.101  6.294   1.00 8.47  ? 167 PHE A C   1 
ATOM   257 O O   . PHE A 1 37 ? -4.198  -0.716  7.159   1.00 10.89 ? 167 PHE A O   1 
ATOM   258 C CB  . PHE A 1 37 ? -3.127  -0.133  4.030   1.00 7.72  ? 167 PHE A CB  1 
ATOM   259 C CG  . PHE A 1 37 ? -2.809  1.096   3.210   1.00 7.78  ? 167 PHE A CG  1 
ATOM   260 C CD1 . PHE A 1 37 ? -2.915  2.379   3.739   1.00 8.30  ? 167 PHE A CD1 1 
ATOM   261 C CD2 . PHE A 1 37 ? -2.441  0.952   1.885   1.00 8.36  ? 167 PHE A CD2 1 
ATOM   262 C CE1 . PHE A 1 37 ? -2.645  3.487   2.949   1.00 8.52  ? 167 PHE A CE1 1 
ATOM   263 C CE2 . PHE A 1 37 ? -2.177  2.050   1.092   1.00 9.11  ? 167 PHE A CE2 1 
ATOM   264 C CZ  . PHE A 1 37 ? -2.274  3.317   1.624   1.00 8.68  ? 167 PHE A CZ  1 
ATOM   265 N N   . ILE A 1 38 ? -3.229  -2.399  6.028   1.00 9.46  ? 168 ILE A N   1 
ATOM   266 C CA  . ILE A 1 38 ? -4.160  -3.376  6.594   1.00 10.29 ? 168 ILE A CA  1 
ATOM   267 C C   . ILE A 1 38 ? -4.020  -3.519  8.101   1.00 11.23 ? 168 ILE A C   1 
ATOM   268 O O   . ILE A 1 38 ? -4.969  -3.952  8.767   1.00 14.20 ? 168 ILE A O   1 
ATOM   269 C CB  . ILE A 1 38 ? -4.118  -4.747  5.891   1.00 11.65 ? 168 ILE A CB  1 
ATOM   270 C CG1 . ILE A 1 38 ? -2.787  -5.451  6.151   1.00 12.55 ? 168 ILE A CG1 1 
ATOM   271 C CG2 . ILE A 1 38 ? -4.396  -4.602  4.409   1.00 12.50 ? 168 ILE A CG2 1 
ATOM   272 C CD1 . ILE A 1 38 ? -2.689  -6.822  5.504   1.00 14.38 ? 168 ILE A CD1 1 
ATOM   273 N N   . HIS A 1 39 ? -2.873  -3.175  8.665   1.00 11.59 ? 169 HIS A N   1 
ATOM   274 C CA  . HIS A 1 39 ? -2.671  -3.307  10.099  1.00 13.65 ? 169 HIS A CA  1 
ATOM   275 C C   . HIS A 1 39 ? -2.903  -2.011  10.850  1.00 12.00 ? 169 HIS A C   1 
ATOM   276 O O   . HIS A 1 39 ? -2.771  -1.986  12.080  1.00 13.11 ? 169 HIS A O   1 
ATOM   277 C CB  . HIS A 1 39 ? -1.275  -3.852  10.375  1.00 14.81 ? 169 HIS A CB  1 
ATOM   278 C CG  . HIS A 1 39 ? -1.110  -5.273  9.941   1.00 14.93 ? 169 HIS A CG  1 
ATOM   279 N ND1 . HIS A 1 39 ? -2.012  -6.257  10.281  1.00 18.56 ? 169 HIS A ND1 1 
ATOM   280 C CD2 . HIS A 1 39 ? -0.176  -5.868  9.163   1.00 16.06 ? 169 HIS A CD2 1 
ATOM   281 C CE1 . HIS A 1 39 ? -1.628  -7.405  9.750   1.00 18.94 ? 169 HIS A CE1 1 
ATOM   282 N NE2 . HIS A 1 39 ? -0.517  -7.196  9.066   1.00 15.59 ? 169 HIS A NE2 1 
ATOM   283 N N   . HIS A 1 40 ? -3.264  -0.942  10.144  1.00 12.27 ? 170 HIS A N   1 
ATOM   284 C CA  . HIS A 1 40 ? -3.478  0.365   10.740  1.00 11.59 ? 170 HIS A CA  1 
ATOM   285 C C   . HIS A 1 40 ? -4.676  1.019   10.063  1.00 11.30 ? 170 HIS A C   1 
ATOM   286 O O   . HIS A 1 40 ? -4.602  2.109   9.507   1.00 10.39 ? 170 HIS A O   1 
ATOM   287 C CB  . HIS A 1 40 ? -2.215  1.212   10.636  1.00 12.80 ? 170 HIS A CB  1 
ATOM   288 C CG  . HIS A 1 40 ? -1.041  0.592   11.316  1.00 14.85 ? 170 HIS A CG  1 
ATOM   289 N ND1 . HIS A 1 40 ? -0.156  -0.242  10.667  1.00 17.35 ? 170 HIS A ND1 1 
ATOM   290 C CD2 . HIS A 1 40 ? -0.638  0.639   12.607  1.00 16.64 ? 170 HIS A CD2 1 
ATOM   291 C CE1 . HIS A 1 40 ? 0.757   -0.661  11.526  1.00 18.69 ? 170 HIS A CE1 1 
ATOM   292 N NE2 . HIS A 1 40 ? 0.488   -0.140  12.709  1.00 21.32 ? 170 HIS A NE2 1 
ATOM   293 N N   . LYS A 1 41 ? -5.804  0.322   10.105  1.00 11.73 ? 171 LYS A N   1 
ATOM   294 C CA  . LYS A 1 41 ? -7.006  0.819   9.461   1.00 12.26 ? 171 LYS A CA  1 
ATOM   295 C C   . LYS A 1 41 ? -7.428  2.142   10.080  1.00 10.97 ? 171 LYS A C   1 
ATOM   296 O O   . LYS A 1 41 ? -7.365  2.330   11.300  1.00 12.62 ? 171 LYS A O   1 
ATOM   297 C CB  . LYS A 1 41 ? -8.122  -0.216  9.571   1.00 16.19 ? 171 LYS A CB  1 
ATOM   298 C CG  . LYS A 1 41 ? -7.710  -1.571  9.022   1.00 21.47 ? 171 LYS A CG  1 
ATOM   299 C CD  . LYS A 1 41 ? -8.743  -2.645  9.300   1.00 28.08 ? 171 LYS A CD  1 
ATOM   300 C CE  . LYS A 1 41 ? -8.252  -3.993  8.796   1.00 31.91 ? 171 LYS A CE  1 
ATOM   301 N NZ  . LYS A 1 41 ? -9.353  -4.982  8.660   1.00 39.28 ? 171 LYS A NZ  1 
ATOM   302 N N   . GLY A 1 42 ? -7.837  3.069   9.221   1.00 10.99 ? 172 GLY A N   1 
ATOM   303 C CA  . GLY A 1 42 ? -8.245  4.383   9.645   1.00 12.27 ? 172 GLY A CA  1 
ATOM   304 C C   . GLY A 1 42 ? -7.121  5.375   9.825   1.00 10.21 ? 172 GLY A C   1 
ATOM   305 O O   . GLY A 1 42 ? -7.389  6.580   9.891   1.00 14.05 ? 172 GLY A O   1 
ATOM   306 N N   . HIS A 1 43 ? -5.874  4.924   9.887   1.00 8.70  ? 173 HIS A N   1 
ATOM   307 C CA  . HIS A 1 43 ? -4.783  5.824   10.220  1.00 9.06  ? 173 HIS A CA  1 
ATOM   308 C C   . HIS A 1 43 ? -4.403  6.678   9.012   1.00 8.02  ? 173 HIS A C   1 
ATOM   309 O O   . HIS A 1 43 ? -4.147  6.134   7.934   1.00 7.71  ? 173 HIS A O   1 
ATOM   310 C CB  . HIS A 1 43 ? -3.563  5.047   10.663  1.00 9.76  ? 173 HIS A CB  1 
ATOM   311 C CG  . HIS A 1 43 ? -2.391  5.921   10.958  1.00 9.57  ? 173 HIS A CG  1 
ATOM   312 N ND1 . HIS A 1 43 ? -2.327  6.722   12.077  1.00 12.33 ? 173 HIS A ND1 1 
ATOM   313 C CD2 . HIS A 1 43 ? -1.260  6.161   10.256  1.00 9.37  ? 173 HIS A CD2 1 
ATOM   314 C CE1 . HIS A 1 43 ? -1.193  7.401   12.063  1.00 12.35 ? 173 HIS A CE1 1 
ATOM   315 N NE2 . HIS A 1 43 ? -0.526  7.074   10.972  1.00 10.91 ? 173 HIS A NE2 1 
ATOM   316 N N   . PRO A 1 44 ? -4.332  7.999   9.159   1.00 8.02  ? 174 PRO A N   1 
ATOM   317 C CA  . PRO A 1 44 ? -3.908  8.859   8.043   1.00 8.00  ? 174 PRO A CA  1 
ATOM   318 C C   . PRO A 1 44 ? -2.391  8.853   7.905   1.00 6.94  ? 174 PRO A C   1 
ATOM   319 O O   . PRO A 1 44 ? -1.674  9.330   8.786   1.00 9.14  ? 174 PRO A O   1 
ATOM   320 C CB  . PRO A 1 44 ? -4.426  10.244  8.447   1.00 10.45 ? 174 PRO A CB  1 
ATOM   321 C CG  . PRO A 1 44 ? -4.576  10.196  9.922   1.00 13.88 ? 174 PRO A CG  1 
ATOM   322 C CD  . PRO A 1 44 ? -4.761  8.770   10.339  1.00 10.10 ? 174 PRO A CD  1 
ATOM   323 N N   . TYR A 1 45 ? -1.904  8.331   6.782   1.00 6.60  ? 175 TYR A N   1 
ATOM   324 C CA  . TYR A 1 45 ? -0.479  8.326   6.484   1.00 6.62  ? 175 TYR A CA  1 
ATOM   325 C C   . TYR A 1 45 ? -0.164  9.477   5.541   1.00 5.95  ? 175 TYR A C   1 
ATOM   326 O O   . TYR A 1 45 ? -0.725  9.555   4.444   1.00 6.69  ? 175 TYR A O   1 
ATOM   327 C CB  . TYR A 1 45 ? -0.099  7.038   5.766   1.00 7.70  ? 175 TYR A CB  1 
ATOM   328 C CG  . TYR A 1 45 ? 0.029   5.813   6.624   1.00 7.41  ? 175 TYR A CG  1 
ATOM   329 C CD1 . TYR A 1 45 ? 1.175   5.585   7.362   1.00 8.03  ? 175 TYR A CD1 1 
ATOM   330 C CD2 . TYR A 1 45 ? -0.974  4.852   6.650   1.00 7.39  ? 175 TYR A CD2 1 
ATOM   331 C CE1 . TYR A 1 45 ? 1.314   4.441   8.128   1.00 9.75  ? 175 TYR A CE1 1 
ATOM   332 C CE2 . TYR A 1 45 ? -0.846  3.706   7.415   1.00 8.39  ? 175 TYR A CE2 1 
ATOM   333 C CZ  . TYR A 1 45 ? 0.301   3.506   8.150   1.00 7.70  ? 175 TYR A CZ  1 
ATOM   334 O OH  . TYR A 1 45 ? 0.440   2.362   8.906   1.00 9.98  ? 175 TYR A OH  1 
ATOM   335 N N   . SER A 1 46 ? 0.763   10.337  5.933   1.00 6.06  ? 176 SER A N   1 
ATOM   336 C CA  . SER A 1 46 ? 1.250   11.308  4.967   1.00 6.20  ? 176 SER A CA  1 
ATOM   337 C C   . SER A 1 46 ? 2.145   10.619  3.941   1.00 6.43  ? 176 SER A C   1 
ATOM   338 O O   . SER A 1 46 ? 2.652   9.520   4.164   1.00 6.32  ? 176 SER A O   1 
ATOM   339 C CB  . SER A 1 46 ? 2.039   12.402  5.671   1.00 7.00  ? 176 SER A CB  1 
ATOM   340 O OG  . SER A 1 46 ? 3.295   11.911  6.083   1.00 7.38  ? 176 SER A OG  1 
ATOM   341 N N   . ARG A 1 47 ? 2.364   11.292  2.808   1.00 6.22  ? 177 ARG A N   1 
ATOM   342 C CA  . ARG A 1 47 ? 3.302   10.751  1.832   1.00 6.60  ? 177 ARG A CA  1 
ATOM   343 C C   . ARG A 1 47 ? 4.683   10.555  2.441   1.00 6.68  ? 177 ARG A C   1 
ATOM   344 O O   . ARG A 1 47 ? 5.331   9.535   2.193   1.00 7.77  ? 177 ARG A O   1 
ATOM   345 C CB  . ARG A 1 47 ? 3.374   11.636  0.589   1.00 8.33  ? 177 ARG A CB  1 
ATOM   346 C CG  . ARG A 1 47 ? 2.185   11.480  -0.318  1.00 10.56 ? 177 ARG A CG  1 
ATOM   347 C CD  . ARG A 1 47 ? 2.258   12.386  -1.528  1.00 11.70 ? 177 ARG A CD  1 
ATOM   348 N NE  . ARG A 1 47 ? 1.069   12.202  -2.346  1.00 14.56 ? 177 ARG A NE  1 
ATOM   349 C CZ  . ARG A 1 47 ? -0.097  12.787  -2.102  1.00 11.39 ? 177 ARG A CZ  1 
ATOM   350 N NH1 . ARG A 1 47 ? -0.225  13.614  -1.074  1.00 17.51 ? 177 ARG A NH1 1 
ATOM   351 N NH2 . ARG A 1 47 ? -1.133  12.560  -2.898  1.00 19.70 ? 177 ARG A NH2 1 
ATOM   352 N N   . GLU A 1 48 ? 5.149   11.514  3.250   1.00 6.94  ? 178 GLU A N   1 
ATOM   353 C CA  . GLU A 1 48 ? 6.446   11.357  3.901   1.00 7.21  ? 178 GLU A CA  1 
ATOM   354 C C   . GLU A 1 48 ? 6.452   10.152  4.833   1.00 7.42  ? 178 GLU A C   1 
ATOM   355 O O   . GLU A 1 48 ? 7.438   9.406   4.883   1.00 7.62  ? 178 GLU A O   1 
ATOM   356 C CB  . GLU A 1 48 ? 6.818   12.622  4.673   1.00 7.48  ? 178 GLU A CB  1 
ATOM   357 C CG  . GLU A 1 48 ? 8.024   12.419  5.572   1.00 8.53  ? 178 GLU A CG  1 
ATOM   358 C CD  . GLU A 1 48 ? 8.670   13.700  6.042   1.00 10.15 ? 178 GLU A CD  1 
ATOM   359 O OE1 . GLU A 1 48 ? 8.350   14.779  5.501   1.00 10.39 ? 178 GLU A OE1 1 
ATOM   360 O OE2 . GLU A 1 48 ? 9.520   13.628  6.963   1.00 10.60 ? 178 GLU A OE2 1 
ATOM   361 N N   . ASP A 1 49 ? 5.365   9.948   5.590   1.00 7.37  ? 179 ASP A N   1 
ATOM   362 C CA  . ASP A 1 49 ? 5.276   8.783   6.471   1.00 7.60  ? 179 ASP A CA  1 
ATOM   363 C C   . ASP A 1 49 ? 5.504   7.497   5.681   1.00 7.01  ? 179 ASP A C   1 
ATOM   364 O O   . ASP A 1 49 ? 6.256   6.614   6.106   1.00 7.93  ? 179 ASP A O   1 
ATOM   365 C CB  . ASP A 1 49 ? 3.895   8.693   7.140   1.00 8.07  ? 179 ASP A CB  1 
ATOM   366 C CG  . ASP A 1 49 ? 3.592   9.822   8.115   1.00 9.00  ? 179 ASP A CG  1 
ATOM   367 O OD1 . ASP A 1 49 ? 4.517   10.481  8.643   1.00 10.25 ? 179 ASP A OD1 1 
ATOM   368 O OD2 . ASP A 1 49 ? 2.375   10.023  8.372   1.00 9.98  ? 179 ASP A OD2 1 
ATOM   369 N N   . ILE A 1 50 ? 4.816   7.361   4.545   1.00 6.65  ? 180 ILE A N   1 
ATOM   370 C CA  . ILE A 1 50 ? 4.951   6.166   3.719   1.00 6.79  ? 180 ILE A CA  1 
ATOM   371 C C   . ILE A 1 50 ? 6.358   6.058   3.155   1.00 7.74  ? 180 ILE A C   1 
ATOM   372 O O   . ILE A 1 50 ? 6.955   4.974   3.145   1.00 8.42  ? 180 ILE A O   1 
ATOM   373 C CB  . ILE A 1 50 ? 3.886   6.164   2.609   1.00 7.49  ? 180 ILE A CB  1 
ATOM   374 C CG1 . ILE A 1 50 ? 2.493   6.032   3.219   1.00 7.77  ? 180 ILE A CG1 1 
ATOM   375 C CG2 . ILE A 1 50 ? 4.157   5.050   1.603   1.00 8.44  ? 180 ILE A CG2 1 
ATOM   376 C CD1 . ILE A 1 50 ? 1.377   6.343   2.256   1.00 8.71  ? 180 ILE A CD1 1 
ATOM   377 N N   . LEU A 1 51 ? 6.905   7.172   2.666   1.00 7.75  ? 181 LEU A N   1 
ATOM   378 C CA  . LEU A 1 51 ? 8.248   7.145   2.098   1.00 8.74  ? 181 LEU A CA  1 
ATOM   379 C C   . LEU A 1 51 ? 9.257   6.613   3.100   1.00 9.25  ? 181 LEU A C   1 
ATOM   380 O O   . LEU A 1 51 ? 10.092  5.762   2.769   1.00 9.27  ? 181 LEU A O   1 
ATOM   381 C CB  . LEU A 1 51 ? 8.656   8.548   1.675   1.00 10.83 ? 181 LEU A CB  1 
ATOM   382 C CG  . LEU A 1 51 ? 8.225   8.935   0.276   1.00 11.88 ? 181 LEU A CG  1 
ATOM   383 C CD1 . LEU A 1 51 ? 8.480   10.387  0.061   1.00 13.67 ? 181 LEU A CD1 1 
ATOM   384 C CD2 . LEU A 1 51 ? 8.937   8.103   -0.782  1.00 15.12 ? 181 LEU A CD2 1 
ATOM   385 N N   . LEU A 1 52 ? 9.216   7.127   4.331   1.00 7.97  ? 182 LEU A N   1 
ATOM   386 C CA  . LEU A 1 52 ? 10.214  6.727   5.312   1.00 8.57  ? 182 LEU A CA  1 
ATOM   387 C C   . LEU A 1 52 ? 10.093  5.254   5.656   1.00 8.31  ? 182 LEU A C   1 
ATOM   388 O O   . LEU A 1 52 ? 11.098  4.605   5.968   1.00 10.92 ? 182 LEU A O   1 
ATOM   389 C CB  . LEU A 1 52 ? 10.093  7.579   6.571   1.00 9.05  ? 182 LEU A CB  1 
ATOM   390 C CG  . LEU A 1 52 ? 10.451  9.053   6.387   1.00 9.52  ? 182 LEU A CG  1 
ATOM   391 C CD1 . LEU A 1 52 ? 10.220  9.808   7.686   1.00 11.47 ? 182 LEU A CD1 1 
ATOM   392 C CD2 . LEU A 1 52 ? 11.890  9.217   5.913   1.00 10.84 ? 182 LEU A CD2 1 
ATOM   393 N N   . LYS A 1 53 ? 8.881   4.704   5.592   1.00 8.59  ? 183 LYS A N   1 
ATOM   394 C CA  . LYS A 1 53 ? 8.686   3.307   5.947   1.00 10.00 ? 183 LYS A CA  1 
ATOM   395 C C   . LYS A 1 53 ? 8.854   2.349   4.778   1.00 11.27 ? 183 LYS A C   1 
ATOM   396 O O   . LYS A 1 53 ? 9.034   1.149   5.012   1.00 16.23 ? 183 LYS A O   1 
ATOM   397 C CB  . LYS A 1 53 ? 7.332   3.116   6.636   1.00 14.36 ? 183 LYS A CB  1 
ATOM   398 C CG  . LYS A 1 53 ? 7.359   3.597   8.082   1.00 16.91 ? 183 LYS A CG  1 
ATOM   399 C CD  . LYS A 1 53 ? 6.039   3.420   8.805   1.00 20.81 ? 183 LYS A CD  1 
ATOM   400 C CE  . LYS A 1 53 ? 6.207   3.729   10.285  1.00 20.73 ? 183 LYS A CE  1 
ATOM   401 N NZ  . LYS A 1 53 ? 4.905   3.924   10.986  1.00 22.19 ? 183 LYS A NZ  1 
ATOM   402 N N   . VAL A 1 54 ? 8.821   2.833   3.539   1.00 9.11  ? 184 VAL A N   1 
ATOM   403 C CA  . VAL A 1 54 ? 8.908   1.978   2.366   1.00 9.56  ? 184 VAL A CA  1 
ATOM   404 C C   . VAL A 1 54 ? 10.202  2.203   1.591   1.00 10.05 ? 184 VAL A C   1 
ATOM   405 O O   . VAL A 1 54 ? 10.869  1.239   1.207   1.00 13.03 ? 184 VAL A O   1 
ATOM   406 C CB  . VAL A 1 54 ? 7.665   2.129   1.458   1.00 9.25  ? 184 VAL A CB  1 
ATOM   407 C CG1 . VAL A 1 54 ? 7.826   1.318   0.175   1.00 10.60 ? 184 VAL A CG1 1 
ATOM   408 C CG2 . VAL A 1 54 ? 6.402   1.712   2.213   1.00 10.47 ? 184 VAL A CG2 1 
ATOM   409 N N   . TRP A 1 55 ? 10.585  3.458   1.369   1.00 9.05  ? 185 TRP A N   1 
ATOM   410 C CA  . TRP A 1 55 ? 11.848  3.765   0.709   1.00 8.84  ? 185 TRP A CA  1 
ATOM   411 C C   . TRP A 1 55 ? 13.008  3.933   1.685   1.00 10.84 ? 185 TRP A C   1 
ATOM   412 O O   . TRP A 1 55 ? 14.164  3.718   1.299   1.00 15.80 ? 185 TRP A O   1 
ATOM   413 C CB  . TRP A 1 55 ? 11.715  5.039   -0.127  1.00 9.42  ? 185 TRP A CB  1 
ATOM   414 C CG  . TRP A 1 55 ? 11.187  4.815   -1.508  1.00 9.42  ? 185 TRP A CG  1 
ATOM   415 C CD1 . TRP A 1 55 ? 11.917  4.748   -2.655  1.00 11.56 ? 185 TRP A CD1 1 
ATOM   416 C CD2 . TRP A 1 55 ? 9.816   4.647   -1.895  1.00 8.16  ? 185 TRP A CD2 1 
ATOM   417 N NE1 . TRP A 1 55 ? 11.092  4.539   -3.732  1.00 12.97 ? 185 TRP A NE1 1 
ATOM   418 C CE2 . TRP A 1 55 ? 9.796   4.471   -3.293  1.00 10.84 ? 185 TRP A CE2 1 
ATOM   419 C CE3 . TRP A 1 55 ? 8.607   4.615   -1.195  1.00 9.03  ? 185 TRP A CE3 1 
ATOM   420 C CZ2 . TRP A 1 55 ? 8.614   4.274   -4.005  1.00 11.16 ? 185 TRP A CZ2 1 
ATOM   421 C CZ3 . TRP A 1 55 ? 7.434   4.430   -1.908  1.00 10.47 ? 185 TRP A CZ3 1 
ATOM   422 C CH2 . TRP A 1 55 ? 7.448   4.264   -3.297  1.00 10.18 ? 185 TRP A CH2 1 
ATOM   423 N N   . GLY A 1 56 ? 12.745  4.324   2.923   1.00 9.06  ? 186 GLY A N   1 
ATOM   424 C CA  . GLY A 1 56 ? 13.795  4.458   3.909   1.00 9.30  ? 186 GLY A CA  1 
ATOM   425 C C   . GLY A 1 56 ? 14.174  5.898   4.197   1.00 9.23  ? 186 GLY A C   1 
ATOM   426 O O   . GLY A 1 56 ? 13.473  6.853   3.857   1.00 10.07 ? 186 GLY A O   1 
ATOM   427 N N   . HIS A 1 57 ? 15.338  6.043   4.828   1.00 8.29  ? 187 HIS A N   1 
ATOM   428 C CA  . HIS A 1 57 ? 15.743  7.274   5.494   1.00 8.79  ? 187 HIS A CA  1 
ATOM   429 C C   . HIS A 1 57 ? 16.698  8.118   4.669   1.00 9.88  ? 187 HIS A C   1 
ATOM   430 O O   . HIS A 1 57 ? 17.111  9.189   5.132   1.00 11.81 ? 187 HIS A O   1 
ATOM   431 C CB  . HIS A 1 57 ? 16.448  6.921   6.797   1.00 8.97  ? 187 HIS A CB  1 
ATOM   432 C CG  . HIS A 1 57 ? 17.657  6.069   6.585   1.00 10.31 ? 187 HIS A CG  1 
ATOM   433 N ND1 . HIS A 1 57 ? 17.583  4.697   6.475   1.00 14.32 ? 187 HIS A ND1 1 
ATOM   434 C CD2 . HIS A 1 57 ? 18.957  6.395   6.403   1.00 13.33 ? 187 HIS A CD2 1 
ATOM   435 C CE1 . HIS A 1 57 ? 18.794  4.212   6.265   1.00 15.01 ? 187 HIS A CE1 1 
ATOM   436 N NE2 . HIS A 1 57 ? 19.644  5.221   6.212   1.00 14.16 ? 187 HIS A NE2 1 
ATOM   437 N N   . ASP A 1 58 ? 17.096  7.651   3.488   1.00 9.98  ? 188 ASP A N   1 
ATOM   438 C CA  . ASP A 1 58 ? 18.084  8.340   2.666   1.00 11.85 ? 188 ASP A CA  1 
ATOM   439 C C   . ASP A 1 58 ? 17.552  8.623   1.263   1.00 11.60 ? 188 ASP A C   1 
ATOM   440 O O   . ASP A 1 58 ? 18.323  8.731   0.306   1.00 14.60 ? 188 ASP A O   1 
ATOM   441 C CB  . ASP A 1 58 ? 19.398  7.559   2.621   1.00 13.25 ? 188 ASP A CB  1 
ATOM   442 C CG  . ASP A 1 58 ? 19.209  6.122   2.180   1.00 20.07 ? 188 ASP A CG  1 
ATOM   443 O OD1 . ASP A 1 58 ? 20.222  5.397   2.058   1.00 26.08 ? 188 ASP A OD1 1 
ATOM   444 O OD2 . ASP A 1 58 ? 18.051  5.711   1.954   1.00 23.97 ? 188 ASP A OD2 1 
ATOM   445 N N   . TYR A 1 59 ? 16.237  8.749   1.129   1.00 9.86  ? 189 TYR A N   1 
ATOM   446 C CA  . TYR A 1 59 ? 15.592  9.073   -0.138  1.00 10.59 ? 189 TYR A CA  1 
ATOM   447 C C   . TYR A 1 59 ? 15.126  10.518  -0.086  1.00 9.64  ? 189 TYR A C   1 
ATOM   448 O O   . TYR A 1 59 ? 14.433  10.915  0.857   1.00 10.27 ? 189 TYR A O   1 
ATOM   449 C CB  . TYR A 1 59 ? 14.386  8.163   -0.388  1.00 12.27 ? 189 TYR A CB  1 
ATOM   450 C CG  . TYR A 1 59 ? 13.546  8.560   -1.595  1.00 13.10 ? 189 TYR A CG  1 
ATOM   451 C CD1 . TYR A 1 59 ? 13.839  8.059   -2.858  1.00 13.43 ? 189 TYR A CD1 1 
ATOM   452 C CD2 . TYR A 1 59 ? 12.468  9.438   -1.471  1.00 12.90 ? 189 TYR A CD2 1 
ATOM   453 C CE1 . TYR A 1 59 ? 13.079  8.412   -3.965  1.00 12.08 ? 189 TYR A CE1 1 
ATOM   454 C CE2 . TYR A 1 59 ? 11.704  9.804   -2.575  1.00 11.54 ? 189 TYR A CE2 1 
ATOM   455 C CZ  . TYR A 1 59 ? 12.021  9.289   -3.821  1.00 11.36 ? 189 TYR A CZ  1 
ATOM   456 O OH  . TYR A 1 59 ? 11.284  9.631   -4.935  1.00 10.99 ? 189 TYR A OH  1 
ATOM   457 N N   . PHE A 1 60 ? 15.485  11.299  -1.105  1.00 9.55  ? 190 PHE A N   1 
ATOM   458 C CA  . PHE A 1 60 ? 15.145  12.717  -1.110  1.00 10.87 ? 190 PHE A CA  1 
ATOM   459 C C   . PHE A 1 60 ? 14.467  13.160  -2.398  1.00 11.56 ? 190 PHE A C   1 
ATOM   460 O O   . PHE A 1 60 ? 14.366  14.362  -2.653  1.00 15.17 ? 190 PHE A O   1 
ATOM   461 C CB  . PHE A 1 60 ? 16.360  13.582  -0.775  1.00 12.10 ? 190 PHE A CB  1 
ATOM   462 C CG  . PHE A 1 60 ? 16.853  13.361  0.609   1.00 11.18 ? 190 PHE A CG  1 
ATOM   463 C CD1 . PHE A 1 60 ? 16.168  13.890  1.694   1.00 11.97 ? 190 PHE A CD1 1 
ATOM   464 C CD2 . PHE A 1 60 ? 17.955  12.566  0.838   1.00 11.20 ? 190 PHE A CD2 1 
ATOM   465 C CE1 . PHE A 1 60 ? 16.602  13.657  2.981   1.00 13.14 ? 190 PHE A CE1 1 
ATOM   466 C CE2 . PHE A 1 60 ? 18.401  12.333  2.124   1.00 12.20 ? 190 PHE A CE2 1 
ATOM   467 C CZ  . PHE A 1 60 ? 17.720  12.878  3.195   1.00 12.98 ? 190 PHE A CZ  1 
ATOM   468 N N   . GLY A 1 61 ? 13.974  12.220  -3.191  1.00 10.90 ? 191 GLY A N   1 
ATOM   469 C CA  . GLY A 1 61 ? 13.311  12.531  -4.441  1.00 11.66 ? 191 GLY A CA  1 
ATOM   470 C C   . GLY A 1 61 ? 11.849  12.897  -4.270  1.00 9.15  ? 191 GLY A C   1 
ATOM   471 O O   . GLY A 1 61 ? 11.370  13.219  -3.176  1.00 10.36 ? 191 GLY A O   1 
ATOM   472 N N   . THR A 1 62 ? 11.129  12.847  -5.388  1.00 8.54  ? 192 THR A N   1 
ATOM   473 C CA  . THR A 1 62 ? 9.744   13.296  -5.414  1.00 7.05  ? 192 THR A CA  1 
ATOM   474 C C   . THR A 1 62 ? 8.865   12.384  -4.568  1.00 7.21  ? 192 THR A C   1 
ATOM   475 O O   . THR A 1 62 ? 9.069   11.167  -4.515  1.00 8.49  ? 192 THR A O   1 
ATOM   476 C CB  . THR A 1 62 ? 9.218   13.338  -6.854  1.00 7.79  ? 192 THR A CB  1 
ATOM   477 O OG1 . THR A 1 62 ? 7.863   13.785  -6.849  1.00 7.79  ? 192 THR A OG1 1 
ATOM   478 C CG2 . THR A 1 62 ? 9.270   11.968  -7.530  1.00 9.01  ? 192 THR A CG2 1 
ATOM   479 N N   . ASP A 1 63 ? 7.871   12.976  -3.904  1.00 7.11  ? 193 ASP A N   1 
ATOM   480 C CA  . ASP A 1 63 ? 6.880   12.156  -3.219  1.00 7.10  ? 193 ASP A CA  1 
ATOM   481 C C   . ASP A 1 63 ? 5.864   11.539  -4.172  1.00 6.78  ? 193 ASP A C   1 
ATOM   482 O O   . ASP A 1 63 ? 5.043   10.725  -3.737  1.00 7.26  ? 193 ASP A O   1 
ATOM   483 C CB  . ASP A 1 63 ? 6.220   12.900  -2.048  1.00 8.11  ? 193 ASP A CB  1 
ATOM   484 C CG  . ASP A 1 63 ? 5.346   14.056  -2.476  1.00 9.30  ? 193 ASP A CG  1 
ATOM   485 O OD1 . ASP A 1 63 ? 5.135   14.269  -3.681  1.00 10.18 ? 193 ASP A OD1 1 
ATOM   486 O OD2 . ASP A 1 63 ? 4.855   14.766  -1.564  1.00 11.94 ? 193 ASP A OD2 1 
ATOM   487 N N   . ARG A 1 64 ? 5.931   11.867  -5.464  1.00 6.35  ? 194 ARG A N   1 
ATOM   488 C CA  . ARG A 1 64 ? 5.021   11.278  -6.435  1.00 6.12  ? 194 ARG A CA  1 
ATOM   489 C C   . ARG A 1 64 ? 5.243   9.783   -6.600  1.00 5.75  ? 194 ARG A C   1 
ATOM   490 O O   . ARG A 1 64 ? 4.346   9.092   -7.097  1.00 6.70  ? 194 ARG A O   1 
ATOM   491 C CB  . ARG A 1 64 ? 5.120   12.024  -7.771  1.00 7.67  ? 194 ARG A CB  1 
ATOM   492 C CG  . ARG A 1 64 ? 4.575   13.452  -7.677  1.00 9.79  ? 194 ARG A CG  1 
ATOM   493 C CD  . ARG A 1 64 ? 4.779   14.257  -8.955  1.00 13.59 ? 194 ARG A CD  1 
ATOM   494 N NE  . ARG A 1 64 ? 3.814   13.951  -10.013 1.00 14.19 ? 194 ARG A NE  1 
ATOM   495 C CZ  . ARG A 1 64 ? 2.544   14.360  -10.052 1.00 12.24 ? 194 ARG A CZ  1 
ATOM   496 N NH1 . ARG A 1 64 ? 2.032   15.100  -9.073  1.00 15.37 ? 194 ARG A NH1 1 
ATOM   497 N NH2 . ARG A 1 64 ? 1.781   14.022  -11.086 1.00 15.86 ? 194 ARG A NH2 1 
ATOM   498 N N   . VAL A 1 65 ? 6.397   9.264   -6.177  1.00 6.08  ? 195 VAL A N   1 
ATOM   499 C CA  . VAL A 1 65 ? 6.587   7.814   -6.183  1.00 6.49  ? 195 VAL A CA  1 
ATOM   500 C C   . VAL A 1 65 ? 5.591   7.124   -5.255  1.00 5.81  ? 195 VAL A C   1 
ATOM   501 O O   . VAL A 1 65 ? 5.193   5.981   -5.509  1.00 6.50  ? 195 VAL A O   1 
ATOM   502 C CB  . VAL A 1 65 ? 8.045   7.402   -5.878  1.00 7.27  ? 195 VAL A CB  1 
ATOM   503 C CG1 . VAL A 1 65 ? 8.995   7.979   -6.918  1.00 8.39  ? 195 VAL A CG1 1 
ATOM   504 C CG2 . VAL A 1 65 ? 8.460   7.796   -4.456  1.00 7.89  ? 195 VAL A CG2 1 
ATOM   505 N N   . VAL A 1 66 ? 5.182   7.791   -4.172  1.00 6.17  ? 196 VAL A N   1 
ATOM   506 C CA  . VAL A 1 66 ? 4.176   7.220   -3.279  1.00 6.63  ? 196 VAL A CA  1 
ATOM   507 C C   . VAL A 1 66 ? 2.837   7.122   -3.987  1.00 6.34  ? 196 VAL A C   1 
ATOM   508 O O   . VAL A 1 66 ? 2.150   6.095   -3.918  1.00 6.69  ? 196 VAL A O   1 
ATOM   509 C CB  . VAL A 1 66 ? 4.057   8.051   -1.989  1.00 7.09  ? 196 VAL A CB  1 
ATOM   510 C CG1 . VAL A 1 66 ? 2.933   7.490   -1.118  1.00 8.70  ? 196 VAL A CG1 1 
ATOM   511 C CG2 . VAL A 1 66 ? 5.348   8.043   -1.236  1.00 8.87  ? 196 VAL A CG2 1 
ATOM   512 N N   . ASP A 1 67 ? 2.441   8.194   -4.675  1.00 6.53  ? 197 ASP A N   1 
ATOM   513 C CA  . ASP A 1 67 ? 1.174   8.164   -5.394  1.00 7.17  ? 197 ASP A CA  1 
ATOM   514 C C   . ASP A 1 67 ? 1.171   7.039   -6.412  1.00 6.47  ? 197 ASP A C   1 
ATOM   515 O O   . ASP A 1 67 ? 0.178   6.320   -6.555  1.00 6.74  ? 197 ASP A O   1 
ATOM   516 C CB  . ASP A 1 67 ? 0.943   9.488   -6.117  1.00 7.88  ? 197 ASP A CB  1 
ATOM   517 C CG  . ASP A 1 67 ? 0.908   10.669  -5.181  1.00 8.59  ? 197 ASP A CG  1 
ATOM   518 O OD1 . ASP A 1 67 ? 0.347   10.550  -4.065  1.00 11.91 ? 197 ASP A OD1 1 
ATOM   519 O OD2 . ASP A 1 67 ? 1.430   11.733  -5.570  1.00 14.05 ? 197 ASP A OD2 1 
ATOM   520 N N   . ASP A 1 68 ? 2.281   6.874   -7.129  1.00 6.07  ? 198 ASP A N   1 
ATOM   521 C CA  . ASP A 1 68 ? 2.389   5.803   -8.110  1.00 6.84  ? 198 ASP A CA  1 
ATOM   522 C C   . ASP A 1 68 ? 2.245   4.435   -7.450  1.00 5.53  ? 198 ASP A C   1 
ATOM   523 O O   . ASP A 1 68 ? 1.525   3.563   -7.952  1.00 6.12  ? 198 ASP A O   1 
ATOM   524 C CB  . ASP A 1 68 ? 3.731   5.923   -8.825  1.00 7.30  ? 198 ASP A CB  1 
ATOM   525 C CG  . ASP A 1 68 ? 3.909   4.870   -9.871  1.00 9.52  ? 198 ASP A CG  1 
ATOM   526 O OD1 . ASP A 1 68 ? 3.141   4.890   -10.853 1.00 12.87 ? 198 ASP A OD1 1 
ATOM   527 O OD2 . ASP A 1 68 ? 4.800   4.016   -9.700  1.00 12.86 ? 198 ASP A OD2 1 
ATOM   528 N N   . LEU A 1 69 ? 2.930   4.232   -6.322  1.00 5.32  ? 199 LEU A N   1 
ATOM   529 C CA  . LEU A 1 69 ? 2.846   2.952   -5.628  1.00 5.80  ? 199 LEU A CA  1 
ATOM   530 C C   . LEU A 1 69 ? 1.412   2.645   -5.204  1.00 5.48  ? 199 LEU A C   1 
ATOM   531 O O   . LEU A 1 69 ? 0.945   1.507   -5.346  1.00 5.81  ? 199 LEU A O   1 
ATOM   532 C CB  . LEU A 1 69 ? 3.774   2.958   -4.419  1.00 6.35  ? 199 LEU A CB  1 
ATOM   533 C CG  . LEU A 1 69 ? 4.085   1.607   -3.779  1.00 6.50  ? 199 LEU A CG  1 
ATOM   534 C CD1 . LEU A 1 69 ? 4.974   0.753   -4.678  1.00 8.23  ? 199 LEU A CD1 1 
ATOM   535 C CD2 . LEU A 1 69 ? 4.743   1.800   -2.432  1.00 7.61  ? 199 LEU A CD2 1 
ATOM   536 N N   . VAL A 1 70 ? 0.704   3.648   -4.671  1.00 5.47  ? 200 VAL A N   1 
ATOM   537 C CA  . VAL A 1 70 ? -0.681  3.434   -4.253  1.00 5.46  ? 200 VAL A CA  1 
ATOM   538 C C   . VAL A 1 70 ? -1.550  3.061   -5.447  1.00 5.29  ? 200 VAL A C   1 
ATOM   539 O O   . VAL A 1 70 ? -2.397  2.167   -5.360  1.00 5.54  ? 200 VAL A O   1 
ATOM   540 C CB  . VAL A 1 70 ? -1.232  4.670   -3.511  1.00 6.29  ? 200 VAL A CB  1 
ATOM   541 C CG1 . VAL A 1 70 ? -2.719  4.499   -3.235  1.00 7.94  ? 200 VAL A CG1 1 
ATOM   542 C CG2 . VAL A 1 70 ? -0.493  4.904   -2.214  1.00 6.87  ? 200 VAL A CG2 1 
ATOM   543 N N   . ARG A 1 71 ? -1.378  3.758   -6.572  1.00 5.48  ? 201 ARG A N   1 
ATOM   544 C CA  . ARG A 1 71 ? -2.205  3.470   -7.740  1.00 5.76  ? 201 ARG A CA  1 
ATOM   545 C C   . ARG A 1 71 ? -1.975  2.054   -8.243  1.00 5.38  ? 201 ARG A C   1 
ATOM   546 O O   . ARG A 1 71 ? -2.923  1.367   -8.646  1.00 5.79  ? 201 ARG A O   1 
ATOM   547 C CB  . ARG A 1 71 ? -1.921  4.478   -8.852  1.00 6.15  ? 201 ARG A CB  1 
ATOM   548 C CG  . ARG A 1 71 ? -2.392  5.885   -8.540  1.00 6.84  ? 201 ARG A CG  1 
ATOM   549 C CD  . ARG A 1 71 ? -2.273  6.812   -9.751  1.00 8.60  ? 201 ARG A CD  1 
ATOM   550 N NE  . ARG A 1 71 ? -0.941  6.814   -10.365 1.00 9.19  ? 201 ARG A NE  1 
ATOM   551 C CZ  . ARG A 1 71 ? -0.028  7.769   -10.199 1.00 9.83  ? 201 ARG A CZ  1 
ATOM   552 N NH1 . ARG A 1 71 ? -0.287  8.817   -9.422  1.00 9.78  ? 201 ARG A NH1 1 
ATOM   553 N NH2 . ARG A 1 71 ? 1.144   7.671   -10.820 1.00 8.94  ? 201 ARG A NH2 1 
ATOM   554 N N   . ARG A 1 72 ? -0.718  1.614   -8.256  1.00 5.86  ? 202 ARG A N   1 
ATOM   555 C CA  . ARG A 1 72 ? -0.436  0.244   -8.658  1.00 5.97  ? 202 ARG A CA  1 
ATOM   556 C C   . ARG A 1 72 ? -1.089  -0.749  -7.712  1.00 5.89  ? 202 ARG A C   1 
ATOM   557 O O   . ARG A 1 72 ? -1.681  -1.739  -8.154  1.00 6.84  ? 202 ARG A O   1 
ATOM   558 C CB  . ARG A 1 72 ? 1.068   0.015   -8.698  1.00 7.50  ? 202 ARG A CB  1 
ATOM   559 C CG  . ARG A 1 72 ? 1.741   0.762   -9.819  1.00 7.96  ? 202 ARG A CG  1 
ATOM   560 C CD  . ARG A 1 72 ? 3.233   0.551   -9.775  1.00 12.40 ? 202 ARG A CD  1 
ATOM   561 N NE  . ARG A 1 72 ? 3.929   1.529   -10.595 1.00 12.82 ? 202 ARG A NE  1 
ATOM   562 C CZ  . ARG A 1 72 ? 4.308   1.318   -11.848 1.00 17.88 ? 202 ARG A CZ  1 
ATOM   563 N NH1 . ARG A 1 72 ? 4.062   0.154   -12.433 1.00 19.68 ? 202 ARG A NH1 1 
ATOM   564 N NH2 . ARG A 1 72 ? 4.932   2.278   -12.512 1.00 16.20 ? 202 ARG A NH2 1 
ATOM   565 N N   . LEU A 1 73 ? -0.985  -0.504  -6.405  1.00 5.17  ? 203 LEU A N   1 
ATOM   566 C CA  . LEU A 1 73 ? -1.630  -1.386  -5.442  1.00 6.36  ? 203 LEU A CA  1 
ATOM   567 C C   . LEU A 1 73 ? -3.137  -1.427  -5.666  1.00 5.53  ? 203 LEU A C   1 
ATOM   568 O O   . LEU A 1 73 ? -3.748  -2.504  -5.655  1.00 6.38  ? 203 LEU A O   1 
ATOM   569 C CB  . LEU A 1 73 ? -1.294  -0.934  -4.024  1.00 5.75  ? 203 LEU A CB  1 
ATOM   570 C CG  . LEU A 1 73 ? -1.885  -1.799  -2.902  1.00 6.52  ? 203 LEU A CG  1 
ATOM   571 C CD1 . LEU A 1 73 ? -1.311  -3.207  -2.911  1.00 8.56  ? 203 LEU A CD1 1 
ATOM   572 C CD2 . LEU A 1 73 ? -1.676  -1.157  -1.543  1.00 8.07  ? 203 LEU A CD2 1 
ATOM   573 N N   . ARG A 1 74 ? -3.756  -0.263  -5.884  1.00 6.09  ? 204 ARG A N   1 
ATOM   574 C CA  . ARG A 1 74 ? -5.206  -0.222  -6.051  1.00 6.07  ? 204 ARG A CA  1 
ATOM   575 C C   . ARG A 1 74 ? -5.662  -0.853  -7.360  1.00 5.63  ? 204 ARG A C   1 
ATOM   576 O O   . ARG A 1 74 ? -6.772  -1.395  -7.427  1.00 7.41  ? 204 ARG A O   1 
ATOM   577 C CB  . ARG A 1 74 ? -5.728  1.208   -5.934  1.00 7.26  ? 204 ARG A CB  1 
ATOM   578 C CG  . ARG A 1 74 ? -5.571  1.792   -4.537  1.00 6.53  ? 204 ARG A CG  1 
ATOM   579 C CD  . ARG A 1 74 ? -6.395  3.037   -4.337  1.00 9.05  ? 204 ARG A CD  1 
ATOM   580 N NE  . ARG A 1 74 ? -7.813  2.703   -4.354  1.00 9.34  ? 204 ARG A NE  1 
ATOM   581 C CZ  . ARG A 1 74 ? -8.795  3.596   -4.263  1.00 11.07 ? 204 ARG A CZ  1 
ATOM   582 N NH1 . ARG A 1 74 ? -8.513  4.885   -4.123  1.00 12.30 ? 204 ARG A NH1 1 
ATOM   583 N NH2 . ARG A 1 74 ? -10.060 3.192   -4.302  1.00 13.09 ? 204 ARG A NH2 1 
ATOM   584 N N   . ARG A 1 75 ? -4.855  -0.773  -8.418  1.00 5.81  ? 205 ARG A N   1 
ATOM   585 C CA  . ARG A 1 75 ? -5.232  -1.459  -9.649  1.00 6.43  ? 205 ARG A CA  1 
ATOM   586 C C   . ARG A 1 75 ? -5.113  -2.970  -9.502  1.00 6.01  ? 205 ARG A C   1 
ATOM   587 O O   . ARG A 1 75 ? -5.913  -3.713  -10.083 1.00 7.33  ? 205 ARG A O   1 
ATOM   588 C CB  . ARG A 1 75 ? -4.404  -0.958  -10.833 1.00 6.59  ? 205 ARG A CB  1 
ATOM   589 C CG  . ARG A 1 75 ? -4.871  0.371   -11.414 1.00 6.30  ? 205 ARG A CG  1 
ATOM   590 C CD  . ARG A 1 75 ? -4.269  0.653   -12.793 1.00 7.08  ? 205 ARG A CD  1 
ATOM   591 N NE  . ARG A 1 75 ? -2.826  0.746   -12.695 1.00 8.18  ? 205 ARG A NE  1 
ATOM   592 C CZ  . ARG A 1 75 ? -2.166  1.878   -12.498 1.00 8.20  ? 205 ARG A CZ  1 
ATOM   593 N NH1 . ARG A 1 75 ? -2.810  3.031   -12.418 1.00 7.90  ? 205 ARG A NH1 1 
ATOM   594 N NH2 . ARG A 1 75 ? -0.849  1.858   -12.371 1.00 9.43  ? 205 ARG A NH2 1 
ATOM   595 N N   . LYS A 1 76 ? -4.124  -3.437  -8.737  1.00 6.04  ? 206 LYS A N   1 
ATOM   596 C CA  . LYS A 1 76 ? -3.982  -4.866  -8.478  1.00 6.60  ? 206 LYS A CA  1 
ATOM   597 C C   . LYS A 1 76 ? -5.007  -5.382  -7.477  1.00 6.40  ? 206 LYS A C   1 
ATOM   598 O O   . LYS A 1 76 ? -5.386  -6.558  -7.542  1.00 7.44  ? 206 LYS A O   1 
ATOM   599 C CB  . LYS A 1 76 ? -2.577  -5.167  -7.968  1.00 7.02  ? 206 LYS A CB  1 
ATOM   600 C CG  . LYS A 1 76 ? -1.517  -5.067  -9.043  1.00 7.67  ? 206 LYS A CG  1 
ATOM   601 C CD  . LYS A 1 76 ? -0.143  -5.418  -8.500  1.00 8.53  ? 206 LYS A CD  1 
ATOM   602 C CE  . LYS A 1 76 ? 0.936   -5.315  -9.562  1.00 9.04  ? 206 LYS A CE  1 
ATOM   603 N NZ  . LYS A 1 76 ? 2.263   -5.711  -9.027  1.00 9.52  ? 206 LYS A NZ  1 
ATOM   604 N N   . MET A 1 77 ? -5.449  -4.533  -6.545  1.00 6.59  ? 207 MET A N   1 
ATOM   605 C CA  . MET A 1 77 ? -6.358  -4.923  -5.465  1.00 6.72  ? 207 MET A CA  1 
ATOM   606 C C   . MET A 1 77 ? -7.502  -3.920  -5.386  1.00 6.95  ? 207 MET A C   1 
ATOM   607 O O   . MET A 1 77 ? -7.585  -3.118  -4.448  1.00 7.45  ? 207 MET A O   1 
ATOM   608 C CB  . MET A 1 77 ? -5.605  -5.028  -4.138  1.00 6.59  ? 207 MET A CB  1 
ATOM   609 C CG  . MET A 1 77 ? -4.528  -6.096  -4.167  1.00 7.94  ? 207 MET A CG  1 
ATOM   610 S SD  . MET A 1 77 ? -3.580  -6.221  -2.647  1.00 7.45  ? 207 MET A SD  1 
ATOM   611 C CE  . MET A 1 77 ? -4.820  -6.820  -1.516  1.00 8.07  ? 207 MET A CE  1 
ATOM   612 N N   . PRO A 1 78 ? -8.407  -3.929  -6.371  1.00 7.39  ? 208 PRO A N   1 
ATOM   613 C CA  . PRO A 1 78 ? -9.434  -2.874  -6.429  1.00 9.10  ? 208 PRO A CA  1 
ATOM   614 C C   . PRO A 1 78 ? -10.432 -2.906  -5.286  1.00 8.68  ? 208 PRO A C   1 
ATOM   615 O O   . PRO A 1 78 ? -11.114 -1.895  -5.059  1.00 11.18 ? 208 PRO A O   1 
ATOM   616 C CB  . PRO A 1 78 ? -10.126 -3.103  -7.779  1.00 11.02 ? 208 PRO A CB  1 
ATOM   617 C CG  . PRO A 1 78 ? -9.251  -4.026  -8.540  1.00 15.41 ? 208 PRO A CG  1 
ATOM   618 C CD  . PRO A 1 78 ? -8.440  -4.803  -7.554  1.00 9.46  ? 208 PRO A CD  1 
ATOM   619 N N   . GLU A 1 79 ? -10.553 -4.017  -4.566  1.00 7.83  ? 209 GLU A N   1 
ATOM   620 C CA  . GLU A 1 79 ? -11.488 -4.081  -3.450  1.00 8.77  ? 209 GLU A CA  1 
ATOM   621 C C   . GLU A 1 79 ? -10.917 -3.502  -2.163  1.00 10.82 ? 209 GLU A C   1 
ATOM   622 O O   . GLU A 1 79 ? -11.646 -3.420  -1.170  1.00 12.25 ? 209 GLU A O   1 
ATOM   623 C CB  . GLU A 1 79 ? -11.957 -5.521  -3.203  1.00 9.76  ? 209 GLU A CB  1 
ATOM   624 C CG  . GLU A 1 79 ? -12.971 -6.034  -4.210  1.00 19.41 ? 209 GLU A CG  1 
ATOM   625 C CD  . GLU A 1 79 ? -12.344 -6.908  -5.269  1.00 27.46 ? 209 GLU A CD  1 
ATOM   626 O OE1 . GLU A 1 79 ? -12.420 -8.150  -5.141  1.00 37.70 ? 209 GLU A OE1 1 
ATOM   627 O OE2 . GLU A 1 79 ? -11.760 -6.356  -6.228  1.00 24.18 ? 209 GLU A OE2 1 
ATOM   628 N N   . LEU A 1 80 ? -9.647  -3.113  -2.137  1.00 8.06  ? 210 LEU A N   1 
ATOM   629 C CA  . LEU A 1 80 ? -9.094  -2.480  -0.947  1.00 10.13 ? 210 LEU A CA  1 
ATOM   630 C C   . LEU A 1 80 ? -9.711  -1.104  -0.738  1.00 10.54 ? 210 LEU A C   1 
ATOM   631 O O   . LEU A 1 80 ? -9.811  -0.303  -1.671  1.00 11.03 ? 210 LEU A O   1 
ATOM   632 C CB  . LEU A 1 80 ? -7.595  -2.286  -1.109  1.00 11.84 ? 210 LEU A CB  1 
ATOM   633 C CG  . LEU A 1 80 ? -6.696  -3.501  -0.973  1.00 12.82 ? 210 LEU A CG  1 
ATOM   634 C CD1 . LEU A 1 80 ? -5.255  -3.040  -1.099  1.00 14.05 ? 210 LEU A CD1 1 
ATOM   635 C CD2 . LEU A 1 80 ? -6.937  -4.219  0.343   1.00 14.43 ? 210 LEU A CD2 1 
ATOM   636 N N   . LYS A 1 81 ? -10.077 -0.812  0.506   1.00 10.80 ? 211 LYS A N   1 
ATOM   637 C CA  . LYS A 1 81 ? -10.734 0.450   0.846   1.00 11.53 ? 211 LYS A CA  1 
ATOM   638 C C   . LYS A 1 81 ? -9.727  1.561   1.126   1.00 9.33  ? 211 LYS A C   1 
ATOM   639 O O   . LYS A 1 81 ? -9.766  2.228   2.158   1.00 11.47 ? 211 LYS A O   1 
ATOM   640 C CB  . LYS A 1 81 ? -11.679 0.244   2.025   1.00 14.01 ? 211 LYS A CB  1 
ATOM   641 C CG  . LYS A 1 81 ? -12.717 -0.848  1.809   1.00 17.84 ? 211 LYS A CG  1 
ATOM   642 C CD  . LYS A 1 81 ? -13.438 -0.672  0.484   1.00 21.94 ? 211 LYS A CD  1 
ATOM   643 C CE  . LYS A 1 81 ? -14.616 -1.629  0.366   1.00 29.30 ? 211 LYS A CE  1 
ATOM   644 N NZ  . LYS A 1 81 ? -14.264 -2.859  -0.404  1.00 28.12 ? 211 LYS A NZ  1 
ATOM   645 N N   . VAL A 1 82 ? -8.802  1.768   0.200   1.00 9.16  ? 212 VAL A N   1 
ATOM   646 C CA  . VAL A 1 82 ? -7.855  2.871   0.304   1.00 8.81  ? 212 VAL A CA  1 
ATOM   647 C C   . VAL A 1 82 ? -8.551  4.149   -0.136  1.00 9.63  ? 212 VAL A C   1 
ATOM   648 O O   . VAL A 1 82 ? -9.338  4.149   -1.094  1.00 11.81 ? 212 VAL A O   1 
ATOM   649 C CB  . VAL A 1 82 ? -6.608  2.580   -0.548  1.00 11.18 ? 212 VAL A CB  1 
ATOM   650 C CG1 . VAL A 1 82 ? -5.676  3.785   -0.571  1.00 10.75 ? 212 VAL A CG1 1 
ATOM   651 C CG2 . VAL A 1 82 ? -5.892  1.345   -0.026  1.00 12.34 ? 212 VAL A CG2 1 
ATOM   652 N N   . GLU A 1 83 ? -8.286  5.239   0.584   1.00 7.31  ? 213 GLU A N   1 
ATOM   653 C CA  . GLU A 1 83 ? -8.832  6.547   0.264   1.00 9.00  ? 213 GLU A CA  1 
ATOM   654 C C   . GLU A 1 83 ? -7.709  7.571   0.218   1.00 6.82  ? 213 GLU A C   1 
ATOM   655 O O   . GLU A 1 83 ? -6.840  7.597   1.097   1.00 7.86  ? 213 GLU A O   1 
ATOM   656 C CB  . GLU A 1 83 ? -9.846  6.990   1.317   1.00 11.95 ? 213 GLU A CB  1 
ATOM   657 C CG  . GLU A 1 83 ? -11.008 6.037   1.482   1.00 14.94 ? 213 GLU A CG  1 
ATOM   658 C CD  . GLU A 1 83 ? -12.012 6.497   2.522   1.00 19.37 ? 213 GLU A CD  1 
ATOM   659 O OE1 . GLU A 1 83 ? -11.687 7.410   3.310   1.00 23.05 ? 213 GLU A OE1 1 
ATOM   660 O OE2 . GLU A 1 83 ? -13.126 5.931   2.555   1.00 24.36 ? 213 GLU A OE2 1 
ATOM   661 N N   . THR A 1 84 ? -7.737  8.419   -0.808  1.00 6.47  ? 214 THR A N   1 
ATOM   662 C CA  . THR A 1 84 ? -6.813  9.538   -0.877  1.00 6.23  ? 214 THR A CA  1 
ATOM   663 C C   . THR A 1 84 ? -7.221  10.601  0.127   1.00 6.26  ? 214 THR A C   1 
ATOM   664 O O   . THR A 1 84 ? -8.407  10.918  0.274   1.00 8.30  ? 214 THR A O   1 
ATOM   665 C CB  . THR A 1 84 ? -6.855  10.143  -2.276  1.00 7.39  ? 214 THR A CB  1 
ATOM   666 O OG1 . THR A 1 84 ? -6.563  9.118   -3.225  1.00 8.16  ? 214 THR A OG1 1 
ATOM   667 C CG2 . THR A 1 84 ? -5.836  11.247  -2.429  1.00 8.44  ? 214 THR A CG2 1 
ATOM   668 N N   . ILE A 1 85 ? -6.234  11.157  0.812   1.00 5.73  ? 215 ILE A N   1 
ATOM   669 C CA  . ILE A 1 85 ? -6.413  12.324  1.664   1.00 6.27  ? 215 ILE A CA  1 
ATOM   670 C C   . ILE A 1 85 ? -5.744  13.475  0.922   1.00 5.55  ? 215 ILE A C   1 
ATOM   671 O O   . ILE A 1 85 ? -4.509  13.557  0.875   1.00 5.84  ? 215 ILE A O   1 
ATOM   672 C CB  . ILE A 1 85 ? -5.807  12.112  3.055   1.00 6.51  ? 215 ILE A CB  1 
ATOM   673 C CG1 . ILE A 1 85 ? -6.313  10.812  3.696   1.00 8.00  ? 215 ILE A CG1 1 
ATOM   674 C CG2 . ILE A 1 85 ? -6.125  13.295  3.938   1.00 7.59  ? 215 ILE A CG2 1 
ATOM   675 C CD1 . ILE A 1 85 ? -5.569  10.430  4.973   1.00 8.39  ? 215 ILE A CD1 1 
ATOM   676 N N   . TYR A 1 86 ? -6.546  14.350  0.317   1.00 6.55  ? 216 TYR A N   1 
ATOM   677 C CA  . TYR A 1 86 ? -6.013  15.301  -0.654  1.00 6.67  ? 216 TYR A CA  1 
ATOM   678 C C   . TYR A 1 86 ? -5.000  16.245  -0.025  1.00 6.37  ? 216 TYR A C   1 
ATOM   679 O O   . TYR A 1 86 ? -5.190  16.752  1.081   1.00 7.28  ? 216 TYR A O   1 
ATOM   680 C CB  . TYR A 1 86 ? -7.141  16.063  -1.354  1.00 7.18  ? 216 TYR A CB  1 
ATOM   681 C CG  . TYR A 1 86 ? -8.223  15.107  -1.728  1.00 6.95  ? 216 TYR A CG  1 
ATOM   682 C CD1 . TYR A 1 86 ? -7.989  14.127  -2.682  1.00 8.06  ? 216 TYR A CD1 1 
ATOM   683 C CD2 . TYR A 1 86 ? -9.441  15.107  -1.064  1.00 7.00  ? 216 TYR A CD2 1 
ATOM   684 C CE1 . TYR A 1 86 ? -8.944  13.201  -2.996  1.00 8.17  ? 216 TYR A CE1 1 
ATOM   685 C CE2 . TYR A 1 86 ? -10.409 14.181  -1.374  1.00 8.50  ? 216 TYR A CE2 1 
ATOM   686 C CZ  . TYR A 1 86 ? -10.155 13.224  -2.333  1.00 7.72  ? 216 TYR A CZ  1 
ATOM   687 O OH  . TYR A 1 86 ? -11.114 12.287  -2.655  1.00 9.35  ? 216 TYR A OH  1 
ATOM   688 N N   . GLY A 1 87 ? -3.900  16.453  -0.744  1.00 6.46  ? 217 GLY A N   1 
ATOM   689 C CA  . GLY A 1 87 ? -2.821  17.267  -0.261  1.00 6.53  ? 217 GLY A CA  1 
ATOM   690 C C   . GLY A 1 87 ? -2.036  16.669  0.881   1.00 6.63  ? 217 GLY A C   1 
ATOM   691 O O   . GLY A 1 87 ? -1.194  17.363  1.456   1.00 7.37  ? 217 GLY A O   1 
ATOM   692 N N   . PHE A 1 88 ? -2.268  15.398  1.224   1.00 6.27  ? 218 PHE A N   1 
ATOM   693 C CA  . PHE A 1 88 ? -1.699  14.839  2.442   1.00 6.07  ? 218 PHE A CA  1 
ATOM   694 C C   . PHE A 1 88 ? -1.119  13.449  2.228   1.00 5.24  ? 218 PHE A C   1 
ATOM   695 O O   . PHE A 1 88 ? 0.059   13.216  2.518   1.00 6.27  ? 218 PHE A O   1 
ATOM   696 C CB  . PHE A 1 88 ? -2.759  14.814  3.547   1.00 6.56  ? 218 PHE A CB  1 
ATOM   697 C CG  . PHE A 1 88 ? -2.304  14.148  4.827   1.00 6.79  ? 218 PHE A CG  1 
ATOM   698 C CD1 . PHE A 1 88 ? -1.668  14.876  5.818   1.00 7.62  ? 218 PHE A CD1 1 
ATOM   699 C CD2 . PHE A 1 88 ? -2.520  12.798  5.043   1.00 6.99  ? 218 PHE A CD2 1 
ATOM   700 C CE1 . PHE A 1 88 ? -1.247  14.269  6.990   1.00 8.38  ? 218 PHE A CE1 1 
ATOM   701 C CE2 . PHE A 1 88 ? -2.098  12.186  6.216   1.00 7.67  ? 218 PHE A CE2 1 
ATOM   702 C CZ  . PHE A 1 88 ? -1.468  12.923  7.189   1.00 8.38  ? 218 PHE A CZ  1 
ATOM   703 N N   . GLY A 1 89 ? -1.936  12.510  1.770   1.00 4.97  ? 219 GLY A N   1 
ATOM   704 C CA  . GLY A 1 89 ? -1.516  11.130  1.773   1.00 6.59  ? 219 GLY A CA  1 
ATOM   705 C C   . GLY A 1 89 ? -2.694  10.206  1.607   1.00 5.63  ? 219 GLY A C   1 
ATOM   706 O O   . GLY A 1 89 ? -3.558  10.462  0.765   1.00 5.76  ? 219 GLY A O   1 
ATOM   707 N N   . TYR A 1 90 ? -2.738  9.131   2.401   1.00 5.24  ? 220 TYR A N   1 
ATOM   708 C CA  . TYR A 1 90 ? -3.652  8.021   2.167   1.00 5.40  ? 220 TYR A CA  1 
ATOM   709 C C   . TYR A 1 90 ? -4.025  7.356   3.481   1.00 6.14  ? 220 TYR A C   1 
ATOM   710 O O   . TYR A 1 90 ? -3.260  7.374   4.443   1.00 6.46  ? 220 TYR A O   1 
ATOM   711 C CB  . TYR A 1 90 ? -3.002  6.952   1.267   1.00 6.66  ? 220 TYR A CB  1 
ATOM   712 C CG  . TYR A 1 90 ? -2.638  7.529   -0.069  1.00 6.88  ? 220 TYR A CG  1 
ATOM   713 C CD1 . TYR A 1 90 ? -3.566  7.565   -1.088  1.00 7.27  ? 220 TYR A CD1 1 
ATOM   714 C CD2 . TYR A 1 90 ? -1.389  8.101   -0.296  1.00 7.13  ? 220 TYR A CD2 1 
ATOM   715 C CE1 . TYR A 1 90 ? -3.268  8.134   -2.301  1.00 7.96  ? 220 TYR A CE1 1 
ATOM   716 C CE2 . TYR A 1 90 ? -1.079  8.683   -1.513  1.00 8.37  ? 220 TYR A CE2 1 
ATOM   717 C CZ  . TYR A 1 90 ? -2.028  8.695   -2.504  1.00 7.82  ? 220 TYR A CZ  1 
ATOM   718 O OH  . TYR A 1 90 ? -1.737  9.261   -3.726  1.00 11.06 ? 220 TYR A OH  1 
ATOM   719 N N   . ARG A 1 91 ? -5.191  6.726   3.498   1.00 5.58  ? 221 ARG A N   1 
ATOM   720 C CA  . ARG A 1 91 ? -5.565  5.856   4.601   1.00 6.56  ? 221 ARG A CA  1 
ATOM   721 C C   . ARG A 1 91 ? -6.347  4.689   4.033   1.00 6.59  ? 221 ARG A C   1 
ATOM   722 O O   . ARG A 1 91 ? -6.906  4.765   2.939   1.00 8.86  ? 221 ARG A O   1 
ATOM   723 C CB  . ARG A 1 91 ? -6.411  6.583   5.647   1.00 9.07  ? 221 ARG A CB  1 
ATOM   724 C CG  . ARG A 1 91 ? -7.712  7.131   5.123   1.00 12.08 ? 221 ARG A CG  1 
ATOM   725 C CD  . ARG A 1 91 ? -8.518  7.725   6.261   1.00 17.95 ? 221 ARG A CD  1 
ATOM   726 N NE  . ARG A 1 91 ? -9.312  8.872   5.841   1.00 26.80 ? 221 ARG A NE  1 
ATOM   727 C CZ  . ARG A 1 91 ? -9.378  10.014  6.516   1.00 27.80 ? 221 ARG A CZ  1 
ATOM   728 N NH1 . ARG A 1 91 ? -8.697  10.159  7.646   1.00 27.04 ? 221 ARG A NH1 1 
ATOM   729 N NH2 . ARG A 1 91 ? -10.125 11.010  6.064   1.00 31.65 ? 221 ARG A NH2 1 
ATOM   730 N N   . MET A 1 92 ? -6.385  3.595   4.776   1.00 7.05  ? 222 MET A N   1 
ATOM   731 C CA  . MET A 1 92 ? -7.251  2.481   4.419   1.00 9.16  ? 222 MET A CA  1 
ATOM   732 C C   . MET A 1 92 ? -8.330  2.335   5.476   1.00 10.54 ? 222 MET A C   1 
ATOM   733 O O   . MET A 1 92 ? -8.024  2.244   6.667   1.00 13.58 ? 222 MET A O   1 
ATOM   734 C CB  . MET A 1 92 ? -6.495  1.163   4.282   1.00 11.15 ? 222 MET A CB  1 
ATOM   735 C CG  . MET A 1 92 ? -7.392  0.060   3.749   1.00 13.63 ? 222 MET A CG  1 
ATOM   736 S SD  . MET A 1 92 ? -6.710  -1.572  3.949   1.00 17.42 ? 222 MET A SD  1 
ATOM   737 C CE  . MET A 1 92 ? -5.798  -1.688  2.423   1.00 19.49 ? 222 MET A CE  1 
ATOM   738 N N   . MET A 1 93 ? -9.579  2.298   5.040   1.00 10.19 ? 223 MET A N   1 
ATOM   739 C CA  . MET A 1 93 ? -10.689 2.152   5.971   1.00 13.18 ? 223 MET A CA  1 
ATOM   740 C C   . MET A 1 93 ? -11.012 0.685   6.237   1.00 17.53 ? 223 MET A C   1 
ATOM   741 O O   . MET A 1 93 ? -11.436 0.325   7.338   1.00 25.17 ? 223 MET A O   1 
ATOM   742 C CB  . MET A 1 93 ? -11.917 2.888   5.442   1.00 17.43 ? 223 MET A CB  1 
ATOM   743 C CG  . MET A 1 93 ? -11.663 4.361   5.187   1.00 19.17 ? 223 MET A CG  1 
ATOM   744 S SD  . MET A 1 93 ? -10.756 5.137   6.540   1.00 22.76 ? 223 MET A SD  1 
ATOM   745 C CE  . MET A 1 93 ? -12.070 5.341   7.740   1.00 24.46 ? 223 MET A CE  1 
HETATM 746 O O   . HOH B 2 .  ? 9.783   -1.602  0.924   1.00 22.26 ? 301 HOH A O   1 
HETATM 747 O O   . HOH B 2 .  ? -10.984 -5.375  7.327   1.00 33.15 ? 302 HOH A O   1 
HETATM 748 O O   . HOH B 2 .  ? -9.868  12.301  4.266   1.00 21.95 ? 303 HOH A O   1 
HETATM 749 O O   . HOH B 2 .  ? 0.934   -13.084 -4.709  1.00 17.42 ? 304 HOH A O   1 
HETATM 750 O O   . HOH B 2 .  ? -13.454 -4.719  -6.399  1.00 29.62 ? 305 HOH A O   1 
HETATM 751 O O   . HOH B 2 .  ? -2.973  13.364  -1.641  1.00 11.67 ? 306 HOH A O   1 
HETATM 752 O O   . HOH B 2 .  ? -9.906  -7.881  -6.599  1.00 21.53 ? 307 HOH A O   1 
HETATM 753 O O   . HOH B 2 .  ? 2.868   16.240  -1.303  1.00 24.21 ? 308 HOH A O   1 
HETATM 754 O O   . HOH B 2 .  ? 10.662  -3.983  0.125   1.00 21.99 ? 309 HOH A O   1 
HETATM 755 O O   . HOH B 2 .  ? -11.509 -10.346 -3.718  1.00 20.69 ? 310 HOH A O   1 
HETATM 756 O O   . HOH B 2 .  ? -8.496  12.910  6.709   1.00 19.95 ? 311 HOH A O   1 
HETATM 757 O O   . HOH B 2 .  ? 2.547   13.902  -4.673  1.00 17.37 ? 312 HOH A O   1 
HETATM 758 O O   . HOH B 2 .  ? 3.611   -3.163  -10.216 1.00 16.55 ? 313 HOH A O   1 
HETATM 759 O O   . HOH B 2 .  ? 4.415   13.491  7.827   1.00 19.16 ? 314 HOH A O   1 
HETATM 760 O O   . HOH B 2 .  ? 4.914   -9.098  7.884   1.00 16.65 ? 315 HOH A O   1 
HETATM 761 O O   . HOH B 2 .  ? -6.816  -8.259  -8.925  1.00 26.34 ? 316 HOH A O   1 
HETATM 762 O O   . HOH B 2 .  ? 6.047   -16.290 -2.666  1.00 18.28 ? 317 HOH A O   1 
HETATM 763 O O   . HOH B 2 .  ? -2.329  7.717   -5.785  1.00 12.53 ? 318 HOH A O   1 
HETATM 764 O O   . HOH B 2 .  ? 1.372   3.706   -12.421 1.00 13.43 ? 319 HOH A O   1 
HETATM 765 O O   . HOH B 2 .  ? -0.793  10.890  10.760  1.00 14.96 ? 320 HOH A O   1 
HETATM 766 O O   . HOH B 2 .  ? 4.090   6.244   9.958   1.00 21.28 ? 321 HOH A O   1 
HETATM 767 O O   . HOH B 2 .  ? 6.962   9.775   9.443   1.00 12.18 ? 322 HOH A O   1 
HETATM 768 O O   . HOH B 2 .  ? -5.094  -7.916  -9.836  1.00 22.17 ? 323 HOH A O   1 
HETATM 769 O O   . HOH B 2 .  ? 0.383   -19.848 0.362   1.00 11.82 ? 324 HOH A O   1 
HETATM 770 O O   . HOH B 2 .  ? -6.044  -4.480  11.178  1.00 26.46 ? 325 HOH A O   1 
HETATM 771 O O   . HOH B 2 .  ? 13.494  15.936  -0.641  1.00 17.86 ? 326 HOH A O   1 
HETATM 772 O O   . HOH B 2 .  ? -12.190 12.749  5.887   1.00 24.68 ? 327 HOH A O   1 
HETATM 773 O O   . HOH B 2 .  ? 13.260  5.153   7.517   1.00 14.84 ? 328 HOH A O   1 
HETATM 774 O O   . HOH B 2 .  ? 2.549   16.256  -6.667  1.00 20.62 ? 329 HOH A O   1 
HETATM 775 O O   . HOH B 2 .  ? -12.057 -12.005 -7.426  1.00 29.87 ? 330 HOH A O   1 
HETATM 776 O O   . HOH B 2 .  ? -11.002 10.180  -0.089  1.00 12.37 ? 331 HOH A O   1 
HETATM 777 O O   . HOH B 2 .  ? -9.225  -9.612  -7.729  1.00 24.30 ? 332 HOH A O   1 
HETATM 778 O O   . HOH B 2 .  ? 0.595   18.995  0.199   1.00 12.35 ? 333 HOH A O   1 
HETATM 779 O O   . HOH B 2 .  ? -17.663 -13.950 -5.380  1.00 37.55 ? 334 HOH A O   1 
HETATM 780 O O   . HOH B 2 .  ? 4.232   -5.981  -10.912 1.00 19.71 ? 335 HOH A O   1 
HETATM 781 O O   . HOH B 2 .  ? 19.383  10.259  6.232   1.00 15.41 ? 336 HOH A O   1 
HETATM 782 O O   . HOH B 2 .  ? 8.027   16.515  -6.624  1.00 15.09 ? 337 HOH A O   1 
HETATM 783 O O   . HOH B 2 .  ? -8.038  -10.619 -9.053  1.00 31.19 ? 338 HOH A O   1 
HETATM 784 O O   . HOH B 2 .  ? 1.495   -8.374  -10.731 1.00 23.58 ? 339 HOH A O   1 
HETATM 785 O O   . HOH B 2 .  ? 5.764   14.885  1.034   1.00 11.45 ? 340 HOH A O   1 
HETATM 786 O O   . HOH B 2 .  ? -9.558  -2.628  2.516   1.00 18.14 ? 341 HOH A O   1 
HETATM 787 O O   . HOH B 2 .  ? 1.319   12.276  9.569   1.00 15.46 ? 342 HOH A O   1 
HETATM 788 O O   . HOH B 2 .  ? -4.486  3.555   6.997   1.00 8.66  ? 343 HOH A O   1 
HETATM 789 O O   . HOH B 2 .  ? 3.436   -11.285 -4.495  1.00 18.96 ? 344 HOH A O   1 
HETATM 790 O O   . HOH B 2 .  ? 22.342  4.649   5.983   1.00 22.40 ? 345 HOH A O   1 
HETATM 791 O O   . HOH B 2 .  ? 6.102   -9.927  5.526   1.00 16.59 ? 346 HOH A O   1 
HETATM 792 O O   . HOH B 2 .  ? 20.428  9.742   -1.181  1.00 22.15 ? 347 HOH A O   1 
HETATM 793 O O   . HOH B 2 .  ? 14.309  1.882   -3.497  1.00 32.39 ? 348 HOH A O   1 
HETATM 794 O O   . HOH B 2 .  ? 4.602   16.701  -4.899  1.00 16.32 ? 349 HOH A O   1 
HETATM 795 O O   . HOH B 2 .  ? 9.659   15.406  9.092   1.00 15.25 ? 350 HOH A O   1 
HETATM 796 O O   . HOH B 2 .  ? 1.792   15.305  3.113   1.00 9.67  ? 351 HOH A O   1 
HETATM 797 O O   . HOH B 2 .  ? 5.202   -2.294  5.945   1.00 17.11 ? 352 HOH A O   1 
HETATM 798 O O   . HOH B 2 .  ? -11.927 3.077   -1.202  1.00 18.12 ? 353 HOH A O   1 
HETATM 799 O O   . HOH B 2 .  ? 7.807   -6.317  5.542   1.00 28.51 ? 354 HOH A O   1 
HETATM 800 O O   . HOH B 2 .  ? 2.024   8.077   10.365  1.00 12.96 ? 355 HOH A O   1 
HETATM 801 O O   . HOH B 2 .  ? 2.760   2.157   10.595  1.00 22.23 ? 356 HOH A O   1 
HETATM 802 O O   . HOH B 2 .  ? -7.413  4.298   13.302  1.00 24.91 ? 357 HOH A O   1 
HETATM 803 O O   . HOH B 2 .  ? 5.776   15.839  5.124   1.00 14.10 ? 358 HOH A O   1 
HETATM 804 O O   . HOH B 2 .  ? -14.790 7.801   1.268   1.00 25.81 ? 359 HOH A O   1 
HETATM 805 O O   . HOH B 2 .  ? -4.275  7.411   13.996  1.00 23.70 ? 360 HOH A O   1 
HETATM 806 O O   . HOH B 2 .  ? 10.207  -5.539  3.250   1.00 26.70 ? 361 HOH A O   1 
HETATM 807 O O   . HOH B 2 .  ? -10.658 0.734   -5.991  1.00 13.21 ? 362 HOH A O   1 
HETATM 808 O O   . HOH B 2 .  ? 14.412  9.538   3.327   1.00 11.53 ? 363 HOH A O   1 
HETATM 809 O O   . HOH B 2 .  ? -12.982 -19.647 -7.222  1.00 17.79 ? 364 HOH A O   1 
HETATM 810 O O   . HOH B 2 .  ? 2.005   -2.851  9.452   1.00 20.19 ? 365 HOH A O   1 
HETATM 811 O O   . HOH B 2 .  ? -6.202  6.267   -3.222  1.00 10.41 ? 366 HOH A O   1 
HETATM 812 O O   . HOH B 2 .  ? -8.291  -0.263  -4.078  1.00 9.98  ? 367 HOH A O   1 
HETATM 813 O O   . HOH B 2 .  ? 7.811   -1.395  -6.345  1.00 12.72 ? 368 HOH A O   1 
HETATM 814 O O   . HOH B 2 .  ? -16.414 -13.279 -6.627  1.00 31.79 ? 369 HOH A O   1 
HETATM 815 O O   . HOH B 2 .  ? 5.157   -9.453  -2.479  1.00 15.60 ? 370 HOH A O   1 
HETATM 816 O O   . HOH B 2 .  ? 5.616   -0.625  -7.967  1.00 12.62 ? 371 HOH A O   1 
HETATM 817 O O   . HOH B 2 .  ? 13.271  0.136   0.112   1.00 27.03 ? 372 HOH A O   1 
HETATM 818 O O   . HOH B 2 .  ? 15.182  3.371   7.290   1.00 20.12 ? 373 HOH A O   1 
HETATM 819 O O   . HOH B 2 .  ? 8.634   12.112  9.227   1.00 11.93 ? 374 HOH A O   1 
HETATM 820 O O   . HOH B 2 .  ? -12.208 0.626   -2.940  1.00 25.77 ? 375 HOH A O   1 
HETATM 821 O O   . HOH B 2 .  ? -2.652  9.496   -7.946  1.00 14.59 ? 376 HOH A O   1 
HETATM 822 O O   . HOH B 2 .  ? 1.747   -15.217 6.658   1.00 20.33 ? 377 HOH A O   1 
HETATM 823 O O   . HOH B 2 .  ? -5.314  -12.361 5.448   1.00 16.73 ? 378 HOH A O   1 
HETATM 824 O O   . HOH B 2 .  ? 6.831   6.999   8.903   1.00 12.04 ? 379 HOH A O   1 
HETATM 825 O O   . HOH B 2 .  ? 0.115   -14.040 6.917   1.00 16.56 ? 380 HOH A O   1 
HETATM 826 O O   . HOH B 2 .  ? 17.613  5.687   -0.897  1.00 25.27 ? 381 HOH A O   1 
HETATM 827 O O   . HOH B 2 .  ? -5.355  2.926   -8.702  1.00 17.05 ? 382 HOH A O   1 
HETATM 828 O O   . HOH B 2 .  ? 7.664   -8.991  -1.283  1.00 16.19 ? 383 HOH A O   1 
HETATM 829 O O   . HOH B 2 .  ? 1.875   -10.460 -3.508  1.00 16.69 ? 384 HOH A O   1 
HETATM 830 O O   . HOH B 2 .  ? -7.814  -7.932  -6.629  1.00 32.65 ? 385 HOH A O   1 
HETATM 831 O O   . HOH B 2 .  ? -8.824  0.584   -8.043  1.00 11.55 ? 386 HOH A O   1 
HETATM 832 O O   . HOH B 2 .  ? -0.948  -9.655  -9.951  1.00 21.07 ? 387 HOH A O   1 
HETATM 833 O O   . HOH B 2 .  ? 12.769  15.970  -4.489  1.00 31.84 ? 388 HOH A O   1 
HETATM 834 O O   . HOH B 2 .  ? -9.456  7.591   -3.020  1.00 9.59  ? 389 HOH A O   1 
HETATM 835 O O   . HOH B 2 .  ? -10.659 -4.869  1.175   1.00 26.19 ? 390 HOH A O   1 
HETATM 836 O O   . HOH B 2 .  ? -4.294  -17.456 -9.741  1.00 22.65 ? 391 HOH A O   1 
HETATM 837 O O   . HOH B 2 .  ? 9.699   -3.327  -4.760  1.00 15.25 ? 392 HOH A O   1 
HETATM 838 O O   . HOH B 2 .  ? 4.287   14.321  3.315   1.00 8.57  ? 393 HOH A O   1 
HETATM 839 O O   . HOH B 2 .  ? 3.881   11.728  11.235  1.00 20.61 ? 394 HOH A O   1 
HETATM 840 O O   . HOH B 2 .  ? 10.672  -1.309  2.673   1.00 23.17 ? 395 HOH A O   1 
HETATM 841 O O   . HOH B 2 .  ? 8.131   15.919  -3.841  1.00 10.68 ? 396 HOH A O   1 
HETATM 842 O O   . HOH B 2 .  ? 6.822   -4.161  5.599   1.00 28.27 ? 397 HOH A O   1 
HETATM 843 O O   . HOH B 2 .  ? 1.371   11.656  -8.560  1.00 17.26 ? 398 HOH A O   1 
HETATM 844 O O   . HOH B 2 .  ? -9.027  -17.950 0.980   1.00 20.54 ? 399 HOH A O   1 
HETATM 845 O O   . HOH B 2 .  ? 7.266   -0.574  6.720   1.00 23.22 ? 400 HOH A O   1 
HETATM 846 O O   . HOH B 2 .  ? -6.209  -1.893  12.099  1.00 22.38 ? 401 HOH A O   1 
HETATM 847 O O   . HOH B 2 .  ? 2.214   -2.216  -12.256 1.00 19.04 ? 402 HOH A O   1 
HETATM 848 O O   . HOH B 2 .  ? 0.356   14.444  -4.756  1.00 20.14 ? 403 HOH A O   1 
HETATM 849 O O   . HOH B 2 .  ? -0.193  -2.261  -10.751 1.00 19.00 ? 404 HOH A O   1 
HETATM 850 O O   . HOH B 2 .  ? -5.437  -18.880 -9.214  1.00 23.78 ? 405 HOH A O   1 
HETATM 851 O O   . HOH B 2 .  ? -9.512  -9.264  4.353   1.00 25.02 ? 406 HOH A O   1 
HETATM 852 O O   . HOH B 2 .  ? 9.882   -6.935  -5.828  1.00 24.39 ? 407 HOH A O   1 
HETATM 853 O O   . HOH B 2 .  ? -7.746  -11.154 5.800   1.00 21.94 ? 408 HOH A O   1 
HETATM 854 O O   . HOH B 2 .  ? -13.074 -0.907  -7.233  1.00 22.15 ? 409 HOH A O   1 
HETATM 855 O O   . HOH B 2 .  ? -4.455  -6.145  12.234  1.00 27.22 ? 410 HOH A O   1 
HETATM 856 O O   . HOH B 2 .  ? -15.277 -18.873 -5.512  1.00 27.15 ? 411 HOH A O   1 
HETATM 857 O O   . HOH B 2 .  ? -13.270 3.238   0.921   1.00 28.64 ? 412 HOH A O   1 
HETATM 858 O O   . HOH B 2 .  ? 12.170  -2.793  -2.581  1.00 28.25 ? 413 HOH A O   1 
HETATM 859 O O   . HOH B 2 .  ? 2.330   16.036  -3.177  1.00 24.59 ? 414 HOH A O   1 
HETATM 860 O O   . HOH B 2 .  ? 0.819   17.842  -7.499  1.00 23.04 ? 415 HOH A O   1 
HETATM 861 O O   . HOH B 2 .  ? -6.614  -14.892 5.706   1.00 24.86 ? 416 HOH A O   1 
HETATM 862 O O   . HOH B 2 .  ? 1.960   -0.118  -15.155 1.00 22.80 ? 417 HOH A O   1 
HETATM 863 O O   . HOH B 2 .  ? -12.544 -15.894 -10.222 1.00 27.77 ? 418 HOH A O   1 
HETATM 864 O O   . HOH B 2 .  ? -14.869 -11.037 -8.641  1.00 30.96 ? 419 HOH A O   1 
HETATM 865 O O   . HOH B 2 .  ? -0.910  12.481  -9.512  1.00 20.65 ? 420 HOH A O   1 
HETATM 866 O O   . HOH B 2 .  ? -13.249 -11.438 -9.736  1.00 28.16 ? 421 HOH A O   1 
HETATM 867 O O   . HOH B 2 .  ? 2.234   16.547  0.710   1.00 19.63 ? 422 HOH A O   1 
HETATM 868 O O   . HOH B 2 .  ? -14.143 -2.697  -6.857  1.00 32.96 ? 423 HOH A O   1 
HETATM 869 O O   . HOH B 2 .  ? -1.856  11.923  -7.157  1.00 24.10 ? 424 HOH A O   1 
HETATM 870 O O   . HOH B 2 .  ? -10.503 -16.967 2.218   1.00 23.60 ? 425 HOH A O   1 
HETATM 871 O O   . HOH B 2 .  ? 6.419   13.551  9.705   1.00 21.48 ? 426 HOH A O   1 
HETATM 872 O O   . HOH B 2 .  ? -8.227  3.373   -8.042  1.00 13.66 ? 427 HOH A O   1 
HETATM 873 O O   . HOH B 2 .  ? 10.291  3.634   9.604   1.00 29.10 ? 428 HOH A O   1 
HETATM 874 O O   . HOH B 2 .  ? -6.798  -7.729  3.859   1.00 33.47 ? 429 HOH A O   1 
HETATM 875 O O   . HOH B 2 .  ? 0.259   17.140  -12.859 1.00 23.25 ? 430 HOH A O   1 
HETATM 876 O O   . HOH B 2 .  ? -13.913 -18.497 -9.287  1.00 24.99 ? 431 HOH A O   1 
HETATM 877 O O   . HOH B 2 .  ? -8.502  -7.347  5.516   1.00 34.18 ? 432 HOH A O   1 
HETATM 878 O O   . HOH B 2 .  ? 12.684  -3.682  2.365   1.00 36.06 ? 433 HOH A O   1 
HETATM 879 O O   . HOH B 2 .  ? -4.668  6.142   -5.582  1.00 14.54 ? 434 HOH A O   1 
HETATM 880 O O   . HOH B 2 .  ? 7.134   -1.722  -10.105 1.00 20.78 ? 435 HOH A O   1 
HETATM 881 O O   . HOH B 2 .  ? 9.564   -6.655  -7.971  1.00 33.20 ? 436 HOH A O   1 
HETATM 882 O O   . HOH B 2 .  ? -8.111  -5.746  3.676   1.00 32.55 ? 437 HOH A O   1 
# 
loop_
_atom_site_anisotrop.id 
_atom_site_anisotrop.type_symbol 
_atom_site_anisotrop.pdbx_label_atom_id 
_atom_site_anisotrop.pdbx_label_alt_id 
_atom_site_anisotrop.pdbx_label_comp_id 
_atom_site_anisotrop.pdbx_label_asym_id 
_atom_site_anisotrop.pdbx_label_seq_id 
_atom_site_anisotrop.pdbx_PDB_ins_code 
_atom_site_anisotrop.U[1][1] 
_atom_site_anisotrop.U[2][2] 
_atom_site_anisotrop.U[3][3] 
_atom_site_anisotrop.U[1][2] 
_atom_site_anisotrop.U[1][3] 
_atom_site_anisotrop.U[2][3] 
_atom_site_anisotrop.pdbx_auth_seq_id 
_atom_site_anisotrop.pdbx_auth_comp_id 
_atom_site_anisotrop.pdbx_auth_asym_id 
_atom_site_anisotrop.pdbx_auth_atom_id 
1   N N   . SER A 6  ? 0.2376 0.2288 0.2965 -0.0052 0.0117  0.0052  136 SER A N   
2   C CA  . SER A 6  ? 0.1756 0.1674 0.2388 -0.0046 0.0083  0.0031  136 SER A CA  
3   C C   . SER A 6  ? 0.1478 0.1381 0.2067 -0.0035 0.0060  0.0036  136 SER A C   
4   O O   . SER A 6  ? 0.1770 0.1672 0.2379 -0.0026 0.0031  0.0020  136 SER A O   
5   C CB  . SER A 6  ? 0.2029 0.1968 0.2672 -0.0036 0.0062  0.0008  136 SER A CB  
6   O OG  . SER A 6  ? 0.2838 0.2777 0.3498 -0.0026 0.0026  -0.0010 136 SER A OG  
7   N N   . TYR A 7  ? 0.1275 0.1164 0.1803 -0.0034 0.0070  0.0057  137 TYR A N   
8   C CA  . TYR A 7  ? 0.1142 0.1021 0.1632 -0.0022 0.0050  0.0061  137 TYR A CA  
9   C C   . TYR A 7  ? 0.1258 0.1111 0.1715 -0.0025 0.0065  0.0087  137 TYR A C   
10  O O   . TYR A 7  ? 0.1610 0.1454 0.2041 -0.0034 0.0091  0.0103  137 TYR A O   
11  C CB  . TYR A 7  ? 0.1162 0.1058 0.1604 -0.0011 0.0034  0.0055  137 TYR A CB  
12  C CG  . TYR A 7  ? 0.0984 0.0899 0.1444 -0.0006 0.0018  0.0031  137 TYR A CG  
13  C CD1 . TYR A 7  ? 0.1042 0.0954 0.1517 0.0005  -0.0009 0.0014  137 TYR A CD1 
14  C CD2 . TYR A 7  ? 0.1076 0.1007 0.1535 -0.0009 0.0026  0.0025  137 TYR A CD2 
15  C CE1 . TYR A 7  ? 0.1206 0.1128 0.1690 0.0010  -0.0026 -0.0007 137 TYR A CE1 
16  C CE2 . TYR A 7  ? 0.1044 0.0984 0.1516 -0.0003 0.0008  0.0005  137 TYR A CE2 
17  C CZ  . TYR A 7  ? 0.0999 0.0936 0.1482 0.0007  -0.0019 -0.0010 137 TYR A CZ  
18  O OH  . TYR A 7  ? 0.1099 0.1038 0.1585 0.0014  -0.0038 -0.0030 137 TYR A OH  
19  N N   . ARG A 8  ? 0.1027 0.0864 0.1481 -0.0018 0.0048  0.0090  138 ARG A N   
20  C CA  . ARG A 8  ? 0.1195 0.1003 0.1607 -0.0015 0.0053  0.0114  138 ARG A CA  
21  C C   . ARG A 8  ? 0.1070 0.0892 0.1437 0.0001  0.0032  0.0111  138 ARG A C   
22  O O   . ARG A 8  ? 0.1241 0.1076 0.1621 0.0012  0.0010  0.0094  138 ARG A O   
23  C CB  . ARG A 8  ? 0.1104 0.0884 0.1549 -0.0015 0.0047  0.0118  138 ARG A CB  
24  C CG  . ARG A 8  ? 0.1537 0.1284 0.1941 -0.0009 0.0046  0.0141  138 ARG A CG  
25  C CD  . ARG A 8  ? 0.1665 0.1377 0.2108 -0.0012 0.0042  0.0145  138 ARG A CD  
26  N NE  . ARG A 8  ? 0.1666 0.1358 0.2138 -0.0032 0.0072  0.0157  138 ARG A NE  
27  C CZ  . ARG A 8  ? 0.1563 0.1220 0.2002 -0.0042 0.0097  0.0185  138 ARG A CZ  
28  N NH1 . ARG A 8  ? 0.1989 0.1623 0.2360 -0.0030 0.0091  0.0204  138 ARG A NH1 
29  N NH2 . ARG A 8  ? 0.1807 0.1448 0.2277 -0.0062 0.0129  0.0194  138 ARG A NH2 
30  N N   . VAL A 9  ? 0.1071 0.0890 0.1384 0.0002  0.0040  0.0126  139 VAL A N   
31  C CA  . VAL A 9  ? 0.1026 0.0863 0.1303 0.0014  0.0021  0.0122  139 VAL A CA  
32  C C   . VAL A 9  ? 0.1115 0.0927 0.1361 0.0023  0.0012  0.0141  139 VAL A C   
33  O O   . VAL A 9  ? 0.1390 0.1178 0.1600 0.0019  0.0025  0.0161  139 VAL A O   
34  C CB  . VAL A 9  ? 0.1256 0.1111 0.1500 0.0009  0.0030  0.0123  139 VAL A CB  
35  C CG1 . VAL A 9  ? 0.1459 0.1333 0.1671 0.0020  0.0011  0.0119  139 VAL A CG1 
36  C CG2 . VAL A 9  ? 0.1312 0.1188 0.1586 0.0002  0.0037  0.0104  139 VAL A CG2 
37  N N   . ALA A 10 ? 0.1017 0.0836 0.1279 0.0037  -0.0010 0.0132  140 ALA A N   
38  C CA  . ALA A 10 ? 0.1130 0.0925 0.1369 0.0049  -0.0024 0.0147  140 ALA A CA  
39  C C   . ALA A 10 ? 0.0950 0.0770 0.1160 0.0060  -0.0038 0.0144  140 ALA A C   
40  O O   . ALA A 10 ? 0.1000 0.0851 0.1229 0.0069  -0.0052 0.0127  140 ALA A O   
41  C CB  . ALA A 10 ? 0.1235 0.1021 0.1511 0.0060  -0.0038 0.0138  140 ALA A CB  
42  N N   . GLU A 11 ? 0.1117 0.0925 0.1281 0.0056  -0.0035 0.0160  141 GLU A N   
43  C CA  . GLU A 11 ? 0.1088 0.0921 0.1226 0.0064  -0.0051 0.0157  141 GLU A CA  
44  C C   . GLU A 11 ? 0.1294 0.1125 0.1436 0.0082  -0.0076 0.0158  141 GLU A C   
45  O O   . GLU A 11 ? 0.1723 0.1583 0.1864 0.0090  -0.0092 0.0149  141 GLU A O   
46  C CB  . GLU A 11 ? 0.1358 0.1173 0.1443 0.0056  -0.0042 0.0172  141 GLU A CB  
47  C CG  . GLU A 11 ? 0.1661 0.1481 0.1745 0.0040  -0.0015 0.0168  141 GLU A CG  
48  C CD  . GLU A 11 ? 0.1892 0.1696 0.1920 0.0033  -0.0005 0.0180  141 GLU A CD  
49  O OE1 . GLU A 11 ? 0.2106 0.1910 0.2096 0.0041  -0.0024 0.0183  141 GLU A OE1 
50  O OE2 . GLU A 11 ? 0.2230 0.2024 0.2252 0.0020  0.0022  0.0181  141 GLU A OE2 
51  N N   . ASP A 12 ? 0.1076 0.0873 0.1227 0.0090  -0.0082 0.0169  142 ASP A N   
52  C CA  . ASP A 12 ? 0.1143 0.0939 0.1304 0.0110  -0.0107 0.0169  142 ASP A CA  
53  C C   . ASP A 12 ? 0.0989 0.0818 0.1201 0.0120  -0.0114 0.0144  142 ASP A C   
54  O O   . ASP A 12 ? 0.1141 0.1003 0.1370 0.0132  -0.0129 0.0132  142 ASP A O   
55  C CB  . ASP A 12 ? 0.1089 0.0829 0.1232 0.0116  -0.0111 0.0190  142 ASP A CB  
56  C CG  . ASP A 12 ? 0.1054 0.0766 0.1216 0.0103  -0.0089 0.0195  142 ASP A CG  
57  O OD1 . ASP A 12 ? 0.1241 0.0977 0.1436 0.0092  -0.0075 0.0178  142 ASP A OD1 
58  O OD2 . ASP A 12 ? 0.1210 0.0871 0.1352 0.0103  -0.0087 0.0215  142 ASP A OD2 
59  N N   . ALA A 13 ? 0.1049 0.0871 0.1290 0.0113  -0.0101 0.0136  143 ALA A N   
60  C CA  . ALA A 13 ? 0.1151 0.0997 0.1430 0.0122  -0.0106 0.0112  143 ALA A CA  
61  C C   . ALA A 13 ? 0.1051 0.0940 0.1334 0.0114  -0.0097 0.0094  143 ALA A C   
62  O O   . ALA A 13 ? 0.1280 0.1192 0.1588 0.0123  -0.0100 0.0074  143 ALA A O   
63  C CB  . ALA A 13 ? 0.1374 0.1193 0.1679 0.0117  -0.0099 0.0107  143 ALA A CB  
64  N N   . ARG A 14 ? 0.0938 0.0834 0.1196 0.0099  -0.0086 0.0101  144 ARG A N   
65  C CA  . ARG A 14 ? 0.0955 0.0883 0.1214 0.0091  -0.0077 0.0086  144 ARG A CA  
66  C C   . ARG A 14 ? 0.1005 0.0931 0.1287 0.0087  -0.0070 0.0070  144 ARG A C   
67  O O   . ARG A 14 ? 0.1307 0.1256 0.1598 0.0091  -0.0071 0.0053  144 ARG A O   
68  C CB  . ARG A 14 ? 0.1386 0.1349 0.1647 0.0098  -0.0086 0.0076  144 ARG A CB  
69  C CG  . ARG A 14 ? 0.1593 0.1558 0.1839 0.0104  -0.0100 0.0088  144 ARG A CG  
70  C CD  . ARG A 14 ? 0.1858 0.1828 0.2069 0.0091  -0.0095 0.0096  144 ARG A CD  
71  N NE  . ARG A 14 ? 0.1796 0.1802 0.2014 0.0084  -0.0090 0.0081  144 ARG A NE  
72  C CZ  . ARG A 14 ? 0.1665 0.1681 0.1859 0.0074  -0.0089 0.0082  144 ARG A CZ  
73  N NH1 . ARG A 14 ? 0.1865 0.1858 0.2024 0.0072  -0.0094 0.0098  144 ARG A NH1 
74  N NH2 . ARG A 14 ? 0.1668 0.1713 0.1871 0.0068  -0.0083 0.0069  144 ARG A NH2 
75  N N   . GLU A 15 ? 0.1017 0.0915 0.1309 0.0081  -0.0064 0.0077  145 GLU A N   
76  C CA  . GLU A 15 ? 0.1142 0.1033 0.1461 0.0078  -0.0062 0.0062  145 GLU A CA  
77  C C   . GLU A 15 ? 0.0882 0.0764 0.1203 0.0061  -0.0047 0.0068  145 GLU A C   
78  O O   . GLU A 15 ? 0.0957 0.0829 0.1261 0.0053  -0.0036 0.0087  145 GLU A O   
79  C CB  . GLU A 15 ? 0.1323 0.1188 0.1668 0.0087  -0.0072 0.0060  145 GLU A CB  
80  C CG  . GLU A 15 ? 0.1498 0.1373 0.1848 0.0107  -0.0085 0.0048  145 GLU A CG  
81  C CD  . GLU A 15 ? 0.1591 0.1437 0.1965 0.0118  -0.0096 0.0044  145 GLU A CD  
82  O OE1 . GLU A 15 ? 0.1513 0.1331 0.1904 0.0110  -0.0094 0.0046  145 GLU A OE1 
83  O OE2 . GLU A 15 ? 0.2067 0.1919 0.2448 0.0135  -0.0106 0.0036  145 GLU A OE2 
84  N N   . VAL A 16 ? 0.0791 0.0679 0.1134 0.0057  -0.0048 0.0051  146 VAL A N   
85  C CA  . VAL A 16 ? 0.0717 0.0599 0.1076 0.0043  -0.0036 0.0052  146 VAL A CA  
86  C C   . VAL A 16 ? 0.0808 0.0676 0.1211 0.0042  -0.0043 0.0039  146 VAL A C   
87  O O   . VAL A 16 ? 0.0883 0.0752 0.1292 0.0054  -0.0059 0.0021  146 VAL A O   
88  C CB  . VAL A 16 ? 0.1036 0.0942 0.1380 0.0039  -0.0032 0.0042  146 VAL A CB  
89  C CG1 . VAL A 16 ? 0.1367 0.1270 0.1738 0.0028  -0.0023 0.0038  146 VAL A CG1 
90  C CG2 . VAL A 16 ? 0.1169 0.1088 0.1474 0.0037  -0.0026 0.0054  146 VAL A CG2 
91  N N   . TYR A 17 ? 0.0868 0.0721 0.1301 0.0029  -0.0032 0.0048  147 TYR A N   
92  C CA  . TYR A 17 ? 0.0843 0.0682 0.1326 0.0026  -0.0039 0.0033  147 TYR A CA  
93  C C   . TYR A 17 ? 0.0914 0.0765 0.1428 0.0013  -0.0028 0.0028  147 TYR A C   
94  O O   . TYR A 17 ? 0.1183 0.1036 0.1691 0.0002  -0.0005 0.0044  147 TYR A O   
95  C CB  . TYR A 17 ? 0.1040 0.0847 0.1544 0.0023  -0.0035 0.0047  147 TYR A CB  
96  C CG  . TYR A 17 ? 0.1017 0.0813 0.1486 0.0036  -0.0042 0.0058  147 TYR A CG  
97  C CD1 . TYR A 17 ? 0.1001 0.0802 0.1464 0.0054  -0.0064 0.0042  147 TYR A CD1 
98  C CD2 . TYR A 17 ? 0.1170 0.0951 0.1609 0.0033  -0.0029 0.0084  147 TYR A CD2 
99  C CE1 . TYR A 17 ? 0.1068 0.0864 0.1507 0.0067  -0.0070 0.0050  147 TYR A CE1 
100 C CE2 . TYR A 17 ? 0.1291 0.1063 0.1702 0.0048  -0.0040 0.0093  147 TYR A CE2 
101 C CZ  . TYR A 17 ? 0.1056 0.0838 0.1471 0.0065  -0.0061 0.0075  147 TYR A CZ  
102 O OH  . TYR A 17 ? 0.1189 0.0966 0.1583 0.0080  -0.0071 0.0082  147 TYR A OH  
103 N N   . ASP A 18 ? 0.0947 0.0804 0.1492 0.0016  -0.0045 0.0005  148 ASP A N   
104 C CA  . ASP A 18 ? 0.1210 0.1079 0.1797 0.0005  -0.0038 -0.0002 148 ASP A CA  
105 C C   . ASP A 18 ? 0.1306 0.1159 0.1953 -0.0010 -0.0026 0.0003  148 ASP A C   
106 O O   . ASP A 18 ? 0.1433 0.1262 0.2085 -0.0011 -0.0025 0.0013  148 ASP A O   
107 C CB  . ASP A 18 ? 0.1386 0.1265 0.1978 0.0014  -0.0062 -0.0029 148 ASP A CB  
108 C CG  . ASP A 18 ? 0.1552 0.1415 0.2177 0.0021  -0.0091 -0.0050 148 ASP A CG  
109 O OD1 . ASP A 18 ? 0.1337 0.1183 0.1997 0.0016  -0.0090 -0.0045 148 ASP A OD1 
110 O OD2 . ASP A 18 ? 0.1862 0.1725 0.2476 0.0032  -0.0115 -0.0070 148 ASP A OD2 
111 N N   . GLU A 19 ? 0.1575 0.1441 0.2272 -0.0021 -0.0016 -0.0004 149 GLU A N   
112 C CA  . GLU A 19 ? 0.2026 0.1880 0.2787 -0.0038 0.0002  0.0003  149 GLU A CA  
113 C C   . GLU A 19 ? 0.2016 0.1852 0.2824 -0.0037 -0.0023 -0.0012 149 GLU A C   
114 O O   . GLU A 19 ? 0.2336 0.2153 0.3184 -0.0051 -0.0007 -0.0002 149 GLU A O   
115 C CB  . GLU A 19 ? 0.2402 0.2281 0.3216 -0.0050 0.0019  -0.0005 149 GLU A CB  
116 C CG  . GLU A 19 ? 0.3240 0.3135 0.4099 -0.0042 -0.0013 -0.0036 149 GLU A CG  
117 C CD  . GLU A 19 ? 0.4456 0.4374 0.5386 -0.0054 0.0004  -0.0045 149 GLU A CD  
118 O OE1 . GLU A 19 ? 0.4633 0.4556 0.5561 -0.0067 0.0043  -0.0026 149 GLU A OE1 
119 O OE2 . GLU A 19 ? 0.4645 0.4574 0.5632 -0.0051 -0.0023 -0.0070 149 GLU A OE2 
120 N N   . ASN A 20 ? 0.1586 0.1422 0.2385 -0.0021 -0.0059 -0.0035 150 ASN A N   
121 C CA  . ASN A 20 ? 0.1850 0.1664 0.2683 -0.0017 -0.0085 -0.0052 150 ASN A CA  
122 C C   . ASN A 20 ? 0.1453 0.1242 0.2235 -0.0005 -0.0092 -0.0043 150 ASN A C   
123 O O   . ASN A 20 ? 0.1596 0.1363 0.2398 0.0001  -0.0114 -0.0056 150 ASN A O   
124 C CB  . ASN A 20 ? 0.2130 0.1950 0.2974 -0.0003 -0.0123 -0.0085 150 ASN A CB  
125 C CG  . ASN A 20 ? 0.2769 0.2613 0.3677 -0.0014 -0.0124 -0.0097 150 ASN A CG  
126 O OD1 . ASN A 20 ? 0.3309 0.3169 0.4198 -0.0004 -0.0137 -0.0110 150 ASN A OD1 
127 N ND2 . ASN A 20 ? 0.2928 0.2772 0.3915 -0.0032 -0.0108 -0.0095 150 ASN A ND2 
128 N N   . GLY A 21 ? 0.1342 0.1135 0.2063 0.0000  -0.0076 -0.0023 151 GLY A N   
129 C CA  . GLY A 21 ? 0.1306 0.1081 0.1985 0.0013  -0.0082 -0.0015 151 GLY A CA  
130 C C   . GLY A 21 ? 0.1368 0.1150 0.2005 0.0034  -0.0106 -0.0034 151 GLY A C   
131 O O   . GLY A 21 ? 0.1466 0.1231 0.2083 0.0047  -0.0116 -0.0035 151 GLY A O   
132 N N   . ASN A 22 ? 0.1285 0.1087 0.1908 0.0038  -0.0114 -0.0049 152 ASN A N   
133 C CA  . ASN A 22 ? 0.1467 0.1274 0.2040 0.0057  -0.0130 -0.0062 152 ASN A CA  
134 C C   . ASN A 22 ? 0.1177 0.0999 0.1699 0.0060  -0.0111 -0.0043 152 ASN A C   
135 O O   . ASN A 22 ? 0.1255 0.1093 0.1770 0.0049  -0.0092 -0.0026 152 ASN A O   
136 C CB  . ASN A 22 ? 0.1845 0.1663 0.2410 0.0060  -0.0143 -0.0081 152 ASN A CB  
137 C CG  . ASN A 22 ? 0.2390 0.2194 0.3008 0.0058  -0.0167 -0.0103 152 ASN A CG  
138 O OD1 . ASN A 22 ? 0.2729 0.2512 0.3362 0.0065  -0.0186 -0.0118 152 ASN A OD1 
139 N ND2 . ASN A 22 ? 0.2533 0.2353 0.3184 0.0049  -0.0168 -0.0108 152 ASN A ND2 
140 N N   . ILE A 23 ? 0.1091 0.0909 0.1581 0.0075  -0.0118 -0.0047 153 ILE A N   
141 C CA  . ILE A 23 ? 0.1083 0.0921 0.1533 0.0081  -0.0105 -0.0032 153 ILE A CA  
142 C C   . ILE A 23 ? 0.1042 0.0900 0.1457 0.0082  -0.0104 -0.0039 153 ILE A C   
143 O O   . ILE A 23 ? 0.1671 0.1526 0.2075 0.0090  -0.0116 -0.0060 153 ILE A O   
144 C CB  . ILE A 23 ? 0.1250 0.1077 0.1686 0.0097  -0.0112 -0.0035 153 ILE A CB  
145 C CG1 . ILE A 23 ? 0.1326 0.1125 0.1794 0.0096  -0.0115 -0.0027 153 ILE A CG1 
146 C CG2 . ILE A 23 ? 0.1555 0.1405 0.1959 0.0102  -0.0101 -0.0022 153 ILE A CG2 
147 C CD1 . ILE A 23 ? 0.1715 0.1500 0.2178 0.0115  -0.0127 -0.0034 153 ILE A CD1 
148 N N   . ILE A 24 ? 0.0938 0.0815 0.1334 0.0073  -0.0087 -0.0023 154 ILE A N   
149 C CA  . ILE A 24 ? 0.1119 0.1018 0.1482 0.0073  -0.0084 -0.0027 154 ILE A CA  
150 C C   . ILE A 24 ? 0.1211 0.1125 0.1545 0.0078  -0.0076 -0.0018 154 ILE A C   
151 O O   . ILE A 24 ? 0.1352 0.1270 0.1687 0.0074  -0.0067 0.0000  154 ILE A O   
152 C CB  . ILE A 24 ? 0.1076 0.0984 0.1444 0.0059  -0.0074 -0.0020 154 ILE A CB  
153 C CG1 . ILE A 24 ? 0.1515 0.1410 0.1920 0.0055  -0.0084 -0.0033 154 ILE A CG1 
154 C CG2 . ILE A 24 ? 0.1565 0.1490 0.1895 0.0059  -0.0069 -0.0022 154 ILE A CG2 
155 C CD1 . ILE A 24 ? 0.1663 0.1565 0.2090 0.0043  -0.0072 -0.0026 154 ILE A CD1 
156 N N   . ASN A 25 ? 0.1313 0.1236 0.1625 0.0088  -0.0079 -0.0030 155 ASN A N   
157 C CA  . ASN A 25 ? 0.1425 0.1366 0.1721 0.0095  -0.0072 -0.0025 155 ASN A CA  
158 C C   . ASN A 25 ? 0.1288 0.1250 0.1558 0.0086  -0.0062 -0.0021 155 ASN A C   
159 O O   . ASN A 25 ? 0.1746 0.1708 0.1994 0.0086  -0.0061 -0.0033 155 ASN A O   
160 C CB  . ASN A 25 ? 0.1895 0.1831 0.2184 0.0111  -0.0077 -0.0043 155 ASN A CB  
161 C CG  . ASN A 25 ? 0.2371 0.2286 0.2687 0.0121  -0.0087 -0.0047 155 ASN A CG  
162 O OD1 . ASN A 25 ? 0.2958 0.2871 0.3291 0.0122  -0.0088 -0.0034 155 ASN A OD1 
163 N ND2 . ASN A 25 ? 0.3013 0.2905 0.3327 0.0128  -0.0098 -0.0066 155 ASN A ND2 
164 N N   . LEU A 26 ? 0.1196 0.1172 0.1464 0.0078  -0.0056 -0.0005 156 LEU A N   
165 C CA  . LEU A 26 ? 0.1104 0.1098 0.1349 0.0069  -0.0048 -0.0001 156 LEU A CA  
166 C C   . LEU A 26 ? 0.1163 0.1179 0.1406 0.0075  -0.0045 -0.0001 156 LEU A C   
167 O O   . LEU A 26 ? 0.1169 0.1188 0.1428 0.0084  -0.0051 0.0003  156 LEU A O   
168 C CB  . LEU A 26 ? 0.0983 0.0977 0.1225 0.0058  -0.0043 0.0015  156 LEU A CB  
169 C CG  . LEU A 26 ? 0.1062 0.1038 0.1314 0.0050  -0.0040 0.0017  156 LEU A CG  
170 C CD1 . LEU A 26 ? 0.1033 0.1009 0.1273 0.0040  -0.0031 0.0032  156 LEU A CD1 
171 C CD2 . LEU A 26 ? 0.1112 0.1085 0.1359 0.0049  -0.0044 0.0003  156 LEU A CD2 
172 N N   . THR A 27 ? 0.1105 0.1137 0.1330 0.0070  -0.0038 -0.0006 157 THR A N   
173 C CA  . THR A 27 ? 0.1166 0.1225 0.1398 0.0071  -0.0034 -0.0005 157 THR A CA  
174 C C   . THR A 27 ? 0.1195 0.1264 0.1431 0.0065  -0.0040 0.0011  157 THR A C   
175 O O   . THR A 27 ? 0.1057 0.1110 0.1282 0.0057  -0.0042 0.0020  157 THR A O   
176 C CB  . THR A 27 ? 0.1272 0.1344 0.1485 0.0062  -0.0021 -0.0012 157 THR A CB  
177 O OG1 . THR A 27 ? 0.1197 0.1266 0.1392 0.0048  -0.0021 -0.0004 157 THR A OG1 
178 C CG2 . THR A 27 ? 0.1427 0.1481 0.1621 0.0067  -0.0016 -0.0025 157 THR A CG2 
179 N N   . SER A 28 ? 0.1152 0.1245 0.1404 0.0068  -0.0043 0.0011  158 SER A N   
180 C CA  . SER A 28 ? 0.1324 0.1422 0.1573 0.0065  -0.0054 0.0024  158 SER A CA  
181 C C   . SER A 28 ? 0.1032 0.1126 0.1253 0.0048  -0.0050 0.0029  158 SER A C   
182 O O   . SER A 28 ? 0.1073 0.1152 0.1277 0.0044  -0.0054 0.0041  158 SER A O   
183 C CB  . SER A 28 ? 0.1509 0.1636 0.1785 0.0072  -0.0062 0.0021  158 SER A CB  
184 O OG  . SER A 28 ? 0.1847 0.1971 0.2117 0.0073  -0.0078 0.0033  158 SER A OG  
185 N N   . LYS A 29 ? 0.1011 0.1118 0.1226 0.0039  -0.0039 0.0020  159 LYS A N   
186 C CA  . LYS A 29 ? 0.0954 0.1055 0.1142 0.0025  -0.0036 0.0024  159 LYS A CA  
187 C C   . LYS A 29 ? 0.0865 0.0937 0.1034 0.0022  -0.0031 0.0027  159 LYS A C   
188 O O   . LYS A 29 ? 0.0866 0.0928 0.1018 0.0015  -0.0032 0.0035  159 LYS A O   
189 C CB  . LYS A 29 ? 0.0890 0.1004 0.1074 0.0016  -0.0026 0.0015  159 LYS A CB  
190 C CG  . LYS A 29 ? 0.1098 0.1240 0.1304 0.0012  -0.0029 0.0011  159 LYS A CG  
191 C CD  . LYS A 29 ? 0.1392 0.1544 0.1592 -0.0002 -0.0016 0.0006  159 LYS A CD  
192 C CE  . LYS A 29 ? 0.1889 0.2074 0.2120 -0.0008 -0.0019 0.0001  159 LYS A CE  
193 N NZ  . LYS A 29 ? 0.2483 0.2693 0.2752 0.0002  -0.0011 -0.0007 159 LYS A NZ  
194 N N   . GLU A 30 ? 0.0837 0.0899 0.1014 0.0029  -0.0029 0.0021  160 GLU A N   
195 C CA  . GLU A 30 ? 0.0772 0.0810 0.0943 0.0027  -0.0027 0.0022  160 GLU A CA  
196 C C   . GLU A 30 ? 0.0762 0.0789 0.0938 0.0028  -0.0029 0.0035  160 GLU A C   
197 O O   . GLU A 30 ? 0.0791 0.0806 0.0957 0.0021  -0.0023 0.0040  160 GLU A O   
198 C CB  . GLU A 30 ? 0.0937 0.0962 0.1116 0.0036  -0.0028 0.0011  160 GLU A CB  
199 C CG  . GLU A 30 ? 0.0953 0.0978 0.1116 0.0034  -0.0024 0.0000  160 GLU A CG  
200 C CD  . GLU A 30 ? 0.1090 0.1104 0.1254 0.0045  -0.0027 -0.0012 160 GLU A CD  
201 O OE1 . GLU A 30 ? 0.1045 0.1052 0.1230 0.0054  -0.0034 -0.0014 160 GLU A OE1 
202 O OE2 . GLU A 30 ? 0.1189 0.1197 0.1330 0.0045  -0.0023 -0.0021 160 GLU A OE2 
203 N N   . PHE A 31 ? 0.0850 0.0879 0.1040 0.0037  -0.0036 0.0040  161 PHE A N   
204 C CA  . PHE A 31 ? 0.0885 0.0896 0.1072 0.0038  -0.0037 0.0055  161 PHE A CA  
205 C C   . PHE A 31 ? 0.0848 0.0859 0.1006 0.0031  -0.0037 0.0065  161 PHE A C   
206 O O   . PHE A 31 ? 0.0914 0.0903 0.1055 0.0026  -0.0030 0.0076  161 PHE A O   
207 C CB  . PHE A 31 ? 0.0991 0.1000 0.1197 0.0051  -0.0048 0.0058  161 PHE A CB  
208 C CG  . PHE A 31 ? 0.0974 0.0954 0.1179 0.0052  -0.0047 0.0072  161 PHE A CG  
209 C CD1 . PHE A 31 ? 0.1312 0.1280 0.1493 0.0051  -0.0050 0.0088  161 PHE A CD1 
210 C CD2 . PHE A 31 ? 0.1098 0.1061 0.1325 0.0054  -0.0044 0.0069  161 PHE A CD2 
211 C CE1 . PHE A 31 ? 0.1285 0.1221 0.1459 0.0051  -0.0046 0.0104  161 PHE A CE1 
212 C CE2 . PHE A 31 ? 0.1190 0.1125 0.1420 0.0052  -0.0040 0.0084  161 PHE A CE2 
213 C CZ  . PHE A 31 ? 0.1313 0.1234 0.1514 0.0051  -0.0039 0.0101  161 PHE A CZ  
214 N N   . ASP A 32 ? 0.0931 0.0964 0.1083 0.0030  -0.0045 0.0062  162 ASP A N   
215 C CA  . ASP A 32 ? 0.0952 0.0981 0.1074 0.0023  -0.0048 0.0068  162 ASP A CA  
216 C C   . ASP A 32 ? 0.0905 0.0923 0.1005 0.0012  -0.0034 0.0067  162 ASP A C   
217 O O   . ASP A 32 ? 0.1002 0.1002 0.1074 0.0008  -0.0030 0.0076  162 ASP A O   
218 C CB  . ASP A 32 ? 0.1288 0.1345 0.1416 0.0021  -0.0059 0.0061  162 ASP A CB  
219 C CG  . ASP A 32 ? 0.2168 0.2240 0.2324 0.0033  -0.0073 0.0060  162 ASP A CG  
220 O OD1 . ASP A 32 ? 0.1992 0.2048 0.2143 0.0043  -0.0082 0.0071  162 ASP A OD1 
221 O OD2 . ASP A 32 ? 0.2517 0.2618 0.2697 0.0033  -0.0075 0.0049  162 ASP A OD2 
222 N N   . LEU A 33 ? 0.0896 0.0920 0.1007 0.0009  -0.0027 0.0055  163 LEU A N   
223 C CA  . LEU A 33 ? 0.0861 0.0876 0.0959 0.0000  -0.0016 0.0052  163 LEU A CA  
224 C C   . LEU A 33 ? 0.0818 0.0812 0.0921 0.0001  -0.0006 0.0059  163 LEU A C   
225 O O   . LEU A 33 ? 0.0892 0.0874 0.0975 -0.0005 0.0005  0.0062  163 LEU A O   
226 C CB  . LEU A 33 ? 0.0862 0.0882 0.0971 -0.0001 -0.0015 0.0040  163 LEU A CB  
227 C CG  . LEU A 33 ? 0.0786 0.0794 0.0884 -0.0006 -0.0007 0.0034  163 LEU A CG  
228 C CD1 . LEU A 33 ? 0.0961 0.0966 0.1030 -0.0015 -0.0005 0.0035  163 LEU A CD1 
229 C CD2 . LEU A 33 ? 0.0982 0.0989 0.1087 -0.0005 -0.0009 0.0022  163 LEU A CD2 
230 N N   . LEU A 34 ? 0.0774 0.0764 0.0903 0.0007  -0.0007 0.0060  164 LEU A N   
231 C CA  . LEU A 34 ? 0.0826 0.0799 0.0968 0.0006  0.0005  0.0066  164 LEU A CA  
232 C C   . LEU A 34 ? 0.0873 0.0828 0.0986 0.0003  0.0013  0.0082  164 LEU A C   
233 O O   . LEU A 34 ? 0.1009 0.0952 0.1117 -0.0003 0.0031  0.0087  164 LEU A O   
234 C CB  . LEU A 34 ? 0.0849 0.0818 0.1024 0.0013  0.0000  0.0065  164 LEU A CB  
235 C CG  . LEU A 34 ? 0.0853 0.0803 0.1051 0.0010  0.0010  0.0072  164 LEU A CG  
236 C CD1 . LEU A 34 ? 0.1150 0.1101 0.1368 0.0004  0.0020  0.0061  164 LEU A CD1 
237 C CD2 . LEU A 34 ? 0.1087 0.1029 0.1312 0.0017  0.0001  0.0070  164 LEU A CD2 
238 N N   . LEU A 35 ? 0.0915 0.0870 0.1008 0.0008  0.0001  0.0091  165 LEU A N   
239 C CA  . LEU A 35 ? 0.1035 0.0966 0.1090 0.0007  0.0005  0.0107  165 LEU A CA  
240 C C   . LEU A 35 ? 0.1145 0.1072 0.1162 0.0000  0.0013  0.0106  165 LEU A C   
241 O O   . LEU A 35 ? 0.1280 0.1181 0.1265 -0.0003 0.0027  0.0117  165 LEU A O   
242 C CB  . LEU A 35 ? 0.1338 0.1270 0.1382 0.0017  -0.0017 0.0114  165 LEU A CB  
243 C CG  . LEU A 35 ? 0.1367 0.1297 0.1445 0.0026  -0.0024 0.0116  165 LEU A CG  
244 C CD1 . LEU A 35 ? 0.1859 0.1789 0.1927 0.0038  -0.0046 0.0124  165 LEU A CD1 
245 C CD2 . LEU A 35 ? 0.2006 0.1906 0.2088 0.0023  -0.0007 0.0129  165 LEU A CD2 
246 N N   . LEU A 36 ? 0.1086 0.1034 0.1103 -0.0002 0.0004  0.0093  166 LEU A N   
247 C CA  . LEU A 36 ? 0.1217 0.1158 0.1200 -0.0009 0.0011  0.0090  166 LEU A CA  
248 C C   . LEU A 36 ? 0.1204 0.1135 0.1193 -0.0014 0.0035  0.0087  166 LEU A C   
249 O O   . LEU A 36 ? 0.1330 0.1241 0.1282 -0.0017 0.0049  0.0091  166 LEU A O   
250 C CB  . LEU A 36 ? 0.1208 0.1171 0.1197 -0.0012 0.0000  0.0075  166 LEU A CB  
251 C CG  . LEU A 36 ? 0.1448 0.1428 0.1434 -0.0011 -0.0022 0.0073  166 LEU A CG  
252 C CD1 . LEU A 36 ? 0.1528 0.1526 0.1523 -0.0018 -0.0026 0.0060  166 LEU A CD1 
253 C CD2 . LEU A 36 ? 0.1812 0.1774 0.1752 -0.0009 -0.0032 0.0082  166 LEU A CD2 
254 N N   . PHE A 37 ? 0.1042 0.0981 0.1074 -0.0013 0.0041  0.0080  167 PHE A N   
255 C CA  . PHE A 37 ? 0.1224 0.1159 0.1277 -0.0017 0.0061  0.0076  167 PHE A CA  
256 C C   . PHE A 37 ? 0.1084 0.0998 0.1137 -0.0019 0.0081  0.0089  167 PHE A C   
257 O O   . PHE A 37 ? 0.1400 0.1300 0.1437 -0.0023 0.0104  0.0092  167 PHE A O   
258 C CB  . PHE A 37 ? 0.0961 0.0911 0.1061 -0.0015 0.0054  0.0063  167 PHE A CB  
259 C CG  . PHE A 37 ? 0.0966 0.0928 0.1062 -0.0015 0.0043  0.0049  167 PHE A CG  
260 C CD1 . PHE A 37 ? 0.1042 0.1000 0.1110 -0.0019 0.0048  0.0044  167 PHE A CD1 
261 C CD2 . PHE A 37 ? 0.1029 0.1002 0.1146 -0.0011 0.0028  0.0041  167 PHE A CD2 
262 C CE1 . PHE A 37 ? 0.1070 0.1033 0.1133 -0.0019 0.0037  0.0032  167 PHE A CE1 
263 C CE2 . PHE A 37 ? 0.1126 0.1103 0.1233 -0.0012 0.0019  0.0030  167 PHE A CE2 
264 C CZ  . PHE A 37 ? 0.1081 0.1053 0.1162 -0.0016 0.0023  0.0027  167 PHE A CZ  
265 N N   . ILE A 38 ? 0.1204 0.1113 0.1278 -0.0016 0.0077  0.0098  168 ILE A N   
266 C CA  . ILE A 38 ? 0.1310 0.1201 0.1400 -0.0021 0.0099  0.0109  168 ILE A CA  
267 C C   . ILE A 38 ? 0.1458 0.1318 0.1490 -0.0023 0.0114  0.0127  168 ILE A C   
268 O O   . ILE A 38 ? 0.1839 0.1680 0.1873 -0.0029 0.0143  0.0136  168 ILE A O   
269 C CB  . ILE A 38 ? 0.1469 0.1359 0.1598 -0.0018 0.0090  0.0113  168 ILE A CB  
270 C CG1 . ILE A 38 ? 0.1597 0.1475 0.1695 -0.0010 0.0070  0.0124  168 ILE A CG1 
271 C CG2 . ILE A 38 ? 0.1552 0.1466 0.1732 -0.0015 0.0076  0.0094  168 ILE A CG2 
272 C CD1 . ILE A 38 ? 0.1819 0.1693 0.1952 -0.0005 0.0061  0.0128  168 ILE A CD1 
273 N N   . HIS A 39 ? 0.1523 0.1378 0.1503 -0.0018 0.0097  0.0132  169 HIS A N   
274 C CA  . HIS A 39 ? 0.1817 0.1635 0.1732 -0.0017 0.0107  0.0148  169 HIS A CA  
275 C C   . HIS A 39 ? 0.1624 0.1439 0.1497 -0.0020 0.0119  0.0142  169 HIS A C   
276 O O   . HIS A 39 ? 0.1797 0.1578 0.1605 -0.0019 0.0127  0.0154  169 HIS A O   
277 C CB  . HIS A 39 ? 0.1978 0.1788 0.1861 -0.0008 0.0077  0.0158  169 HIS A CB  
278 C CG  . HIS A 39 ? 0.1985 0.1790 0.1898 -0.0004 0.0070  0.0168  169 HIS A CG  
279 N ND1 . HIS A 39 ? 0.2452 0.2229 0.2373 -0.0008 0.0094  0.0182  169 HIS A ND1 
280 C CD2 . HIS A 39 ? 0.2114 0.1934 0.2054 0.0005  0.0043  0.0164  169 HIS A CD2 
281 C CE1 . HIS A 39 ? 0.2491 0.2264 0.2439 -0.0003 0.0079  0.0187  169 HIS A CE1 
282 N NE2 . HIS A 39 ? 0.2055 0.1855 0.2015 0.0006  0.0048  0.0176  169 HIS A NE2 
283 N N   . HIS A 40 ? 0.1641 0.1481 0.1542 -0.0022 0.0118  0.0123  170 HIS A N   
284 C CA  . HIS A 40 ? 0.1568 0.1403 0.1434 -0.0024 0.0127  0.0114  170 HIS A CA  
285 C C   . HIS A 40 ? 0.1508 0.1363 0.1424 -0.0028 0.0145  0.0098  170 HIS A C   
286 O O   . HIS A 40 ? 0.1385 0.1255 0.1309 -0.0027 0.0134  0.0083  170 HIS A O   
287 C CB  . HIS A 40 ? 0.1725 0.1572 0.1565 -0.0021 0.0096  0.0106  170 HIS A CB  
288 C CG  . HIS A 40 ? 0.2005 0.1836 0.1801 -0.0016 0.0074  0.0118  170 HIS A CG  
289 N ND1 . HIS A 40 ? 0.2307 0.2152 0.2131 -0.0011 0.0051  0.0122  170 HIS A ND1 
290 C CD2 . HIS A 40 ? 0.2266 0.2063 0.1993 -0.0013 0.0073  0.0128  170 HIS A CD2 
291 C CE1 . HIS A 40 ? 0.2499 0.2324 0.2278 -0.0006 0.0033  0.0133  170 HIS A CE1 
292 N NE2 . HIS A 40 ? 0.2863 0.2657 0.2580 -0.0006 0.0044  0.0137  170 HIS A NE2 
293 N N   . LYS A 41 ? 0.1552 0.1403 0.1503 -0.0032 0.0172  0.0103  171 LYS A N   
294 C CA  . LYS A 41 ? 0.1593 0.1463 0.1602 -0.0034 0.0186  0.0088  171 LYS A CA  
295 C C   . LYS A 41 ? 0.1441 0.1306 0.1422 -0.0033 0.0201  0.0076  171 LYS A C   
296 O O   . LYS A 41 ? 0.1677 0.1516 0.1601 -0.0034 0.0219  0.0085  171 LYS A O   
297 C CB  . LYS A 41 ? 0.2077 0.1943 0.2132 -0.0040 0.0215  0.0095  171 LYS A CB  
298 C CG  . LYS A 41 ? 0.2737 0.2602 0.2817 -0.0040 0.0200  0.0106  171 LYS A CG  
299 C CD  . LYS A 41 ? 0.3565 0.3419 0.3685 -0.0048 0.0229  0.0115  171 LYS A CD  
300 C CE  . LYS A 41 ? 0.4046 0.3894 0.4185 -0.0048 0.0213  0.0126  171 LYS A CE  
301 N NZ  . LYS A 41 ? 0.4960 0.4804 0.5160 -0.0057 0.0234  0.0129  171 LYS A NZ  
302 N N   . GLY A 42 ? 0.1423 0.1310 0.1442 -0.0031 0.0192  0.0057  172 GLY A N   
303 C CA  . GLY A 42 ? 0.1593 0.1475 0.1592 -0.0029 0.0202  0.0045  172 GLY A CA  
304 C C   . GLY A 42 ? 0.1354 0.1228 0.1297 -0.0027 0.0179  0.0041  172 GLY A C   
305 O O   . GLY A 42 ? 0.1845 0.1718 0.1778 -0.0024 0.0180  0.0027  172 GLY A O   
306 N N   . HIS A 43 ? 0.1175 0.1045 0.1084 -0.0028 0.0156  0.0052  173 HIS A N   
307 C CA  . HIS A 43 ? 0.1240 0.1103 0.1099 -0.0027 0.0135  0.0048  173 HIS A CA  
308 C C   . HIS A 43 ? 0.1092 0.0975 0.0979 -0.0028 0.0112  0.0034  173 HIS A C   
309 O O   . HIS A 43 ? 0.1035 0.0935 0.0960 -0.0027 0.0097  0.0035  173 HIS A O   
310 C CB  . HIS A 43 ? 0.1343 0.1198 0.1166 -0.0027 0.0116  0.0062  173 HIS A CB  
311 C CG  . HIS A 43 ? 0.1336 0.1184 0.1117 -0.0027 0.0091  0.0056  173 HIS A CG  
312 N ND1 . HIS A 43 ? 0.1712 0.1538 0.1436 -0.0028 0.0095  0.0052  173 HIS A ND1 
313 C CD2 . HIS A 43 ? 0.1300 0.1168 0.1094 -0.0030 0.0062  0.0052  173 HIS A CD2 
314 C CE1 . HIS A 43 ? 0.1721 0.1549 0.1424 -0.0029 0.0067  0.0046  173 HIS A CE1 
315 N NE2 . HIS A 43 ? 0.1514 0.1368 0.1261 -0.0031 0.0048  0.0046  173 HIS A NE2 
316 N N   . PRO A 44 ? 0.1103 0.0977 0.0968 -0.0028 0.0107  0.0022  174 PRO A N   
317 C CA  . PRO A 44 ? 0.1090 0.0977 0.0973 -0.0030 0.0086  0.0011  174 PRO A CA  
318 C C   . PRO A 44 ? 0.0961 0.0854 0.0823 -0.0035 0.0061  0.0015  174 PRO A C   
319 O O   . PRO A 44 ? 0.1257 0.1137 0.1077 -0.0038 0.0053  0.0015  174 PRO A O   
320 C CB  . PRO A 44 ? 0.1413 0.1283 0.1275 -0.0029 0.0092  -0.0004 174 PRO A CB  
321 C CG  . PRO A 44 ? 0.1870 0.1719 0.1684 -0.0027 0.0110  0.0001  174 PRO A CG  
322 C CD  . PRO A 44 ? 0.1390 0.1240 0.1209 -0.0027 0.0125  0.0016  174 PRO A CD  
323 N N   . TYR A 45 ? 0.0900 0.0811 0.0796 -0.0036 0.0047  0.0018  175 TYR A N   
324 C CA  . TYR A 45 ? 0.0901 0.0824 0.0792 -0.0040 0.0026  0.0020  175 TYR A CA  
325 C C   . TYR A 45 ? 0.0813 0.0737 0.0711 -0.0046 0.0016  0.0009  175 TYR A C   
326 O O   . TYR A 45 ? 0.0895 0.0825 0.0820 -0.0044 0.0018  0.0005  175 TYR A O   
327 C CB  . TYR A 45 ? 0.1020 0.0961 0.0945 -0.0037 0.0021  0.0029  175 TYR A CB  
328 C CG  . TYR A 45 ? 0.0988 0.0925 0.0902 -0.0033 0.0024  0.0041  175 TYR A CG  
329 C CD1 . TYR A 45 ? 0.1076 0.1011 0.0964 -0.0033 0.0009  0.0047  175 TYR A CD1 
330 C CD2 . TYR A 45 ? 0.0981 0.0913 0.0914 -0.0029 0.0040  0.0048  175 TYR A CD2 
331 C CE1 . TYR A 45 ? 0.1302 0.1228 0.1175 -0.0028 0.0009  0.0060  175 TYR A CE1 
332 C CE2 . TYR A 45 ? 0.1115 0.1037 0.1035 -0.0026 0.0044  0.0062  175 TYR A CE2 
333 C CZ  . TYR A 45 ? 0.1040 0.0957 0.0929 -0.0025 0.0028  0.0068  175 TYR A CZ  
334 O OH  . TYR A 45 ? 0.1340 0.1242 0.1211 -0.0020 0.0029  0.0084  175 TYR A OH  
335 N N   . SER A 46 ? 0.0836 0.0756 0.0710 -0.0053 0.0004  0.0006  176 SER A N   
336 C CA  . SER A 46 ? 0.0850 0.0773 0.0732 -0.0060 -0.0005 -0.0002 176 SER A CA  
337 C C   . SER A 46 ? 0.0862 0.0808 0.0773 -0.0063 -0.0011 0.0003  176 SER A C   
338 O O   . SER A 46 ? 0.0838 0.0800 0.0762 -0.0060 -0.0015 0.0010  176 SER A O   
339 C CB  . SER A 46 ? 0.0965 0.0877 0.0819 -0.0070 -0.0016 -0.0009 176 SER A CB  
340 O OG  . SER A 46 ? 0.1007 0.0935 0.0863 -0.0075 -0.0029 -0.0005 176 SER A OG  
341 N N   . ARG A 47 ? 0.0832 0.0776 0.0753 -0.0068 -0.0013 -0.0002 177 ARG A N   
342 C CA  . ARG A 47 ? 0.0867 0.0830 0.0810 -0.0071 -0.0016 0.0001  177 ARG A CA  
343 C C   . ARG A 47 ? 0.0868 0.0853 0.0817 -0.0078 -0.0026 0.0003  177 ARG A C   
344 O O   . ARG A 47 ? 0.0990 0.0997 0.0964 -0.0075 -0.0028 0.0008  177 ARG A O   
345 C CB  . ARG A 47 ? 0.1090 0.1043 0.1031 -0.0077 -0.0013 -0.0003 177 ARG A CB  
346 C CG  . ARG A 47 ? 0.1378 0.1315 0.1320 -0.0067 -0.0008 -0.0004 177 ARG A CG  
347 C CD  . ARG A 47 ? 0.1532 0.1449 0.1462 -0.0072 -0.0008 -0.0007 177 ARG A CD  
348 N NE  . ARG A 47 ? 0.1901 0.1802 0.1830 -0.0059 -0.0008 -0.0009 177 ARG A NE  
349 C CZ  . ARG A 47 ? 0.1507 0.1389 0.1430 -0.0052 -0.0011 -0.0015 177 ARG A CZ  
350 N NH1 . ARG A 47 ? 0.2289 0.2163 0.2201 -0.0056 -0.0010 -0.0018 177 ARG A NH1 
351 N NH2 . ARG A 47 ? 0.2561 0.2431 0.2492 -0.0039 -0.0016 -0.0019 177 ARG A NH2 
352 N N   . GLU A 48 ? 0.0910 0.0886 0.0842 -0.0087 -0.0034 -0.0002 178 GLU A N   
353 C CA  . GLU A 48 ? 0.0934 0.0929 0.0876 -0.0094 -0.0049 -0.0002 178 GLU A CA  
354 C C   . GLU A 48 ? 0.0959 0.0962 0.0897 -0.0082 -0.0056 0.0005  178 GLU A C   
355 O O   . GLU A 48 ? 0.0969 0.0995 0.0931 -0.0080 -0.0067 0.0007  178 GLU A O   
356 C CB  . GLU A 48 ? 0.0981 0.0962 0.0901 -0.0105 -0.0060 -0.0011 178 GLU A CB  
357 C CG  . GLU A 48 ? 0.1105 0.1102 0.1033 -0.0109 -0.0081 -0.0013 178 GLU A CG  
358 C CD  . GLU A 48 ? 0.1316 0.1304 0.1236 -0.0123 -0.0094 -0.0024 178 GLU A CD  
359 O OE1 . GLU A 48 ? 0.1355 0.1325 0.1268 -0.0133 -0.0085 -0.0028 178 GLU A OE1 
360 O OE2 . GLU A 48 ? 0.1371 0.1367 0.1290 -0.0125 -0.0117 -0.0028 178 GLU A OE2 
361 N N   . ASP A 49 ? 0.0971 0.0952 0.0879 -0.0073 -0.0049 0.0008  179 ASP A N   
362 C CA  . ASP A 49 ? 0.1004 0.0982 0.0901 -0.0063 -0.0053 0.0017  179 ASP A CA  
363 C C   . ASP A 49 ? 0.0910 0.0910 0.0843 -0.0056 -0.0050 0.0024  179 ASP A C   
364 O O   . ASP A 49 ? 0.1020 0.1031 0.0961 -0.0050 -0.0063 0.0030  179 ASP A O   
365 C CB  . ASP A 49 ? 0.1082 0.1034 0.0949 -0.0057 -0.0037 0.0021  179 ASP A CB  
366 C CG  . ASP A 49 ? 0.1222 0.1150 0.1046 -0.0060 -0.0037 0.0013  179 ASP A CG  
367 O OD1 . ASP A 49 ? 0.1388 0.1313 0.1196 -0.0066 -0.0054 0.0007  179 ASP A OD1 
368 O OD2 . ASP A 49 ? 0.1358 0.1266 0.1165 -0.0055 -0.0018 0.0012  179 ASP A OD2 
369 N N   . ILE A 50 ? 0.0856 0.0859 0.0810 -0.0054 -0.0037 0.0024  180 ILE A N   
370 C CA  . ILE A 50 ? 0.0859 0.0878 0.0845 -0.0047 -0.0034 0.0029  180 ILE A CA  
371 C C   . ILE A 50 ? 0.0959 0.1006 0.0975 -0.0050 -0.0044 0.0025  180 ILE A C   
372 O O   . ILE A 50 ? 0.1034 0.1096 0.1069 -0.0042 -0.0051 0.0029  180 ILE A O   
373 C CB  . ILE A 50 ? 0.0945 0.0958 0.0943 -0.0044 -0.0021 0.0025  180 ILE A CB  
374 C CG1 . ILE A 50 ? 0.0991 0.0984 0.0976 -0.0039 -0.0011 0.0028  180 ILE A CG1 
375 C CG2 . ILE A 50 ? 0.1050 0.1076 0.1079 -0.0037 -0.0021 0.0027  180 ILE A CG2 
376 C CD1 . ILE A 50 ? 0.1110 0.1094 0.1108 -0.0037 -0.0002 0.0022  180 ILE A CD1 
377 N N   . LEU A 51 ? 0.0959 0.1010 0.0976 -0.0062 -0.0044 0.0017  181 LEU A N   
378 C CA  . LEU A 51 ? 0.1063 0.1143 0.1114 -0.0067 -0.0049 0.0013  181 LEU A CA  
379 C C   . LEU A 51 ? 0.1117 0.1214 0.1182 -0.0064 -0.0069 0.0014  181 LEU A C   
380 O O   . LEU A 51 ? 0.1101 0.1223 0.1199 -0.0058 -0.0073 0.0015  181 LEU A O   
381 C CB  . LEU A 51 ? 0.1330 0.1407 0.1379 -0.0084 -0.0045 0.0006  181 LEU A CB  
382 C CG  . LEU A 51 ? 0.1465 0.1534 0.1513 -0.0086 -0.0027 0.0004  181 LEU A CG  
383 C CD1 . LEU A 51 ? 0.1701 0.1756 0.1736 -0.0102 -0.0023 -0.0001 181 LEU A CD1 
384 C CD2 . LEU A 51 ? 0.1859 0.1949 0.1938 -0.0082 -0.0019 0.0004  181 LEU A CD2 
385 N N   . LEU A 52 ? 0.0971 0.1053 0.1005 -0.0067 -0.0082 0.0014  182 LEU A N   
386 C CA  . LEU A 52 ? 0.1040 0.1135 0.1081 -0.0063 -0.0106 0.0015  182 LEU A CA  
387 C C   . LEU A 52 ? 0.1007 0.1101 0.1049 -0.0046 -0.0111 0.0025  182 LEU A C   
388 O O   . LEU A 52 ? 0.1324 0.1436 0.1389 -0.0039 -0.0131 0.0024  182 LEU A O   
389 C CB  . LEU A 52 ? 0.1123 0.1193 0.1121 -0.0068 -0.0120 0.0011  182 LEU A CB  
390 C CG  . LEU A 52 ? 0.1182 0.1252 0.1182 -0.0085 -0.0121 0.0000  182 LEU A CG  
391 C CD1 . LEU A 52 ? 0.1455 0.1496 0.1405 -0.0087 -0.0136 -0.0004 182 LEU A CD1 
392 C CD2 . LEU A 52 ? 0.1318 0.1427 0.1375 -0.0094 -0.0132 -0.0009 182 LEU A CD2 
393 N N   . LYS A 53 ? 0.1058 0.1129 0.1077 -0.0039 -0.0096 0.0033  183 LYS A N   
394 C CA  . LYS A 53 ? 0.1239 0.1303 0.1257 -0.0024 -0.0099 0.0044  183 LYS A CA  
395 C C   . LYS A 53 ? 0.1380 0.1463 0.1440 -0.0017 -0.0091 0.0044  183 LYS A C   
396 O O   . LYS A 53 ? 0.2005 0.2088 0.2075 -0.0005 -0.0099 0.0051  183 LYS A O   
397 C CB  . LYS A 53 ? 0.1817 0.1846 0.1791 -0.0022 -0.0086 0.0054  183 LYS A CB  
398 C CG  . LYS A 53 ? 0.2167 0.2170 0.2089 -0.0022 -0.0097 0.0056  183 LYS A CG  
399 C CD  . LYS A 53 ? 0.2687 0.2655 0.2566 -0.0019 -0.0078 0.0066  183 LYS A CD  
400 C CE  . LYS A 53 ? 0.2707 0.2645 0.2525 -0.0017 -0.0090 0.0069  183 LYS A CE  
401 N NZ  . LYS A 53 ? 0.2918 0.2823 0.2692 -0.0018 -0.0066 0.0074  183 LYS A NZ  
402 N N   . VAL A 54 ? 0.1093 0.1191 0.1177 -0.0024 -0.0077 0.0036  184 VAL A N   
403 C CA  . VAL A 54 ? 0.1135 0.1246 0.1251 -0.0017 -0.0068 0.0034  184 VAL A CA  
404 C C   . VAL A 54 ? 0.1172 0.1318 0.1329 -0.0021 -0.0068 0.0024  184 VAL A C   
405 O O   . VAL A 54 ? 0.1533 0.1697 0.1721 -0.0010 -0.0072 0.0023  184 VAL A O   
406 C CB  . VAL A 54 ? 0.1105 0.1199 0.1211 -0.0018 -0.0049 0.0033  184 VAL A CB  
407 C CG1 . VAL A 54 ? 0.1263 0.1368 0.1396 -0.0010 -0.0042 0.0028  184 VAL A CG1 
408 C CG2 . VAL A 54 ? 0.1277 0.1343 0.1357 -0.0014 -0.0045 0.0042  184 VAL A CG2 
409 N N   . TRP A 55 ? 0.1042 0.1195 0.1199 -0.0035 -0.0065 0.0018  185 TRP A N   
410 C CA  . TRP A 55 ? 0.0991 0.1178 0.1190 -0.0042 -0.0062 0.0008  185 TRP A CA  
411 C C   . TRP A 55 ? 0.1230 0.1438 0.1452 -0.0044 -0.0085 0.0004  185 TRP A C   
412 O O   . TRP A 55 ? 0.1829 0.2072 0.2102 -0.0045 -0.0086 -0.0003 185 TRP A O   
413 C CB  . TRP A 55 ? 0.1071 0.1250 0.1259 -0.0059 -0.0043 0.0003  185 TRP A CB  
414 C CG  . TRP A 55 ? 0.1075 0.1245 0.1257 -0.0054 -0.0022 0.0001  185 TRP A CG  
415 C CD1 . TRP A 55 ? 0.1332 0.1519 0.1539 -0.0057 -0.0005 -0.0004 185 TRP A CD1 
416 C CD2 . TRP A 55 ? 0.0938 0.1076 0.1087 -0.0048 -0.0016 0.0006  185 TRP A CD2 
417 N NE1 . TRP A 55 ? 0.1527 0.1692 0.1710 -0.0051 0.0009  -0.0004 185 TRP A NE1 
418 C CE2 . TRP A 55 ? 0.1279 0.1414 0.1428 -0.0045 0.0001  0.0001  185 TRP A CE2 
419 C CE3 . TRP A 55 ? 0.1067 0.1179 0.1186 -0.0044 -0.0022 0.0011  185 TRP A CE3 
420 C CZ2 . TRP A 55 ? 0.1336 0.1444 0.1460 -0.0038 0.0006  0.0002  185 TRP A CZ2 
421 C CZ3 . TRP A 55 ? 0.1262 0.1352 0.1364 -0.0038 -0.0014 0.0012  185 TRP A CZ3 
422 C CH2 . TRP A 55 ? 0.1226 0.1313 0.1329 -0.0035 -0.0003 0.0007  185 TRP A CH2 
423 N N   . GLY A 56 ? 0.1020 0.1211 0.1210 -0.0046 -0.0102 0.0008  186 GLY A N   
424 C CA  . GLY A 56 ? 0.1040 0.1246 0.1248 -0.0047 -0.0130 0.0003  186 GLY A CA  
425 C C   . GLY A 56 ? 0.1031 0.1239 0.1235 -0.0066 -0.0135 -0.0005 186 GLY A C   
426 O O   . GLY A 56 ? 0.1154 0.1343 0.1331 -0.0078 -0.0118 -0.0006 186 GLY A O   
427 N N   . HIS A 57 ? 0.0894 0.1126 0.1131 -0.0068 -0.0160 -0.0013 187 HIS A N   
428 C CA  . HIS A 57 ? 0.0960 0.1188 0.1192 -0.0084 -0.0176 -0.0022 187 HIS A CA  
429 C C   . HIS A 57 ? 0.1068 0.1329 0.1357 -0.0104 -0.0166 -0.0034 187 HIS A C   
430 O O   . HIS A 57 ? 0.1313 0.1572 0.1605 -0.0120 -0.0177 -0.0043 187 HIS A O   
431 C CB  . HIS A 57 ? 0.0982 0.1212 0.1212 -0.0074 -0.0217 -0.0025 187 HIS A CB  
432 C CG  . HIS A 57 ? 0.1115 0.1389 0.1416 -0.0065 -0.0232 -0.0031 187 HIS A CG  
433 N ND1 . HIS A 57 ? 0.1619 0.1896 0.1927 -0.0044 -0.0233 -0.0022 187 HIS A ND1 
434 C CD2 . HIS A 57 ? 0.1459 0.1776 0.1832 -0.0074 -0.0245 -0.0045 187 HIS A CD2 
435 C CE1 . HIS A 57 ? 0.1668 0.1988 0.2047 -0.0038 -0.0247 -0.0031 187 HIS A CE1 
436 N NE2 . HIS A 57 ? 0.1537 0.1885 0.1960 -0.0056 -0.0254 -0.0046 187 HIS A NE2 
437 N N   . ASP A 58 ? 0.1056 0.1345 0.1391 -0.0103 -0.0141 -0.0035 188 ASP A N   
438 C CA  . ASP A 58 ? 0.1261 0.1584 0.1657 -0.0122 -0.0126 -0.0045 188 ASP A CA  
439 C C   . ASP A 58 ? 0.1237 0.1550 0.1620 -0.0130 -0.0084 -0.0041 188 ASP A C   
440 O O   . ASP A 58 ? 0.1593 0.1932 0.2022 -0.0139 -0.0062 -0.0046 188 ASP A O   
441 C CB  . ASP A 58 ? 0.1395 0.1770 0.1869 -0.0114 -0.0138 -0.0055 188 ASP A CB  
442 C CG  . ASP A 58 ? 0.2255 0.2637 0.2734 -0.0091 -0.0130 -0.0048 188 ASP A CG  
443 O OD1 . ASP A 58 ? 0.2981 0.3403 0.3526 -0.0082 -0.0139 -0.0056 188 ASP A OD1 
444 O OD2 . ASP A 58 ? 0.2778 0.3126 0.3202 -0.0082 -0.0118 -0.0037 188 ASP A OD2 
445 N N   . TYR A 59 ? 0.1053 0.1322 0.1370 -0.0126 -0.0074 -0.0032 189 TYR A N   
446 C CA  . TYR A 59 ? 0.1160 0.1410 0.1453 -0.0130 -0.0042 -0.0027 189 TYR A CA  
447 C C   . TYR A 59 ? 0.1063 0.1281 0.1320 -0.0149 -0.0037 -0.0027 189 TYR A C   
448 O O   . TYR A 59 ? 0.1165 0.1357 0.1382 -0.0147 -0.0054 -0.0025 189 TYR A O   
449 C CB  . TYR A 59 ? 0.1395 0.1619 0.1647 -0.0112 -0.0036 -0.0018 189 TYR A CB  
450 C CG  . TYR A 59 ? 0.1521 0.1718 0.1738 -0.0114 -0.0009 -0.0014 189 TYR A CG  
451 C CD1 . TYR A 59 ? 0.1554 0.1762 0.1787 -0.0111 0.0014  -0.0015 189 TYR A CD1 
452 C CD2 . TYR A 59 ? 0.1525 0.1683 0.1692 -0.0119 -0.0009 -0.0010 189 TYR A CD2 
453 C CE1 . TYR A 59 ? 0.1406 0.1582 0.1601 -0.0111 0.0034  -0.0012 189 TYR A CE1 
454 C CE2 . TYR A 59 ? 0.1373 0.1502 0.1508 -0.0120 0.0011  -0.0008 189 TYR A CE2 
455 C CZ  . TYR A 59 ? 0.1344 0.1480 0.1491 -0.0116 0.0030  -0.0008 189 TYR A CZ  
456 O OH  . TYR A 59 ? 0.1322 0.1425 0.1429 -0.0115 0.0047  -0.0006 189 TYR A OH  
457 N N   . PHE A 60 ? 0.1048 0.1265 0.1315 -0.0166 -0.0011 -0.0029 190 PHE A N   
458 C CA  . PHE A 60 ? 0.1237 0.1421 0.1473 -0.0184 -0.0007 -0.0029 190 PHE A CA  
459 C C   . PHE A 60 ? 0.1349 0.1498 0.1546 -0.0188 0.0022  -0.0022 190 PHE A C   
460 O O   . PHE A 60 ? 0.1821 0.1944 0.1998 -0.0205 0.0030  -0.0021 190 PHE A O   
461 C CB  . PHE A 60 ? 0.1368 0.1575 0.1653 -0.0207 -0.0013 -0.0038 190 PHE A CB  
462 C CG  . PHE A 60 ? 0.1238 0.1465 0.1545 -0.0203 -0.0049 -0.0046 190 PHE A CG  
463 C CD1 . PHE A 60 ? 0.1365 0.1560 0.1625 -0.0201 -0.0072 -0.0047 190 PHE A CD1 
464 C CD2 . PHE A 60 ? 0.1203 0.1480 0.1575 -0.0199 -0.0060 -0.0052 190 PHE A CD2 
465 C CE1 . PHE A 60 ? 0.1506 0.1713 0.1775 -0.0196 -0.0107 -0.0054 190 PHE A CE1 
466 C CE2 . PHE A 60 ? 0.1319 0.1609 0.1707 -0.0193 -0.0098 -0.0060 190 PHE A CE2 
467 C CZ  . PHE A 60 ? 0.1449 0.1702 0.1782 -0.0191 -0.0122 -0.0060 190 PHE A CZ  
468 N N   . GLY A 61 ? 0.1270 0.1418 0.1455 -0.0171 0.0034  -0.0017 191 GLY A N   
469 C CA  . GLY A 61 ? 0.1392 0.1505 0.1534 -0.0171 0.0058  -0.0012 191 GLY A CA  
470 C C   . GLY A 61 ? 0.1108 0.1176 0.1192 -0.0161 0.0048  -0.0006 191 GLY A C   
471 O O   . GLY A 61 ? 0.1268 0.1327 0.1341 -0.0160 0.0028  -0.0008 191 GLY A O   
472 N N   . THR A 62 ? 0.1053 0.1090 0.1100 -0.0154 0.0062  -0.0003 192 THR A N   
473 C CA  . THR A 62 ? 0.0895 0.0890 0.0894 -0.0146 0.0053  0.0000  192 THR A CA  
474 C C   . THR A 62 ? 0.0911 0.0914 0.0913 -0.0127 0.0035  -0.0001 192 THR A C   
475 O O   . THR A 62 ? 0.1057 0.1087 0.1082 -0.0116 0.0033  -0.0001 192 THR A O   
476 C CB  . THR A 62 ? 0.1014 0.0973 0.0972 -0.0139 0.0068  0.0004  192 THR A CB  
477 O OG1 . THR A 62 ? 0.1041 0.0961 0.0960 -0.0130 0.0055  0.0005  192 THR A OG1 
478 C CG2 . THR A 62 ? 0.1159 0.1136 0.1129 -0.0123 0.0074  0.0002  192 THR A CG2 
479 N N   . ASP A 63 ? 0.0916 0.0893 0.0892 -0.0124 0.0022  -0.0001 193 ASP A N   
480 C CA  . ASP A 63 ? 0.0914 0.0895 0.0889 -0.0107 0.0011  -0.0001 193 ASP A CA  
481 C C   . ASP A 63 ? 0.0884 0.0848 0.0845 -0.0093 0.0014  0.0000  193 ASP A C   
482 O O   . ASP A 63 ? 0.0941 0.0909 0.0909 -0.0079 0.0007  0.0001  193 ASP A O   
483 C CB  . ASP A 63 ? 0.1053 0.1018 0.1010 -0.0109 0.0000  -0.0004 193 ASP A CB  
484 C CG  . ASP A 63 ? 0.1229 0.1153 0.1154 -0.0111 0.0001  -0.0005 193 ASP A CG  
485 O OD1 . ASP A 63 ? 0.1352 0.1256 0.1260 -0.0109 0.0009  -0.0003 193 ASP A OD1 
486 O OD2 . ASP A 63 ? 0.1572 0.1482 0.1483 -0.0113 -0.0006 -0.0009 193 ASP A OD2 
487 N N   . ARG A 64 ? 0.0844 0.0786 0.0784 -0.0093 0.0024  0.0000  194 ARG A N   
488 C CA  . ARG A 64 ? 0.0826 0.0749 0.0751 -0.0078 0.0023  0.0000  194 ARG A CA  
489 C C   . ARG A 64 ? 0.0761 0.0712 0.0713 -0.0066 0.0024  -0.0001 194 ARG A C   
490 O O   . ARG A 64 ? 0.0887 0.0826 0.0834 -0.0051 0.0017  -0.0004 194 ARG A O   
491 C CB  . ARG A 64 ? 0.1047 0.0933 0.0933 -0.0082 0.0033  0.0001  194 ARG A CB  
492 C CG  . ARG A 64 ? 0.1339 0.1188 0.1192 -0.0088 0.0028  0.0002  194 ARG A CG  
493 C CD  . ARG A 64 ? 0.1848 0.1657 0.1657 -0.0094 0.0038  0.0006  194 ARG A CD  
494 N NE  . ARG A 64 ? 0.1947 0.1722 0.1722 -0.0075 0.0029  0.0004  194 ARG A NE  
495 C CZ  . ARG A 64 ? 0.1716 0.1460 0.1473 -0.0063 0.0010  0.0001  194 ARG A CZ  
496 N NH1 . ARG A 64 ? 0.2110 0.1851 0.1877 -0.0066 0.0001  -0.0001 194 ARG A NH1 
497 N NH2 . ARG A 64 ? 0.2194 0.1908 0.1922 -0.0046 0.0000  -0.0002 194 ARG A NH2 
498 N N   . VAL A 65 ? 0.0781 0.0767 0.0764 -0.0072 0.0028  0.0000  195 VAL A N   
499 C CA  . VAL A 65 ? 0.0816 0.0825 0.0826 -0.0059 0.0027  -0.0002 195 VAL A CA  
500 C C   . VAL A 65 ? 0.0726 0.0736 0.0746 -0.0049 0.0013  0.0001  195 VAL A C   
501 O O   . VAL A 65 ? 0.0807 0.0821 0.0839 -0.0036 0.0009  0.0000  195 VAL A O   
502 C CB  . VAL A 65 ? 0.0889 0.0937 0.0935 -0.0065 0.0033  -0.0002 195 VAL A CB  
503 C CG1 . VAL A 65 ? 0.1033 0.1081 0.1075 -0.0076 0.0053  -0.0004 195 VAL A CG1 
504 C CG2 . VAL A 65 ? 0.0956 0.1022 0.1020 -0.0075 0.0021  0.0000  195 VAL A CG2 
505 N N   . VAL A 66 ? 0.0775 0.0781 0.0788 -0.0055 0.0006  0.0003  196 VAL A N   
506 C CA  . VAL A 66 ? 0.0831 0.0836 0.0850 -0.0047 -0.0001 0.0005  196 VAL A CA  
507 C C   . VAL A 66 ? 0.0806 0.0786 0.0816 -0.0037 -0.0004 0.0001  196 VAL A C   
508 O O   . VAL A 66 ? 0.0844 0.0826 0.0871 -0.0026 -0.0007 0.0001  196 VAL A O   
509 C CB  . VAL A 66 ? 0.0896 0.0896 0.0904 -0.0054 -0.0005 0.0006  196 VAL A CB  
510 C CG1 . VAL A 66 ? 0.1101 0.1096 0.1110 -0.0046 -0.0008 0.0008  196 VAL A CG1 
511 C CG2 . VAL A 66 ? 0.1110 0.1132 0.1128 -0.0062 -0.0010 0.0008  196 VAL A CG2 
512 N N   . ASP A 67 ? 0.0847 0.0803 0.0833 -0.0039 -0.0004 -0.0003 197 ASP A N   
513 C CA  . ASP A 67 ? 0.0938 0.0869 0.0915 -0.0028 -0.0010 -0.0008 197 ASP A CA  
514 C C   . ASP A 67 ? 0.0846 0.0780 0.0833 -0.0018 -0.0012 -0.0011 197 ASP A C   
515 O O   . ASP A 67 ? 0.0876 0.0805 0.0879 -0.0007 -0.0021 -0.0015 197 ASP A O   
516 C CB  . ASP A 67 ? 0.1050 0.0950 0.0994 -0.0032 -0.0011 -0.0011 197 ASP A CB  
517 C CG  . ASP A 67 ? 0.1146 0.1039 0.1080 -0.0041 -0.0011 -0.0009 197 ASP A CG  
518 O OD1 . ASP A 67 ? 0.1557 0.1461 0.1507 -0.0040 -0.0011 -0.0010 197 ASP A OD1 
519 O OD2 . ASP A 67 ? 0.1851 0.1727 0.1760 -0.0050 -0.0008 -0.0008 197 ASP A OD2 
520 N N   . ASP A 68 ? 0.0796 0.0735 0.0774 -0.0021 -0.0004 -0.0010 198 ASP A N   
521 C CA  . ASP A 68 ? 0.0893 0.0832 0.0874 -0.0010 -0.0004 -0.0014 198 ASP A CA  
522 C C   . ASP A 68 ? 0.0707 0.0668 0.0726 -0.0002 -0.0009 -0.0013 198 ASP A C   
523 O O   . ASP A 68 ? 0.0782 0.0734 0.0810 0.0009  -0.0017 -0.0018 198 ASP A O   
524 C CB  . ASP A 68 ? 0.0954 0.0898 0.0922 -0.0015 0.0010  -0.0013 198 ASP A CB  
525 C CG  . ASP A 68 ? 0.1237 0.1178 0.1203 -0.0003 0.0013  -0.0020 198 ASP A CG  
526 O OD1 . ASP A 68 ? 0.1681 0.1589 0.1618 0.0007  0.0004  -0.0025 198 ASP A OD1 
527 O OD2 . ASP A 68 ? 0.1642 0.1610 0.1634 -0.0001 0.0019  -0.0020 198 ASP A OD2 
528 N N   . LEU A 69 ? 0.0665 0.0651 0.0705 -0.0009 -0.0005 -0.0006 199 LEU A N   
529 C CA  . LEU A 69 ? 0.0711 0.0713 0.0781 -0.0002 -0.0009 -0.0003 199 LEU A CA  
530 C C   . LEU A 69 ? 0.0670 0.0660 0.0751 0.0002  -0.0016 -0.0003 199 LEU A C   
531 O O   . LEU A 69 ? 0.0705 0.0694 0.0808 0.0011  -0.0020 -0.0005 199 LEU A O   
532 C CB  . LEU A 69 ? 0.0769 0.0794 0.0850 -0.0009 -0.0007 0.0004  199 LEU A CB  
533 C CG  . LEU A 69 ? 0.0774 0.0815 0.0881 -0.0002 -0.0012 0.0009  199 LEU A CG  
534 C CD1 . LEU A 69 ? 0.0984 0.1036 0.1105 0.0006  -0.0010 0.0004  199 LEU A CD1 
535 C CD2 . LEU A 69 ? 0.0910 0.0965 0.1018 -0.0008 -0.0015 0.0017  199 LEU A CD2 
536 N N   . VAL A 70 ? 0.0677 0.0656 0.0746 -0.0003 -0.0015 -0.0003 200 VAL A N   
537 C CA  . VAL A 70 ? 0.0672 0.0644 0.0759 0.0000  -0.0018 -0.0005 200 VAL A CA  
538 C C   . VAL A 70 ? 0.0653 0.0609 0.0749 0.0011  -0.0028 -0.0014 200 VAL A C   
539 O O   . VAL A 70 ? 0.0674 0.0630 0.0800 0.0016  -0.0032 -0.0017 200 VAL A O   
540 C CB  . VAL A 70 ? 0.0784 0.0747 0.0858 -0.0006 -0.0014 -0.0005 200 VAL A CB  
541 C CG1 . VAL A 70 ? 0.0988 0.0945 0.1086 -0.0001 -0.0014 -0.0009 200 VAL A CG1 
542 C CG2 . VAL A 70 ? 0.0857 0.0833 0.0920 -0.0014 -0.0006 0.0005  200 VAL A CG2 
543 N N   . ARG A 71 ? 0.0691 0.0630 0.0759 0.0013  -0.0033 -0.0021 201 ARG A N   
544 C CA  . ARG A 71 ? 0.0734 0.0652 0.0802 0.0024  -0.0048 -0.0032 201 ARG A CA  
545 C C   . ARG A 71 ? 0.0678 0.0601 0.0764 0.0032  -0.0052 -0.0035 201 ARG A C   
546 O O   . ARG A 71 ? 0.0727 0.0640 0.0834 0.0040  -0.0065 -0.0043 201 ARG A O   
547 C CB  . ARG A 71 ? 0.0807 0.0700 0.0828 0.0026  -0.0052 -0.0036 201 ARG A CB  
548 C CG  . ARG A 71 ? 0.0905 0.0784 0.0910 0.0021  -0.0054 -0.0035 201 ARG A CG  
549 C CD  . ARG A 71 ? 0.1156 0.0998 0.1111 0.0024  -0.0060 -0.0039 201 ARG A CD  
550 N NE  . ARG A 71 ? 0.1242 0.1083 0.1165 0.0019  -0.0047 -0.0034 201 ARG A NE  
551 C CZ  . ARG A 71 ? 0.1332 0.1172 0.1232 0.0006  -0.0032 -0.0027 201 ARG A CZ  
552 N NH1 . ARG A 71 ? 0.1328 0.1165 0.1226 -0.0002 -0.0032 -0.0023 201 ARG A NH1 
553 N NH2 . ARG A 71 ? 0.1226 0.1067 0.1105 0.0001  -0.0017 -0.0024 201 ARG A NH2 
554 N N   . ARG A 72 ? 0.0738 0.0674 0.0815 0.0030  -0.0042 -0.0030 202 ARG A N   
555 C CA  . ARG A 72 ? 0.0744 0.0685 0.0839 0.0039  -0.0045 -0.0034 202 ARG A CA  
556 C C   . ARG A 72 ? 0.0717 0.0667 0.0854 0.0038  -0.0047 -0.0030 202 ARG A C   
557 O O   . ARG A 72 ? 0.0833 0.0774 0.0992 0.0046  -0.0057 -0.0037 202 ARG A O   
558 C CB  . ARG A 72 ? 0.0934 0.0893 0.1022 0.0037  -0.0033 -0.0030 202 ARG A CB  
559 C CG  . ARG A 72 ? 0.1011 0.0957 0.1057 0.0037  -0.0026 -0.0035 202 ARG A CG  
560 C CD  . ARG A 72 ? 0.1565 0.1533 0.1615 0.0034  -0.0011 -0.0031 202 ARG A CD  
561 N NE  . ARG A 72 ? 0.1632 0.1591 0.1646 0.0029  0.0002  -0.0033 202 ARG A NE  
562 C CZ  . ARG A 72 ? 0.2287 0.2230 0.2274 0.0036  0.0010  -0.0041 202 ARG A CZ  
563 N NH1 . ARG A 72 ? 0.2517 0.2451 0.2510 0.0051  0.0002  -0.0049 202 ARG A NH1 
564 N NH2 . ARG A 72 ? 0.2092 0.2023 0.2043 0.0029  0.0026  -0.0040 202 ARG A NH2 
565 N N   . LEU A 73 ? 0.0618 0.0583 0.0764 0.0030  -0.0038 -0.0018 203 LEU A N   
566 C CA  . LEU A 73 ? 0.0756 0.0726 0.0936 0.0028  -0.0036 -0.0011 203 LEU A CA  
567 C C   . LEU A 73 ? 0.0647 0.0604 0.0851 0.0029  -0.0042 -0.0019 203 LEU A C   
568 O O   . LEU A 73 ? 0.0743 0.0698 0.0982 0.0032  -0.0046 -0.0021 203 LEU A O   
569 C CB  . LEU A 73 ? 0.0677 0.0659 0.0850 0.0018  -0.0024 0.0002  203 LEU A CB  
570 C CG  . LEU A 73 ? 0.0767 0.0748 0.0962 0.0016  -0.0017 0.0011  203 LEU A CG  
571 C CD1 . LEU A 73 ? 0.1021 0.1002 0.1232 0.0022  -0.0021 0.0017  203 LEU A CD1 
572 C CD2 . LEU A 73 ? 0.0969 0.0954 0.1145 0.0008  -0.0006 0.0023  203 LEU A CD2 
573 N N   . ARG A 74 ? 0.0723 0.0674 0.0918 0.0028  -0.0045 -0.0025 204 ARG A N   
574 C CA  . ARG A 74 ? 0.0712 0.0656 0.0939 0.0031  -0.0053 -0.0035 204 ARG A CA  
575 C C   . ARG A 74 ? 0.0657 0.0587 0.0897 0.0041  -0.0074 -0.0049 204 ARG A C   
576 O O   . ARG A 74 ? 0.0868 0.0795 0.1151 0.0044  -0.0083 -0.0058 204 ARG A O   
577 C CB  . ARG A 74 ? 0.0869 0.0807 0.1081 0.0029  -0.0053 -0.0038 204 ARG A CB  
578 C CG  . ARG A 74 ? 0.0774 0.0725 0.0981 0.0019  -0.0034 -0.0027 204 ARG A CG  
579 C CD  . ARG A 74 ? 0.1096 0.1041 0.1301 0.0019  -0.0033 -0.0033 204 ARG A CD  
580 N NE  . ARG A 74 ? 0.1114 0.1062 0.1372 0.0023  -0.0037 -0.0043 204 ARG A NE  
581 C CZ  . ARG A 74 ? 0.1329 0.1273 0.1603 0.0026  -0.0039 -0.0052 204 ARG A CZ  
582 N NH1 . ARG A 74 ? 0.1500 0.1436 0.1737 0.0026  -0.0037 -0.0052 204 ARG A NH1 
583 N NH2 . ARG A 74 ? 0.1564 0.1515 0.1895 0.0029  -0.0042 -0.0062 204 ARG A NH2 
584 N N   . ARG A 75 ? 0.0698 0.0613 0.0898 0.0048  -0.0083 -0.0054 205 ARG A N   
585 C CA  . ARG A 75 ? 0.0782 0.0679 0.0984 0.0061  -0.0103 -0.0069 205 ARG A CA  
586 C C   . ARG A 75 ? 0.0716 0.0618 0.0951 0.0062  -0.0104 -0.0069 205 ARG A C   
587 O O   . ARG A 75 ? 0.0878 0.0768 0.1141 0.0069  -0.0121 -0.0082 205 ARG A O   
588 C CB  . ARG A 75 ? 0.0828 0.0706 0.0972 0.0068  -0.0108 -0.0075 205 ARG A CB  
589 C CG  . ARG A 75 ? 0.0808 0.0664 0.0918 0.0071  -0.0119 -0.0079 205 ARG A CG  
590 C CD  . ARG A 75 ? 0.0938 0.0764 0.0987 0.0081  -0.0126 -0.0086 205 ARG A CD  
591 N NE  . ARG A 75 ? 0.1082 0.0921 0.1103 0.0074  -0.0102 -0.0075 205 ARG A NE  
592 C CZ  . ARG A 75 ? 0.1096 0.0934 0.1084 0.0065  -0.0087 -0.0067 205 ARG A CZ  
593 N NH1 . ARG A 75 ? 0.1068 0.0892 0.1043 0.0062  -0.0094 -0.0066 205 ARG A NH1 
594 N NH2 . ARG A 75 ? 0.1251 0.1106 0.1227 0.0058  -0.0066 -0.0059 205 ARG A NH2 
595 N N   . LYS A 76 ? 0.0714 0.0632 0.0948 0.0057  -0.0086 -0.0055 206 LYS A N   
596 C CA  . LYS A 76 ? 0.0774 0.0695 0.1039 0.0059  -0.0086 -0.0053 206 LYS A CA  
597 C C   . LYS A 76 ? 0.0731 0.0656 0.1044 0.0050  -0.0081 -0.0047 206 LYS A C   
598 O O   . LYS A 76 ? 0.0854 0.0772 0.1201 0.0052  -0.0086 -0.0050 206 LYS A O   
599 C CB  . LYS A 76 ? 0.0829 0.0763 0.1075 0.0058  -0.0072 -0.0040 206 LYS A CB  
600 C CG  . LYS A 76 ? 0.0925 0.0855 0.1134 0.0067  -0.0074 -0.0049 206 LYS A CG  
601 C CD  . LYS A 76 ? 0.1029 0.0977 0.1235 0.0066  -0.0061 -0.0039 206 LYS A CD  
602 C CE  . LYS A 76 ? 0.1103 0.1053 0.1280 0.0075  -0.0058 -0.0047 206 LYS A CE  
603 N NZ  . LYS A 76 ? 0.1153 0.1126 0.1338 0.0076  -0.0047 -0.0040 206 LYS A NZ  
604 N N   . MET A 77 ? 0.0750 0.0687 0.1068 0.0041  -0.0068 -0.0038 207 MET A N   
605 C CA  . MET A 77 ? 0.0751 0.0692 0.1109 0.0031  -0.0054 -0.0030 207 MET A CA  
606 C C   . MET A 77 ? 0.0771 0.0718 0.1150 0.0028  -0.0054 -0.0038 207 MET A C   
607 O O   . MET A 77 ? 0.0836 0.0790 0.1204 0.0021  -0.0037 -0.0029 207 MET A O   
608 C CB  . MET A 77 ? 0.0738 0.0688 0.1079 0.0023  -0.0034 -0.0010 207 MET A CB  
609 C CG  . MET A 77 ? 0.0913 0.0859 0.1243 0.0028  -0.0036 -0.0003 207 MET A CG  
610 S SD  . MET A 77 ? 0.0859 0.0809 0.1162 0.0023  -0.0019 0.0020  207 MET A SD  
611 C CE  . MET A 77 ? 0.0930 0.0870 0.1266 0.0012  -0.0001 0.0031  207 MET A CE  
612 N N   . PRO A 78 ? 0.0823 0.0760 0.1227 0.0035  -0.0075 -0.0056 208 PRO A N   
613 C CA  . PRO A 78 ? 0.1032 0.0972 0.1454 0.0035  -0.0080 -0.0066 208 PRO A CA  
614 C C   . PRO A 78 ? 0.0955 0.0911 0.1430 0.0025  -0.0058 -0.0061 208 PRO A C   
615 O O   . PRO A 78 ? 0.1267 0.1229 0.1750 0.0025  -0.0056 -0.0066 208 PRO A O   
616 C CB  . PRO A 78 ? 0.1272 0.1199 0.1715 0.0047  -0.0112 -0.0087 208 PRO A CB  
617 C CG  . PRO A 78 ? 0.1842 0.1755 0.2258 0.0053  -0.0123 -0.0089 208 PRO A CG  
618 C CD  . PRO A 78 ? 0.1086 0.1009 0.1499 0.0045  -0.0099 -0.0070 208 PRO A CD  
619 N N   . GLU A 79 ? 0.0837 0.0796 0.1341 0.0016  -0.0042 -0.0051 209 GLU A N   
620 C CA  . GLU A 79 ? 0.0937 0.0907 0.1488 0.0005  -0.0016 -0.0045 209 GLU A CA  
621 C C   . GLU A 79 ? 0.1211 0.1183 0.1718 -0.0002 0.0013  -0.0026 209 GLU A C   
622 O O   . GLU A 79 ? 0.1382 0.1361 0.1913 -0.0011 0.0039  -0.0020 209 GLU A O   
623 C CB  . GLU A 79 ? 0.1047 0.1012 0.1649 -0.0003 -0.0009 -0.0041 209 GLU A CB  
624 C CG  . GLU A 79 ? 0.2246 0.2213 0.2915 0.0000  -0.0034 -0.0063 209 GLU A CG  
625 C CD  . GLU A 79 ? 0.3277 0.3226 0.3931 0.0009  -0.0062 -0.0069 209 GLU A CD  
626 O OE1 . GLU A 79 ? 0.4567 0.4506 0.5251 0.0003  -0.0059 -0.0066 209 GLU A OE1 
627 O OE2 . GLU A 79 ? 0.2880 0.2821 0.3487 0.0022  -0.0085 -0.0079 209 GLU A OE2 
628 N N   . LEU A 80 ? 0.0885 0.0852 0.1327 0.0001  0.0010  -0.0018 210 LEU A N   
629 C CA  . LEU A 80 ? 0.1160 0.1129 0.1558 -0.0005 0.0031  -0.0002 210 LEU A CA  
630 C C   . LEU A 80 ? 0.1211 0.1187 0.1607 -0.0004 0.0037  -0.0011 210 LEU A C   
631 O O   . LEU A 80 ? 0.1275 0.1250 0.1666 0.0004  0.0017  -0.0025 210 LEU A O   
632 C CB  . LEU A 80 ? 0.1397 0.1364 0.1739 0.0000  0.0022  0.0005  210 LEU A CB  
633 C CG  . LEU A 80 ? 0.1528 0.1487 0.1858 0.0000  0.0020  0.0016  210 LEU A CG  
634 C CD1 . LEU A 80 ? 0.1698 0.1661 0.1979 0.0004  0.0011  0.0020  210 LEU A CD1 
635 C CD2 . LEU A 80 ? 0.1733 0.1685 0.2067 -0.0008 0.0043  0.0034  210 LEU A CD2 
636 N N   . LYS A 81 ? 0.1245 0.1222 0.1638 -0.0011 0.0065  -0.0003 211 LYS A N   
637 C CA  . LYS A 81 ? 0.1334 0.1317 0.1728 -0.0010 0.0075  -0.0011 211 LYS A CA  
638 C C   . LYS A 81 ? 0.1081 0.1057 0.1407 -0.0009 0.0071  -0.0007 211 LYS A C   
639 O O   . LYS A 81 ? 0.1361 0.1334 0.1662 -0.0012 0.0091  -0.0003 211 LYS A O   
640 C CB  . LYS A 81 ? 0.1639 0.1624 0.2062 -0.0018 0.0109  -0.0006 211 LYS A CB  
641 C CG  . LYS A 81 ? 0.2096 0.2088 0.2593 -0.0023 0.0116  -0.0010 211 LYS A CG  
642 C CD  . LYS A 81 ? 0.2594 0.2597 0.3146 -0.0014 0.0086  -0.0032 211 LYS A CD  
643 C CE  . LYS A 81 ? 0.3495 0.3508 0.4133 -0.0020 0.0093  -0.0039 211 LYS A CE  
644 N NZ  . LYS A 81 ? 0.3343 0.3347 0.3994 -0.0020 0.0072  -0.0038 211 LYS A NZ  
645 N N   . VAL A 82 ? 0.1070 0.1043 0.1367 -0.0003 0.0047  -0.0009 212 VAL A N   
646 C CA  . VAL A 82 ? 0.1046 0.1013 0.1288 -0.0003 0.0042  -0.0008 212 VAL A CA  
647 C C   . VAL A 82 ? 0.1149 0.1113 0.1397 0.0001  0.0035  -0.0022 212 VAL A C   
648 O O   . VAL A 82 ? 0.1414 0.1378 0.1697 0.0009  0.0019  -0.0035 212 VAL A O   
649 C CB  . VAL A 82 ? 0.1355 0.1322 0.1571 -0.0001 0.0023  -0.0005 212 VAL A CB  
650 C CG1 . VAL A 82 ? 0.1318 0.1281 0.1487 -0.0003 0.0018  -0.0005 212 VAL A CG1 
651 C CG2 . VAL A 82 ? 0.1502 0.1471 0.1715 -0.0004 0.0029  0.0008  212 VAL A CG2 
652 N N   . GLU A 83 ? 0.0869 0.0828 0.1081 -0.0001 0.0044  -0.0021 213 GLU A N   
653 C CA  . GLU A 83 ? 0.1087 0.1038 0.1296 0.0005  0.0037  -0.0035 213 GLU A CA  
654 C C   . GLU A 83 ? 0.0832 0.0772 0.0986 0.0002  0.0029  -0.0031 213 GLU A C   
655 O O   . GLU A 83 ? 0.0976 0.0916 0.1094 -0.0006 0.0038  -0.0021 213 GLU A O   
656 C CB  . GLU A 83 ? 0.1453 0.1406 0.1681 0.0005  0.0060  -0.0039 213 GLU A CB  
657 C CG  . GLU A 83 ? 0.1805 0.1772 0.2098 0.0005  0.0074  -0.0042 213 GLU A CG  
658 C CD  . GLU A 83 ? 0.2358 0.2329 0.2672 0.0005  0.0102  -0.0047 213 GLU A CD  
659 O OE1 . GLU A 83 ? 0.2843 0.2804 0.3113 0.0005  0.0113  -0.0046 213 GLU A OE1 
660 O OE2 . GLU A 83 ? 0.2964 0.2949 0.3342 0.0006  0.0114  -0.0054 213 GLU A OE2 
661 N N   . THR A 84 ? 0.0797 0.0722 0.0940 0.0007  0.0010  -0.0040 214 THR A N   
662 C CA  . THR A 84 ? 0.0787 0.0699 0.0881 0.0003  0.0004  -0.0038 214 THR A CA  
663 C C   . THR A 84 ? 0.0797 0.0701 0.0879 0.0001  0.0016  -0.0043 214 THR A C   
664 O O   . THR A 84 ? 0.1046 0.0949 0.1157 0.0009  0.0021  -0.0053 214 THR A O   
665 C CB  . THR A 84 ? 0.0945 0.0837 0.1027 0.0009  -0.0017 -0.0045 214 THR A CB  
666 O OG1 . THR A 84 ? 0.1038 0.0934 0.1129 0.0012  -0.0027 -0.0043 214 THR A OG1 
667 C CG2 . THR A 84 ? 0.1099 0.0974 0.1134 0.0002  -0.0021 -0.0042 214 THR A CG2 
668 N N   . ILE A 85 ? 0.0747 0.0644 0.0787 -0.0007 0.0020  -0.0037 215 ILE A N   
669 C CA  . ILE A 85 ? 0.0827 0.0710 0.0844 -0.0009 0.0028  -0.0043 215 ILE A CA  
670 C C   . ILE A 85 ? 0.0753 0.0616 0.0739 -0.0012 0.0012  -0.0046 215 ILE A C   
671 O O   . ILE A 85 ? 0.0798 0.0661 0.0758 -0.0022 0.0007  -0.0038 215 ILE A O   
672 C CB  . ILE A 85 ? 0.0866 0.0753 0.0855 -0.0016 0.0043  -0.0036 215 ILE A CB  
673 C CG1 . ILE A 85 ? 0.1040 0.0944 0.1054 -0.0014 0.0059  -0.0029 215 ILE A CG1 
674 C CG2 . ILE A 85 ? 0.1018 0.0886 0.0981 -0.0015 0.0050  -0.0045 215 ILE A CG2 
675 C CD1 . ILE A 85 ? 0.1103 0.1003 0.1080 -0.0021 0.0070  -0.0019 215 ILE A CD1 
676 N N   . TYR A 86 ? 0.0884 0.0728 0.0875 -0.0003 0.0002  -0.0056 216 TYR A N   
677 C CA  . TYR A 86 ? 0.0919 0.0737 0.0880 -0.0005 -0.0013 -0.0057 216 TYR A CA  
678 C C   . TYR A 86 ? 0.0898 0.0702 0.0819 -0.0018 -0.0012 -0.0054 216 TYR A C   
679 O O   . TYR A 86 ? 0.1017 0.0818 0.0930 -0.0019 -0.0003 -0.0059 216 TYR A O   
680 C CB  . TYR A 86 ? 0.0987 0.0781 0.0959 0.0009  -0.0027 -0.0069 216 TYR A CB  
681 C CG  . TYR A 86 ? 0.0935 0.0748 0.0958 0.0021  -0.0029 -0.0074 216 TYR A CG  
682 C CD1 . TYR A 86 ? 0.1069 0.0891 0.1102 0.0022  -0.0039 -0.0068 216 TYR A CD1 
683 C CD2 . TYR A 86 ? 0.0924 0.0747 0.0987 0.0031  -0.0020 -0.0084 216 TYR A CD2 
684 C CE1 . TYR A 86 ? 0.1063 0.0900 0.1143 0.0032  -0.0043 -0.0074 216 TYR A CE1 
685 C CE2 . TYR A 86 ? 0.1089 0.0933 0.1208 0.0040  -0.0022 -0.0090 216 TYR A CE2 
686 C CZ  . TYR A 86 ? 0.0986 0.0835 0.1112 0.0040  -0.0035 -0.0084 216 TYR A CZ  
687 O OH  . TYR A 86 ? 0.1167 0.1035 0.1350 0.0048  -0.0039 -0.0091 216 TYR A OH  
688 N N   . GLY A 87 ? 0.0920 0.0718 0.0818 -0.0029 -0.0018 -0.0047 217 GLY A N   
689 C CA  . GLY A 87 ? 0.0942 0.0729 0.0811 -0.0044 -0.0017 -0.0045 217 GLY A CA  
690 C C   . GLY A 87 ? 0.0946 0.0759 0.0815 -0.0052 -0.0010 -0.0040 217 GLY A C   
691 O O   . GLY A 87 ? 0.1050 0.0856 0.0896 -0.0064 -0.0013 -0.0041 217 GLY A O   
692 N N   . PHE A 88 ? 0.0884 0.0723 0.0775 -0.0047 -0.0003 -0.0036 218 PHE A N   
693 C CA  . PHE A 88 ? 0.0856 0.0712 0.0740 -0.0052 0.0002  -0.0032 218 PHE A CA  
694 C C   . PHE A 88 ? 0.0735 0.0617 0.0639 -0.0052 0.0003  -0.0022 218 PHE A C   
695 O O   . PHE A 88 ? 0.0863 0.0758 0.0761 -0.0061 -0.0002 -0.0016 218 PHE A O   
696 C CB  . PHE A 88 ? 0.0919 0.0769 0.0802 -0.0043 0.0015  -0.0037 218 PHE A CB  
697 C CG  . PHE A 88 ? 0.0951 0.0812 0.0819 -0.0046 0.0021  -0.0031 218 PHE A CG  
698 C CD1 . PHE A 88 ? 0.1073 0.0920 0.0903 -0.0053 0.0018  -0.0035 218 PHE A CD1 
699 C CD2 . PHE A 88 ? 0.0965 0.0842 0.0850 -0.0041 0.0030  -0.0023 218 PHE A CD2 
700 C CE1 . PHE A 88 ? 0.1175 0.1026 0.0983 -0.0053 0.0020  -0.0030 218 PHE A CE1 
701 C CE2 . PHE A 88 ? 0.1057 0.0938 0.0919 -0.0043 0.0035  -0.0015 218 PHE A CE2 
702 C CZ  . PHE A 88 ? 0.1166 0.1031 0.0988 -0.0048 0.0029  -0.0019 218 PHE A CZ  
703 N N   . GLY A 89 ? 0.0689 0.0581 0.0620 -0.0043 0.0007  -0.0020 219 GLY A N   
704 C CA  . GLY A 89 ? 0.0880 0.0795 0.0829 -0.0042 0.0009  -0.0011 219 GLY A CA  
705 C C   . GLY A 89 ? 0.0747 0.0666 0.0727 -0.0031 0.0016  -0.0011 219 GLY A C   
706 O O   . GLY A 89 ? 0.0760 0.0672 0.0757 -0.0025 0.0012  -0.0018 219 GLY A O   
707 N N   . TYR A 90 ? 0.0691 0.0621 0.0679 -0.0031 0.0024  -0.0003 220 TYR A N   
708 C CA  . TYR A 90 ? 0.0697 0.0634 0.0721 -0.0023 0.0031  -0.0002 220 TYR A CA  
709 C C   . TYR A 90 ? 0.0792 0.0729 0.0812 -0.0024 0.0048  0.0006  220 TYR A C   
710 O O   . TYR A 90 ? 0.0844 0.0779 0.0832 -0.0028 0.0049  0.0013  220 TYR A O   
711 C CB  . TYR A 90 ? 0.0847 0.0798 0.0888 -0.0022 0.0021  0.0003  220 TYR A CB  
712 C CG  . TYR A 90 ? 0.0876 0.0823 0.0914 -0.0022 0.0009  -0.0003 220 TYR A CG  
713 C CD1 . TYR A 90 ? 0.0922 0.0861 0.0978 -0.0014 0.0002  -0.0012 220 TYR A CD1 
714 C CD2 . TYR A 90 ? 0.0915 0.0864 0.0928 -0.0028 0.0003  -0.0002 220 TYR A CD2 
715 C CE1 . TYR A 90 ? 0.1019 0.0945 0.1060 -0.0012 -0.0010 -0.0016 220 TYR A CE1 
716 C CE2 . TYR A 90 ? 0.1080 0.1018 0.1083 -0.0030 -0.0004 -0.0006 220 TYR A CE2 
717 C CZ  . TYR A 90 ? 0.1012 0.0937 0.1025 -0.0020 -0.0010 -0.0012 220 TYR A CZ  
718 O OH  . TYR A 90 ? 0.1434 0.1342 0.1426 -0.0020 -0.0017 -0.0016 220 TYR A OH  
719 N N   . ARG A 91 ? 0.0709 0.0648 0.0764 -0.0020 0.0060  0.0004  221 ARG A N   
720 C CA  . ARG A 91 ? 0.0832 0.0771 0.0887 -0.0021 0.0080  0.0015  221 ARG A CA  
721 C C   . ARG A 91 ? 0.0817 0.0764 0.0924 -0.0019 0.0084  0.0015  221 ARG A C   
722 O O   . ARG A 91 ? 0.1090 0.1044 0.1234 -0.0014 0.0074  0.0005  221 ARG A O   
723 C CB  . ARG A 91 ? 0.1160 0.1085 0.1200 -0.0021 0.0102  0.0010  221 ARG A CB  
724 C CG  . ARG A 91 ? 0.1524 0.1455 0.1610 -0.0015 0.0108  -0.0005 221 ARG A CG  
725 C CD  . ARG A 91 ? 0.2276 0.2197 0.2348 -0.0014 0.0135  -0.0009 221 ARG A CD  
726 N NE  . ARG A 91 ? 0.3390 0.3310 0.3485 -0.0008 0.0133  -0.0027 221 ARG A NE  
727 C CZ  . ARG A 91 ? 0.3531 0.3437 0.3593 -0.0006 0.0140  -0.0035 221 ARG A CZ  
728 N NH1 . ARG A 91 ? 0.3460 0.3351 0.3462 -0.0010 0.0149  -0.0028 221 ARG A NH1 
729 N NH2 . ARG A 91 ? 0.4012 0.3916 0.4097 0.0002  0.0135  -0.0051 221 ARG A NH2 
730 N N   . MET A 92 ? 0.0876 0.0818 0.0983 -0.0021 0.0097  0.0029  222 MET A N   
731 C CA  . MET A 92 ? 0.1125 0.1073 0.1284 -0.0021 0.0105  0.0030  222 MET A CA  
732 C C   . MET A 92 ? 0.1297 0.1238 0.1468 -0.0024 0.0138  0.0033  222 MET A C   
733 O O   . MET A 92 ? 0.1702 0.1628 0.1828 -0.0028 0.0155  0.0046  222 MET A O   
734 C CB  . MET A 92 ? 0.1377 0.1324 0.1536 -0.0021 0.0097  0.0043  222 MET A CB  
735 C CG  . MET A 92 ? 0.1670 0.1622 0.1887 -0.0021 0.0101  0.0041  222 MET A CG  
736 S SD  . MET A 92 ? 0.2154 0.2096 0.2370 -0.0022 0.0098  0.0059  222 MET A SD  
737 C CE  . MET A 92 ? 0.2409 0.2363 0.2632 -0.0014 0.0065  0.0048  222 MET A CE  
738 N N   . MET A 93 ? 0.1229 0.1182 0.1459 -0.0024 0.0146  0.0022  223 MET A N   
739 C CA  . MET A 93 ? 0.1602 0.1552 0.1854 -0.0028 0.0182  0.0023  223 MET A CA  
740 C C   . MET A 93 ? 0.2144 0.2089 0.2426 -0.0035 0.0197  0.0037  223 MET A C   
741 O O   . MET A 93 ? 0.3121 0.3052 0.3391 -0.0041 0.0231  0.0048  223 MET A O   
742 C CB  . MET A 93 ? 0.2115 0.2081 0.2427 -0.0024 0.0184  0.0003  223 MET A CB  
743 C CG  . MET A 93 ? 0.2345 0.2310 0.2628 -0.0016 0.0169  -0.0010 223 MET A CG  
744 S SD  . MET A 93 ? 0.2837 0.2780 0.3030 -0.0018 0.0183  0.0000  223 MET A SD  
745 C CE  . MET A 93 ? 0.3048 0.2988 0.3258 -0.0020 0.0229  -0.0004 223 MET A CE  
# 
